data_4KMG
# 
_entry.id   4KMG 
# 
_audit_conform.dict_name       mmcif_pdbx.dic 
_audit_conform.dict_version    5.398 
_audit_conform.dict_location   http://mmcif.pdb.org/dictionaries/ascii/mmcif_pdbx.dic 
# 
loop_
_database_2.database_id 
_database_2.database_code 
_database_2.pdbx_database_accession 
_database_2.pdbx_DOI 
PDB   4KMG         pdb_00004kmg 10.2210/pdb4kmg/pdb 
RCSB  RCSB079521   ?            ?                   
WWPDB D_1000079521 ?            ?                   
# 
loop_
_pdbx_audit_revision_history.ordinal 
_pdbx_audit_revision_history.data_content_type 
_pdbx_audit_revision_history.major_revision 
_pdbx_audit_revision_history.minor_revision 
_pdbx_audit_revision_history.revision_date 
1 'Structure model' 1 0 2014-03-26 
2 'Structure model' 1 1 2017-11-15 
3 'Structure model' 2 0 2021-03-10 
4 'Structure model' 2 1 2023-09-20 
5 'Structure model' 2 2 2024-11-06 
# 
_pdbx_audit_revision_details.ordinal             1 
_pdbx_audit_revision_details.revision_ordinal    1 
_pdbx_audit_revision_details.data_content_type   'Structure model' 
_pdbx_audit_revision_details.provider            repository 
_pdbx_audit_revision_details.type                'Initial release' 
_pdbx_audit_revision_details.description         ? 
_pdbx_audit_revision_details.details             ? 
# 
loop_
_pdbx_audit_revision_group.ordinal 
_pdbx_audit_revision_group.revision_ordinal 
_pdbx_audit_revision_group.data_content_type 
_pdbx_audit_revision_group.group 
1  2 'Structure model' Advisory                  
2  2 'Structure model' 'Refinement description'  
3  3 'Structure model' 'Atomic model'            
4  3 'Structure model' 'Data collection'         
5  3 'Structure model' 'Derived calculations'    
6  3 'Structure model' 'Non-polymer description' 
7  3 'Structure model' 'Structure summary'       
8  4 'Structure model' Advisory                  
9  4 'Structure model' 'Data collection'         
10 4 'Structure model' 'Database references'     
11 4 'Structure model' 'Refinement description'  
12 5 'Structure model' 'Structure summary'       
# 
loop_
_pdbx_audit_revision_category.ordinal 
_pdbx_audit_revision_category.revision_ordinal 
_pdbx_audit_revision_category.data_content_type 
_pdbx_audit_revision_category.category 
1  2 'Structure model' pdbx_unobs_or_zero_occ_atoms  
2  2 'Structure model' software                      
3  3 'Structure model' atom_site                     
4  3 'Structure model' atom_site_anisotrop           
5  3 'Structure model' chem_comp                     
6  3 'Structure model' entity                        
7  3 'Structure model' pdbx_entity_nonpoly           
8  3 'Structure model' pdbx_nonpoly_scheme           
9  3 'Structure model' pdbx_struct_conn_angle        
10 3 'Structure model' struct_conn                   
11 3 'Structure model' struct_conn_type              
12 3 'Structure model' struct_site                   
13 4 'Structure model' chem_comp_atom                
14 4 'Structure model' chem_comp_bond                
15 4 'Structure model' database_2                    
16 4 'Structure model' pdbx_initial_refinement_model 
17 4 'Structure model' pdbx_unobs_or_zero_occ_atoms  
18 5 'Structure model' pdbx_entry_details            
19 5 'Structure model' pdbx_modification_feature     
# 
loop_
_pdbx_audit_revision_item.ordinal 
_pdbx_audit_revision_item.revision_ordinal 
_pdbx_audit_revision_item.data_content_type 
_pdbx_audit_revision_item.item 
1  2 'Structure model' '_software.name'                              
2  3 'Structure model' '_atom_site.B_iso_or_equiv'                   
3  3 'Structure model' '_atom_site.Cartn_x'                          
4  3 'Structure model' '_atom_site.Cartn_y'                          
5  3 'Structure model' '_atom_site.Cartn_z'                          
6  3 'Structure model' '_atom_site.auth_atom_id'                     
7  3 'Structure model' '_atom_site.auth_comp_id'                     
8  3 'Structure model' '_atom_site.label_atom_id'                    
9  3 'Structure model' '_atom_site.label_comp_id'                    
10 3 'Structure model' '_atom_site.type_symbol'                      
11 3 'Structure model' '_atom_site_anisotrop.U[1][1]'                
12 3 'Structure model' '_atom_site_anisotrop.U[1][2]'                
13 3 'Structure model' '_atom_site_anisotrop.U[1][3]'                
14 3 'Structure model' '_atom_site_anisotrop.U[2][2]'                
15 3 'Structure model' '_atom_site_anisotrop.U[2][3]'                
16 3 'Structure model' '_atom_site_anisotrop.U[3][3]'                
17 3 'Structure model' '_atom_site_anisotrop.pdbx_auth_atom_id'      
18 3 'Structure model' '_atom_site_anisotrop.pdbx_auth_comp_id'      
19 3 'Structure model' '_atom_site_anisotrop.pdbx_label_atom_id'     
20 3 'Structure model' '_atom_site_anisotrop.pdbx_label_comp_id'     
21 3 'Structure model' '_atom_site_anisotrop.type_symbol'            
22 3 'Structure model' '_chem_comp.formula'                          
23 3 'Structure model' '_chem_comp.formula_weight'                   
24 3 'Structure model' '_chem_comp.id'                               
25 3 'Structure model' '_chem_comp.name'                             
26 3 'Structure model' '_chem_comp.pdbx_synonyms'                    
27 3 'Structure model' '_entity.formula_weight'                      
28 3 'Structure model' '_entity.pdbx_description'                    
29 3 'Structure model' '_pdbx_entity_nonpoly.comp_id'                
30 3 'Structure model' '_pdbx_entity_nonpoly.name'                   
31 3 'Structure model' '_pdbx_nonpoly_scheme.mon_id'                 
32 3 'Structure model' '_pdbx_nonpoly_scheme.pdb_mon_id'             
33 3 'Structure model' '_pdbx_struct_conn_angle.ptnr1_auth_comp_id'  
34 3 'Structure model' '_pdbx_struct_conn_angle.ptnr1_label_comp_id' 
35 3 'Structure model' '_pdbx_struct_conn_angle.ptnr2_auth_comp_id'  
36 3 'Structure model' '_pdbx_struct_conn_angle.ptnr2_label_comp_id' 
37 3 'Structure model' '_pdbx_struct_conn_angle.ptnr3_auth_comp_id'  
38 3 'Structure model' '_pdbx_struct_conn_angle.ptnr3_label_comp_id' 
39 3 'Structure model' '_struct_conn.conn_type_id'                   
40 3 'Structure model' '_struct_conn.id'                             
41 3 'Structure model' '_struct_conn.pdbx_dist_value'                
42 3 'Structure model' '_struct_conn.pdbx_leaving_atom_flag'         
43 3 'Structure model' '_struct_conn.ptnr1_auth_comp_id'             
44 3 'Structure model' '_struct_conn.ptnr1_auth_seq_id'              
45 3 'Structure model' '_struct_conn.ptnr1_label_atom_id'            
46 3 'Structure model' '_struct_conn.ptnr1_label_comp_id'            
47 3 'Structure model' '_struct_conn.ptnr1_label_seq_id'             
48 3 'Structure model' '_struct_conn.ptnr2_auth_comp_id'             
49 3 'Structure model' '_struct_conn.ptnr2_label_atom_id'            
50 3 'Structure model' '_struct_conn.ptnr2_label_comp_id'            
51 3 'Structure model' '_struct_conn_type.id'                        
52 3 'Structure model' '_struct_site.details'                        
53 3 'Structure model' '_struct_site.pdbx_auth_asym_id'              
54 3 'Structure model' '_struct_site.pdbx_auth_comp_id'              
55 3 'Structure model' '_struct_site.pdbx_auth_seq_id'               
56 4 'Structure model' '_database_2.pdbx_DOI'                        
57 4 'Structure model' '_database_2.pdbx_database_accession'         
# 
_pdbx_database_status.status_code                     REL 
_pdbx_database_status.entry_id                        4KMG 
_pdbx_database_status.recvd_initial_deposition_date   2013-05-08 
_pdbx_database_status.deposit_site                    RCSB 
_pdbx_database_status.process_site                    RCSB 
_pdbx_database_status.status_code_sf                  REL 
_pdbx_database_status.status_code_mr                  ? 
_pdbx_database_status.SG_entry                        ? 
_pdbx_database_status.status_code_cs                  ? 
_pdbx_database_status.methods_development_category    ? 
_pdbx_database_status.pdb_format_compatible           Y 
_pdbx_database_status.status_code_nmr_data            ? 
# 
loop_
_pdbx_database_related.db_name 
_pdbx_database_related.db_id 
_pdbx_database_related.details 
_pdbx_database_related.content_type 
PDB 4EIC 'cytochrome c6 from the same organism'              unspecified 
PDB 4EIE 'cytochrome c6C from the same organism'             unspecified 
PDB 4EID 'cytochrome c6 Q57V mutant from the same organism'  unspecified 
PDB 4EIF 'cytochrome c6C L50Q mutant from the same organism' unspecified 
# 
loop_
_audit_author.name 
_audit_author.pdbx_ordinal 
'Zatwarnicki, P.'  1 
'Krzywda, S.'      2 
'Barciszewski, J.' 3 
'Jaskolski, M.'    4 
'Szczepaniak, A.'  5 
# 
_citation.id                        primary 
_citation.title                     
'Cytochrome c6B of Synechococcus sp. WH 8102 - Crystal structure and basic properties of novel c6-like family representative.' 
_citation.journal_abbrev            Biochem.Biophys.Res.Commun. 
_citation.journal_volume            443 
_citation.page_first                1131 
_citation.page_last                 1135 
_citation.year                      2014 
_citation.journal_id_ASTM           BBRCA9 
_citation.country                   US 
_citation.journal_id_ISSN           0006-291X 
_citation.journal_id_CSD            0146 
_citation.book_publisher            ? 
_citation.pdbx_database_id_PubMed   24216109 
_citation.pdbx_database_id_DOI      10.1016/j.bbrc.2013.10.167 
# 
loop_
_citation_author.citation_id 
_citation_author.name 
_citation_author.ordinal 
_citation_author.identifier_ORCID 
primary 'Zatwarnicki, P.'  1 ? 
primary 'Barciszewski, J.' 2 ? 
primary 'Krzywda, S.'      3 ? 
primary 'Jaskolski, M.'    4 ? 
primary 'Kolesinski, P.'   5 ? 
primary 'Szczepaniak, A.'  6 ? 
# 
loop_
_entity.id 
_entity.type 
_entity.src_method 
_entity.pdbx_description 
_entity.formula_weight 
_entity.pdbx_number_of_molecules 
_entity.pdbx_ec 
_entity.pdbx_mutation 
_entity.pdbx_fragment 
_entity.details 
1 polymer     man 'Cytochrome C6 (Soluble cytochrome F) (Cytochrome c553)' 9177.280 1  ? ? ? ? 
2 non-polymer syn 'HEME C'                                                 618.503  1  ? ? ? ? 
3 non-polymer syn 'SODIUM ION'                                             22.990   1  ? ? ? ? 
4 water       nat water                                                    18.015   95 ? ? ? ? 
# 
_entity_poly.entity_id                      1 
_entity_poly.type                           'polypeptide(L)' 
_entity_poly.nstd_linkage                   no 
_entity_poly.nstd_monomer                   no 
_entity_poly.pdbx_seq_one_letter_code       
;ETSGEGAVLFGQHCAGCHVNGGNIIRRGKNLKLATLKRQGLDSTEAIASIARKGIGQMSGYGDKLGEGGDQLVAGWILEQ
AQNAWTQG
;
_entity_poly.pdbx_seq_one_letter_code_can   
;ETSGEGAVLFGQHCAGCHVNGGNIIRRGKNLKLATLKRQGLDSTEAIASIARKGIGQMSGYGDKLGEGGDQLVAGWILEQ
AQNAWTQG
;
_entity_poly.pdbx_strand_id                 A 
_entity_poly.pdbx_target_identifier         ? 
# 
loop_
_pdbx_entity_nonpoly.entity_id 
_pdbx_entity_nonpoly.name 
_pdbx_entity_nonpoly.comp_id 
2 'HEME C'     HEC 
3 'SODIUM ION' NA  
4 water        HOH 
# 
loop_
_entity_poly_seq.entity_id 
_entity_poly_seq.num 
_entity_poly_seq.mon_id 
_entity_poly_seq.hetero 
1 1  GLU n 
1 2  THR n 
1 3  SER n 
1 4  GLY n 
1 5  GLU n 
1 6  GLY n 
1 7  ALA n 
1 8  VAL n 
1 9  LEU n 
1 10 PHE n 
1 11 GLY n 
1 12 GLN n 
1 13 HIS n 
1 14 CYS n 
1 15 ALA n 
1 16 GLY n 
1 17 CYS n 
1 18 HIS n 
1 19 VAL n 
1 20 ASN n 
1 21 GLY n 
1 22 GLY n 
1 23 ASN n 
1 24 ILE n 
1 25 ILE n 
1 26 ARG n 
1 27 ARG n 
1 28 GLY n 
1 29 LYS n 
1 30 ASN n 
1 31 LEU n 
1 32 LYS n 
1 33 LEU n 
1 34 ALA n 
1 35 THR n 
1 36 LEU n 
1 37 LYS n 
1 38 ARG n 
1 39 GLN n 
1 40 GLY n 
1 41 LEU n 
1 42 ASP n 
1 43 SER n 
1 44 THR n 
1 45 GLU n 
1 46 ALA n 
1 47 ILE n 
1 48 ALA n 
1 49 SER n 
1 50 ILE n 
1 51 ALA n 
1 52 ARG n 
1 53 LYS n 
1 54 GLY n 
1 55 ILE n 
1 56 GLY n 
1 57 GLN n 
1 58 MET n 
1 59 SER n 
1 60 GLY n 
1 61 TYR n 
1 62 GLY n 
1 63 ASP n 
1 64 LYS n 
1 65 LEU n 
1 66 GLY n 
1 67 GLU n 
1 68 GLY n 
1 69 GLY n 
1 70 ASP n 
1 71 GLN n 
1 72 LEU n 
1 73 VAL n 
1 74 ALA n 
1 75 GLY n 
1 76 TRP n 
1 77 ILE n 
1 78 LEU n 
1 79 GLU n 
1 80 GLN n 
1 81 ALA n 
1 82 GLN n 
1 83 ASN n 
1 84 ALA n 
1 85 TRP n 
1 86 THR n 
1 87 GLN n 
1 88 GLY n 
# 
_entity_src_gen.entity_id                          1 
_entity_src_gen.pdbx_src_id                        1 
_entity_src_gen.pdbx_alt_source_flag               sample 
_entity_src_gen.pdbx_seq_type                      ? 
_entity_src_gen.pdbx_beg_seq_num                   ? 
_entity_src_gen.pdbx_end_seq_num                   ? 
_entity_src_gen.gene_src_common_name               ? 
_entity_src_gen.gene_src_genus                     ? 
_entity_src_gen.pdbx_gene_src_gene                 'NP_897609, petJ, SYNW1516' 
_entity_src_gen.gene_src_species                   ? 
_entity_src_gen.gene_src_strain                    WH8102 
_entity_src_gen.gene_src_tissue                    ? 
_entity_src_gen.gene_src_tissue_fraction           ? 
_entity_src_gen.gene_src_details                   ? 
_entity_src_gen.pdbx_gene_src_fragment             ? 
_entity_src_gen.pdbx_gene_src_scientific_name      'Synechococcus sp.' 
_entity_src_gen.pdbx_gene_src_ncbi_taxonomy_id     84588 
_entity_src_gen.pdbx_gene_src_variant              ? 
_entity_src_gen.pdbx_gene_src_cell_line            ? 
_entity_src_gen.pdbx_gene_src_atcc                 ? 
_entity_src_gen.pdbx_gene_src_organ                ? 
_entity_src_gen.pdbx_gene_src_organelle            ? 
_entity_src_gen.pdbx_gene_src_cell                 ? 
_entity_src_gen.pdbx_gene_src_cellular_location    ? 
_entity_src_gen.host_org_common_name               ? 
_entity_src_gen.pdbx_host_org_scientific_name      'Escherichia coli' 
_entity_src_gen.pdbx_host_org_ncbi_taxonomy_id     562 
_entity_src_gen.host_org_genus                     ? 
_entity_src_gen.pdbx_host_org_gene                 ? 
_entity_src_gen.pdbx_host_org_organ                ? 
_entity_src_gen.host_org_species                   ? 
_entity_src_gen.pdbx_host_org_tissue               ? 
_entity_src_gen.pdbx_host_org_tissue_fraction      ? 
_entity_src_gen.pdbx_host_org_strain               DH5a 
_entity_src_gen.pdbx_host_org_variant              ? 
_entity_src_gen.pdbx_host_org_cell_line            ? 
_entity_src_gen.pdbx_host_org_atcc                 ? 
_entity_src_gen.pdbx_host_org_culture_collection   ? 
_entity_src_gen.pdbx_host_org_cell                 ? 
_entity_src_gen.pdbx_host_org_organelle            ? 
_entity_src_gen.pdbx_host_org_cellular_location    ? 
_entity_src_gen.pdbx_host_org_vector_type          PLASMID 
_entity_src_gen.pdbx_host_org_vector               ? 
_entity_src_gen.host_org_details                   ? 
_entity_src_gen.expression_system_id               ? 
_entity_src_gen.plasmid_name                       pUC19 
_entity_src_gen.plasmid_details                    ? 
_entity_src_gen.pdbx_description                   ? 
# 
loop_
_chem_comp.id 
_chem_comp.type 
_chem_comp.mon_nstd_flag 
_chem_comp.name 
_chem_comp.pdbx_synonyms 
_chem_comp.formula 
_chem_comp.formula_weight 
ALA 'L-peptide linking' y ALANINE         ? 'C3 H7 N O2'       89.093  
ARG 'L-peptide linking' y ARGININE        ? 'C6 H15 N4 O2 1'   175.209 
ASN 'L-peptide linking' y ASPARAGINE      ? 'C4 H8 N2 O3'      132.118 
ASP 'L-peptide linking' y 'ASPARTIC ACID' ? 'C4 H7 N O4'       133.103 
CYS 'L-peptide linking' y CYSTEINE        ? 'C3 H7 N O2 S'     121.158 
GLN 'L-peptide linking' y GLUTAMINE       ? 'C5 H10 N2 O3'     146.144 
GLU 'L-peptide linking' y 'GLUTAMIC ACID' ? 'C5 H9 N O4'       147.129 
GLY 'peptide linking'   y GLYCINE         ? 'C2 H5 N O2'       75.067  
HEC non-polymer         . 'HEME C'        ? 'C34 H34 Fe N4 O4' 618.503 
HIS 'L-peptide linking' y HISTIDINE       ? 'C6 H10 N3 O2 1'   156.162 
HOH non-polymer         . WATER           ? 'H2 O'             18.015  
ILE 'L-peptide linking' y ISOLEUCINE      ? 'C6 H13 N O2'      131.173 
LEU 'L-peptide linking' y LEUCINE         ? 'C6 H13 N O2'      131.173 
LYS 'L-peptide linking' y LYSINE          ? 'C6 H15 N2 O2 1'   147.195 
MET 'L-peptide linking' y METHIONINE      ? 'C5 H11 N O2 S'    149.211 
NA  non-polymer         . 'SODIUM ION'    ? 'Na 1'             22.990  
PHE 'L-peptide linking' y PHENYLALANINE   ? 'C9 H11 N O2'      165.189 
SER 'L-peptide linking' y SERINE          ? 'C3 H7 N O3'       105.093 
THR 'L-peptide linking' y THREONINE       ? 'C4 H9 N O3'       119.119 
TRP 'L-peptide linking' y TRYPTOPHAN      ? 'C11 H12 N2 O2'    204.225 
TYR 'L-peptide linking' y TYROSINE        ? 'C9 H11 N O3'      181.189 
VAL 'L-peptide linking' y VALINE          ? 'C5 H11 N O2'      117.146 
# 
loop_
_pdbx_poly_seq_scheme.asym_id 
_pdbx_poly_seq_scheme.entity_id 
_pdbx_poly_seq_scheme.seq_id 
_pdbx_poly_seq_scheme.mon_id 
_pdbx_poly_seq_scheme.ndb_seq_num 
_pdbx_poly_seq_scheme.pdb_seq_num 
_pdbx_poly_seq_scheme.auth_seq_num 
_pdbx_poly_seq_scheme.pdb_mon_id 
_pdbx_poly_seq_scheme.auth_mon_id 
_pdbx_poly_seq_scheme.pdb_strand_id 
_pdbx_poly_seq_scheme.pdb_ins_code 
_pdbx_poly_seq_scheme.hetero 
A 1 1  GLU 1  1  1  GLU GLU A . n 
A 1 2  THR 2  2  2  THR THR A . n 
A 1 3  SER 3  3  3  SER SER A . n 
A 1 4  GLY 4  4  4  GLY GLY A . n 
A 1 5  GLU 5  5  5  GLU GLU A . n 
A 1 6  GLY 6  6  6  GLY GLY A . n 
A 1 7  ALA 7  7  7  ALA ALA A . n 
A 1 8  VAL 8  8  8  VAL VAL A . n 
A 1 9  LEU 9  9  9  LEU LEU A . n 
A 1 10 PHE 10 10 10 PHE PHE A . n 
A 1 11 GLY 11 11 11 GLY GLY A . n 
A 1 12 GLN 12 12 12 GLN GLN A . n 
A 1 13 HIS 13 13 13 HIS HIS A . n 
A 1 14 CYS 14 14 14 CYS CYS A . n 
A 1 15 ALA 15 15 15 ALA ALA A . n 
A 1 16 GLY 16 16 16 GLY GLY A . n 
A 1 17 CYS 17 17 17 CYS CYS A . n 
A 1 18 HIS 18 18 18 HIS HIS A . n 
A 1 19 VAL 19 19 19 VAL VAL A . n 
A 1 20 ASN 20 20 20 ASN ASN A . n 
A 1 21 GLY 21 21 21 GLY GLY A . n 
A 1 22 GLY 22 22 22 GLY GLY A . n 
A 1 23 ASN 23 23 23 ASN ASN A . n 
A 1 24 ILE 24 24 24 ILE ILE A . n 
A 1 25 ILE 25 25 25 ILE ILE A . n 
A 1 26 ARG 26 26 26 ARG ARG A . n 
A 1 27 ARG 27 27 27 ARG ARG A . n 
A 1 28 GLY 28 28 28 GLY GLY A . n 
A 1 29 LYS 29 29 29 LYS LYS A . n 
A 1 30 ASN 30 30 30 ASN ASN A . n 
A 1 31 LEU 31 31 31 LEU LEU A . n 
A 1 32 LYS 32 32 32 LYS LYS A . n 
A 1 33 LEU 33 33 33 LEU LEU A . n 
A 1 34 ALA 34 34 34 ALA ALA A . n 
A 1 35 THR 35 35 35 THR THR A . n 
A 1 36 LEU 36 36 36 LEU LEU A . n 
A 1 37 LYS 37 37 37 LYS LYS A . n 
A 1 38 ARG 38 38 38 ARG ARG A . n 
A 1 39 GLN 39 39 39 GLN GLN A . n 
A 1 40 GLY 40 40 40 GLY GLY A . n 
A 1 41 LEU 41 41 41 LEU LEU A . n 
A 1 42 ASP 42 42 42 ASP ASP A . n 
A 1 43 SER 43 43 43 SER SER A . n 
A 1 44 THR 44 44 44 THR THR A . n 
A 1 45 GLU 45 45 45 GLU GLU A . n 
A 1 46 ALA 46 46 46 ALA ALA A . n 
A 1 47 ILE 47 47 47 ILE ILE A . n 
A 1 48 ALA 48 48 48 ALA ALA A . n 
A 1 49 SER 49 49 49 SER SER A . n 
A 1 50 ILE 50 50 50 ILE ILE A . n 
A 1 51 ALA 51 51 51 ALA ALA A . n 
A 1 52 ARG 52 52 52 ARG ARG A . n 
A 1 53 LYS 53 53 53 LYS LYS A . n 
A 1 54 GLY 54 54 54 GLY GLY A . n 
A 1 55 ILE 55 55 55 ILE ILE A . n 
A 1 56 GLY 56 56 56 GLY GLY A . n 
A 1 57 GLN 57 57 57 GLN GLN A . n 
A 1 58 MET 58 58 58 MET MET A . n 
A 1 59 SER 59 59 59 SER SER A . n 
A 1 60 GLY 60 60 60 GLY GLY A . n 
A 1 61 TYR 61 61 61 TYR TYR A . n 
A 1 62 GLY 62 62 62 GLY GLY A . n 
A 1 63 ASP 63 63 63 ASP ASP A . n 
A 1 64 LYS 64 64 64 LYS LYS A . n 
A 1 65 LEU 65 65 65 LEU LEU A . n 
A 1 66 GLY 66 66 66 GLY GLY A . n 
A 1 67 GLU 67 67 67 GLU GLU A . n 
A 1 68 GLY 68 68 68 GLY GLY A . n 
A 1 69 GLY 69 69 69 GLY GLY A . n 
A 1 70 ASP 70 70 70 ASP ASP A . n 
A 1 71 GLN 71 71 71 GLN GLN A . n 
A 1 72 LEU 72 72 72 LEU LEU A . n 
A 1 73 VAL 73 73 73 VAL VAL A . n 
A 1 74 ALA 74 74 74 ALA ALA A . n 
A 1 75 GLY 75 75 75 GLY GLY A . n 
A 1 76 TRP 76 76 76 TRP TRP A . n 
A 1 77 ILE 77 77 77 ILE ILE A . n 
A 1 78 LEU 78 78 78 LEU LEU A . n 
A 1 79 GLU 79 79 79 GLU GLU A . n 
A 1 80 GLN 80 80 80 GLN GLN A . n 
A 1 81 ALA 81 81 81 ALA ALA A . n 
A 1 82 GLN 82 82 82 GLN GLN A . n 
A 1 83 ASN 83 83 83 ASN ASN A . n 
A 1 84 ALA 84 84 84 ALA ALA A . n 
A 1 85 TRP 85 85 85 TRP TRP A . n 
A 1 86 THR 86 86 86 THR THR A . n 
A 1 87 GLN 87 87 87 GLN GLN A . n 
A 1 88 GLY 88 88 88 GLY GLY A . n 
# 
loop_
_pdbx_nonpoly_scheme.asym_id 
_pdbx_nonpoly_scheme.entity_id 
_pdbx_nonpoly_scheme.mon_id 
_pdbx_nonpoly_scheme.ndb_seq_num 
_pdbx_nonpoly_scheme.pdb_seq_num 
_pdbx_nonpoly_scheme.auth_seq_num 
_pdbx_nonpoly_scheme.pdb_mon_id 
_pdbx_nonpoly_scheme.auth_mon_id 
_pdbx_nonpoly_scheme.pdb_strand_id 
_pdbx_nonpoly_scheme.pdb_ins_code 
B 2 HEC 1  101 89 HEC HEM A . 
C 3 NA  1  102 1  NA  NA  A . 
D 4 HOH 1  201 2  HOH HOH A . 
D 4 HOH 2  202 3  HOH HOH A . 
D 4 HOH 3  203 4  HOH HOH A . 
D 4 HOH 4  204 5  HOH HOH A . 
D 4 HOH 5  205 6  HOH HOH A . 
D 4 HOH 6  206 7  HOH HOH A . 
D 4 HOH 7  207 8  HOH HOH A . 
D 4 HOH 8  208 9  HOH HOH A . 
D 4 HOH 9  209 10 HOH HOH A . 
D 4 HOH 10 210 11 HOH HOH A . 
D 4 HOH 11 211 12 HOH HOH A . 
D 4 HOH 12 212 13 HOH HOH A . 
D 4 HOH 13 213 14 HOH HOH A . 
D 4 HOH 14 214 15 HOH HOH A . 
D 4 HOH 15 215 16 HOH HOH A . 
D 4 HOH 16 216 17 HOH HOH A . 
D 4 HOH 17 217 18 HOH HOH A . 
D 4 HOH 18 218 19 HOH HOH A . 
D 4 HOH 19 219 20 HOH HOH A . 
D 4 HOH 20 220 21 HOH HOH A . 
D 4 HOH 21 221 22 HOH HOH A . 
D 4 HOH 22 222 23 HOH HOH A . 
D 4 HOH 23 223 24 HOH HOH A . 
D 4 HOH 24 224 25 HOH HOH A . 
D 4 HOH 25 225 26 HOH HOH A . 
D 4 HOH 26 226 27 HOH HOH A . 
D 4 HOH 27 227 28 HOH HOH A . 
D 4 HOH 28 228 29 HOH HOH A . 
D 4 HOH 29 229 30 HOH HOH A . 
D 4 HOH 30 230 31 HOH HOH A . 
D 4 HOH 31 231 32 HOH HOH A . 
D 4 HOH 32 232 33 HOH HOH A . 
D 4 HOH 33 233 34 HOH HOH A . 
D 4 HOH 34 234 35 HOH HOH A . 
D 4 HOH 35 235 36 HOH HOH A . 
D 4 HOH 36 236 37 HOH HOH A . 
D 4 HOH 37 237 38 HOH HOH A . 
D 4 HOH 38 238 39 HOH HOH A . 
D 4 HOH 39 239 40 HOH HOH A . 
D 4 HOH 40 240 41 HOH HOH A . 
D 4 HOH 41 241 42 HOH HOH A . 
D 4 HOH 42 242 43 HOH HOH A . 
D 4 HOH 43 243 44 HOH HOH A . 
D 4 HOH 44 244 45 HOH HOH A . 
D 4 HOH 45 245 46 HOH HOH A . 
D 4 HOH 46 246 47 HOH HOH A . 
D 4 HOH 47 247 48 HOH HOH A . 
D 4 HOH 48 248 49 HOH HOH A . 
D 4 HOH 49 249 50 HOH HOH A . 
D 4 HOH 50 250 51 HOH HOH A . 
D 4 HOH 51 251 52 HOH HOH A . 
D 4 HOH 52 252 53 HOH HOH A . 
D 4 HOH 53 253 54 HOH HOH A . 
D 4 HOH 54 254 55 HOH HOH A . 
D 4 HOH 55 255 56 HOH HOH A . 
D 4 HOH 56 256 57 HOH HOH A . 
D 4 HOH 57 257 58 HOH HOH A . 
D 4 HOH 58 258 59 HOH HOH A . 
D 4 HOH 59 259 60 HOH HOH A . 
D 4 HOH 60 260 61 HOH HOH A . 
D 4 HOH 61 261 62 HOH HOH A . 
D 4 HOH 62 262 63 HOH HOH A . 
D 4 HOH 63 263 64 HOH HOH A . 
D 4 HOH 64 264 65 HOH HOH A . 
D 4 HOH 65 265 66 HOH HOH A . 
D 4 HOH 66 266 68 HOH HOH A . 
D 4 HOH 67 267 69 HOH HOH A . 
D 4 HOH 68 268 70 HOH HOH A . 
D 4 HOH 69 269 71 HOH HOH A . 
D 4 HOH 70 270 72 HOH HOH A . 
D 4 HOH 71 271 73 HOH HOH A . 
D 4 HOH 72 272 74 HOH HOH A . 
D 4 HOH 73 273 75 HOH HOH A . 
D 4 HOH 74 274 76 HOH HOH A . 
D 4 HOH 75 275 77 HOH HOH A . 
D 4 HOH 76 276 78 HOH HOH A . 
D 4 HOH 77 277 79 HOH HOH A . 
D 4 HOH 78 278 80 HOH HOH A . 
D 4 HOH 79 279 81 HOH HOH A . 
D 4 HOH 80 280 82 HOH HOH A . 
D 4 HOH 81 281 83 HOH HOH A . 
D 4 HOH 82 282 84 HOH HOH A . 
D 4 HOH 83 283 86 HOH HOH A . 
D 4 HOH 84 284 87 HOH HOH A . 
D 4 HOH 85 285 88 HOH HOH A . 
D 4 HOH 86 286 89 HOH HOH A . 
D 4 HOH 87 287 91 HOH HOH A . 
D 4 HOH 88 288 92 HOH HOH A . 
D 4 HOH 89 289 93 HOH HOH A . 
D 4 HOH 90 290 94 HOH HOH A . 
D 4 HOH 91 291 95 HOH HOH A . 
D 4 HOH 92 292 96 HOH HOH A . 
D 4 HOH 93 293 97 HOH HOH A . 
D 4 HOH 94 294 98 HOH HOH A . 
D 4 HOH 95 295 99 HOH HOH A . 
# 
loop_
_pdbx_unobs_or_zero_occ_atoms.id 
_pdbx_unobs_or_zero_occ_atoms.PDB_model_num 
_pdbx_unobs_or_zero_occ_atoms.polymer_flag 
_pdbx_unobs_or_zero_occ_atoms.occupancy_flag 
_pdbx_unobs_or_zero_occ_atoms.auth_asym_id 
_pdbx_unobs_or_zero_occ_atoms.auth_comp_id 
_pdbx_unobs_or_zero_occ_atoms.auth_seq_id 
_pdbx_unobs_or_zero_occ_atoms.PDB_ins_code 
_pdbx_unobs_or_zero_occ_atoms.auth_atom_id 
_pdbx_unobs_or_zero_occ_atoms.label_alt_id 
_pdbx_unobs_or_zero_occ_atoms.label_asym_id 
_pdbx_unobs_or_zero_occ_atoms.label_comp_id 
_pdbx_unobs_or_zero_occ_atoms.label_seq_id 
_pdbx_unobs_or_zero_occ_atoms.label_atom_id 
1 1 Y 0 A LYS 53 ? CG ? A LYS 53 CG 
2 1 Y 0 A LYS 53 ? CD ? A LYS 53 CD 
3 1 Y 0 A LYS 53 ? CE ? A LYS 53 CE 
4 1 Y 0 A LYS 53 ? NZ ? A LYS 53 NZ 
# 
loop_
_software.name 
_software.classification 
_software.version 
_software.citation_id 
_software.pdbx_ordinal 
MAR345dtb 'data collection' .        ? 1 
MOLREP    phasing           .        ? 2 
REFMAC    refinement        5.6.0117 ? 3 
XDS       'data reduction'  .        ? 4 
XDS       'data scaling'    .        ? 5 
# 
_cell.entry_id           4KMG 
_cell.length_a           106.110 
_cell.length_b           28.980 
_cell.length_c           24.680 
_cell.angle_alpha        90.00 
_cell.angle_beta         92.30 
_cell.angle_gamma        90.00 
_cell.Z_PDB              4 
_cell.pdbx_unique_axis   ? 
_cell.length_a_esd       ? 
_cell.length_b_esd       ? 
_cell.length_c_esd       ? 
_cell.angle_alpha_esd    ? 
_cell.angle_beta_esd     ? 
_cell.angle_gamma_esd    ? 
# 
_symmetry.entry_id                         4KMG 
_symmetry.space_group_name_H-M             'C 1 2 1' 
_symmetry.pdbx_full_space_group_name_H-M   ? 
_symmetry.cell_setting                     ? 
_symmetry.Int_Tables_number                5 
_symmetry.space_group_name_Hall            ? 
# 
_exptl.entry_id          4KMG 
_exptl.method            'X-RAY DIFFRACTION' 
_exptl.crystals_number   1 
# 
_exptl_crystal.id                    1 
_exptl_crystal.density_meas          ? 
_exptl_crystal.density_Matthews      2.07 
_exptl_crystal.density_percent_sol   40.46 
_exptl_crystal.description           ? 
_exptl_crystal.F_000                 ? 
_exptl_crystal.preparation           ? 
# 
_exptl_crystal_grow.crystal_id      1 
_exptl_crystal_grow.method          'VAPOR DIFFUSION, HANGING DROP' 
_exptl_crystal_grow.temp            292 
_exptl_crystal_grow.temp_details    ? 
_exptl_crystal_grow.pH              7.0 
_exptl_crystal_grow.pdbx_pH_range   ? 
_exptl_crystal_grow.pdbx_details    '2.2 M sodium malonate, pH 7.0, VAPOR DIFFUSION, HANGING DROP, temperature 292K' 
# 
_diffrn.id                     1 
_diffrn.ambient_temp           100 
_diffrn.ambient_temp_details   ? 
_diffrn.crystal_id             1 
# 
_diffrn_detector.diffrn_id              1 
_diffrn_detector.detector               CCD 
_diffrn_detector.type                   'RAYONIX MX225HE' 
_diffrn_detector.pdbx_collection_date   2012-12-15 
_diffrn_detector.details                mirrors 
# 
_diffrn_radiation.diffrn_id                        1 
_diffrn_radiation.wavelength_id                    1 
_diffrn_radiation.pdbx_monochromatic_or_laue_m_l   M 
_diffrn_radiation.monochromator                    'Si-111 crystal' 
_diffrn_radiation.pdbx_diffrn_protocol             'SINGLE WAVELENGTH' 
_diffrn_radiation.pdbx_scattering_type             x-ray 
# 
_diffrn_radiation_wavelength.id           1 
_diffrn_radiation_wavelength.wavelength   0.91841 
_diffrn_radiation_wavelength.wt           1.0 
# 
_diffrn_source.diffrn_id                   1 
_diffrn_source.source                      SYNCHROTRON 
_diffrn_source.type                        'BESSY BEAMLINE 14.2' 
_diffrn_source.pdbx_synchrotron_site       BESSY 
_diffrn_source.pdbx_synchrotron_beamline   14.2 
_diffrn_source.pdbx_wavelength             ? 
_diffrn_source.pdbx_wavelength_list        0.91841 
# 
_reflns.pdbx_diffrn_id               1 
_reflns.pdbx_ordinal                 1 
_reflns.entry_id                     4KMG 
_reflns.observed_criterion_sigma_I   -3.0 
_reflns.observed_criterion_sigma_F   0.0 
_reflns.d_resolution_low             27.95 
_reflns.d_resolution_high            1.40 
_reflns.number_obs                   14663 
_reflns.number_all                   14665 
_reflns.percent_possible_obs         97.9 
_reflns.pdbx_Rmerge_I_obs            0.059 
_reflns.pdbx_Rsym_value              ? 
_reflns.pdbx_netI_over_sigmaI        13.8 
_reflns.B_iso_Wilson_estimate        ? 
_reflns.pdbx_redundancy              3.6 
_reflns.R_free_details               ? 
_reflns.limit_h_max                  ? 
_reflns.limit_h_min                  ? 
_reflns.limit_k_max                  ? 
_reflns.limit_k_min                  ? 
_reflns.limit_l_max                  ? 
_reflns.limit_l_min                  ? 
_reflns.observed_criterion_F_max     ? 
_reflns.observed_criterion_F_min     ? 
_reflns.pdbx_chi_squared             ? 
_reflns.pdbx_scaling_rejects         ? 
# 
_reflns_shell.pdbx_diffrn_id         1 
_reflns_shell.pdbx_ordinal           1 
_reflns_shell.d_res_high             1.40 
_reflns_shell.d_res_low              1.49 
_reflns_shell.percent_possible_all   90.1 
_reflns_shell.Rmerge_I_obs           0.559 
_reflns_shell.pdbx_Rsym_value        ? 
_reflns_shell.meanI_over_sigI_obs    2.02 
_reflns_shell.pdbx_redundancy        3.1 
_reflns_shell.percent_possible_obs   ? 
_reflns_shell.number_unique_all      ? 
_reflns_shell.number_measured_all    ? 
_reflns_shell.number_measured_obs    ? 
_reflns_shell.number_unique_obs      ? 
_reflns_shell.pdbx_chi_squared       ? 
# 
_refine.pdbx_refine_id                           'X-RAY DIFFRACTION' 
_refine.entry_id                                 4KMG 
_refine.pdbx_diffrn_id                           1 
_refine.pdbx_TLS_residual_ADP_flag               ? 
_refine.ls_number_reflns_obs                     13712 
_refine.ls_number_reflns_all                     13712 
_refine.pdbx_ls_sigma_I                          ? 
_refine.pdbx_ls_sigma_F                          . 
_refine.pdbx_data_cutoff_high_absF               ? 
_refine.pdbx_data_cutoff_low_absF                ? 
_refine.pdbx_data_cutoff_high_rms_absF           ? 
_refine.ls_d_res_low                             27.95 
_refine.ls_d_res_high                            1.40 
_refine.ls_percent_reflns_obs                    97.90 
_refine.ls_R_factor_obs                          0.12398 
_refine.ls_R_factor_all                          ? 
_refine.ls_R_factor_R_work                       0.12003 
_refine.ls_R_factor_R_free                       0.18102 
_refine.ls_R_factor_R_free_error                 ? 
_refine.ls_R_factor_R_free_error_details         ? 
_refine.ls_percent_reflns_R_free                 6.5 
_refine.ls_number_reflns_R_free                  950 
_refine.ls_number_parameters                     ? 
_refine.ls_number_restraints                     ? 
_refine.occupancy_min                            ? 
_refine.occupancy_max                            ? 
_refine.correlation_coeff_Fo_to_Fc               0.979 
_refine.correlation_coeff_Fo_to_Fc_free          0.950 
_refine.B_iso_mean                               15.413 
_refine.aniso_B[1][1]                            0.56 
_refine.aniso_B[2][2]                            0.29 
_refine.aniso_B[3][3]                            -0.85 
_refine.aniso_B[1][2]                            -0.00 
_refine.aniso_B[1][3]                            -0.02 
_refine.aniso_B[2][3]                            0.00 
_refine.solvent_model_details                    'BABINET MODEL WITH MASK' 
_refine.solvent_model_param_ksol                 ? 
_refine.solvent_model_param_bsol                 ? 
_refine.pdbx_solvent_vdw_probe_radii             1.20 
_refine.pdbx_solvent_ion_probe_radii             0.80 
_refine.pdbx_solvent_shrinkage_radii             0.80 
_refine.pdbx_ls_cross_valid_method               R-FREE 
_refine.details                                  
;ANISOTROPIC REFINEMENT WITH STEREOCHEMICAL RESTRAINTS. HYDROGEN ATO WERE ADDED AT RIDING POSITIONS. THE SODIUM ION LIES ON A COMMON TWO FOLD AXIS. THE HEME LIBRARY USED IN THE REFINEMENT WAS CREATED BASE STEREOCHEMICAL PARAMETERS DERIVED FROM THE CAMBRIDGE STRUCTURAL DAT
;
_refine.pdbx_starting_model                      'PDB ENTRY 4EIF' 
_refine.pdbx_method_to_determine_struct          'MOLECULAR REPLACEMENT' 
_refine.pdbx_isotropic_thermal_model             Isotropic 
_refine.pdbx_stereochemistry_target_values       'MAXIMUM LIKELIHOOD' 
_refine.pdbx_stereochem_target_val_spec_case     ? 
_refine.pdbx_R_Free_selection_details            RANDOM 
_refine.pdbx_overall_ESU_R                       0.061 
_refine.pdbx_overall_ESU_R_Free                  0.063 
_refine.overall_SU_ML                            0.041 
_refine.pdbx_overall_phase_error                 ? 
_refine.overall_SU_B                             2.365 
_refine.overall_SU_R_Cruickshank_DPI             ? 
_refine.pdbx_overall_SU_R_free_Cruickshank_DPI   ? 
_refine.pdbx_overall_SU_R_Blow_DPI               ? 
_refine.pdbx_overall_SU_R_free_Blow_DPI          ? 
_refine.ls_redundancy_reflns_obs                 ? 
_refine.B_iso_min                                ? 
_refine.B_iso_max                                ? 
_refine.overall_SU_R_free                        ? 
_refine.ls_wR_factor_R_free                      ? 
_refine.ls_wR_factor_R_work                      ? 
_refine.overall_FOM_free_R_set                   ? 
_refine.overall_FOM_work_R_set                   ? 
# 
_refine_hist.pdbx_refine_id                   'X-RAY DIFFRACTION' 
_refine_hist.cycle_id                         LAST 
_refine_hist.pdbx_number_atoms_protein        643 
_refine_hist.pdbx_number_atoms_nucleic_acid   0 
_refine_hist.pdbx_number_atoms_ligand         44 
_refine_hist.number_atoms_solvent             95 
_refine_hist.number_atoms_total               782 
_refine_hist.d_res_high                       1.40 
_refine_hist.d_res_low                        27.95 
# 
loop_
_refine_ls_restr.type 
_refine_ls_restr.dev_ideal 
_refine_ls_restr.dev_ideal_target 
_refine_ls_restr.weight 
_refine_ls_restr.number 
_refine_ls_restr.pdbx_refine_id 
_refine_ls_restr.pdbx_restraint_function 
r_bond_refined_d             0.016  0.019  ? 719  'X-RAY DIFFRACTION' ? 
r_bond_other_d               0.004  0.020  ? 677  'X-RAY DIFFRACTION' ? 
r_angle_refined_deg          1.769  2.015  ? 968  'X-RAY DIFFRACTION' ? 
r_angle_other_deg            0.965  3.003  ? 1538 'X-RAY DIFFRACTION' ? 
r_dihedral_angle_1_deg       5.020  5.000  ? 87   'X-RAY DIFFRACTION' ? 
r_dihedral_angle_2_deg       38.200 24.375 ? 32   'X-RAY DIFFRACTION' ? 
r_dihedral_angle_3_deg       12.451 15.000 ? 117  'X-RAY DIFFRACTION' ? 
r_dihedral_angle_4_deg       22.019 15.000 ? 6    'X-RAY DIFFRACTION' ? 
r_chiral_restr               0.116  0.200  ? 92   'X-RAY DIFFRACTION' ? 
r_gen_planes_refined         0.019  0.033  ? 854  'X-RAY DIFFRACTION' ? 
r_gen_planes_other           0.026  0.032  ? 174  'X-RAY DIFFRACTION' ? 
r_nbd_refined                ?      ?      ? ?    'X-RAY DIFFRACTION' ? 
r_nbd_other                  ?      ?      ? ?    'X-RAY DIFFRACTION' ? 
r_nbtor_refined              ?      ?      ? ?    'X-RAY DIFFRACTION' ? 
r_nbtor_other                ?      ?      ? ?    'X-RAY DIFFRACTION' ? 
r_xyhbond_nbd_refined        ?      ?      ? ?    'X-RAY DIFFRACTION' ? 
r_xyhbond_nbd_other          ?      ?      ? ?    'X-RAY DIFFRACTION' ? 
r_metal_ion_refined          ?      ?      ? ?    'X-RAY DIFFRACTION' ? 
r_metal_ion_other            ?      ?      ? ?    'X-RAY DIFFRACTION' ? 
r_symmetry_vdw_refined       ?      ?      ? ?    'X-RAY DIFFRACTION' ? 
r_symmetry_vdw_other         ?      ?      ? ?    'X-RAY DIFFRACTION' ? 
r_symmetry_hbond_refined     ?      ?      ? ?    'X-RAY DIFFRACTION' ? 
r_symmetry_hbond_other       ?      ?      ? ?    'X-RAY DIFFRACTION' ? 
r_symmetry_metal_ion_refined ?      ?      ? ?    'X-RAY DIFFRACTION' ? 
r_symmetry_metal_ion_other   ?      ?      ? ?    'X-RAY DIFFRACTION' ? 
r_mcbond_it                  1.946  1.342  ? 351  'X-RAY DIFFRACTION' ? 
r_mcbond_other               1.942  1.341  ? 350  'X-RAY DIFFRACTION' ? 
r_mcangle_it                 2.313  2.025  ? 437  'X-RAY DIFFRACTION' ? 
r_scbond_it                  3.152  1.532  ? 365  'X-RAY DIFFRACTION' ? 
r_scangle_it                 ?      ?      ? ?    'X-RAY DIFFRACTION' ? 
r_rigid_bond_restr           4.309  3.000  ? 1393 'X-RAY DIFFRACTION' ? 
r_sphericity_free            22.466 5.000  ? 39   'X-RAY DIFFRACTION' ? 
r_sphericity_bonded          8.977  5.000  ? 1438 'X-RAY DIFFRACTION' ? 
# 
_refine_ls_shell.pdbx_refine_id                   'X-RAY DIFFRACTION' 
_refine_ls_shell.pdbx_total_number_of_bins_used   20 
_refine_ls_shell.d_res_high                       1.401 
_refine_ls_shell.d_res_low                        1.437 
_refine_ls_shell.number_reflns_R_work             843 
_refine_ls_shell.R_factor_R_work                  0.207 
_refine_ls_shell.percent_reflns_obs               82.72 
_refine_ls_shell.R_factor_R_free                  0.308 
_refine_ls_shell.R_factor_R_free_error            ? 
_refine_ls_shell.percent_reflns_R_free            ? 
_refine_ls_shell.number_reflns_R_free             57 
_refine_ls_shell.number_reflns_all                ? 
_refine_ls_shell.R_factor_all                     ? 
_refine_ls_shell.redundancy_reflns_obs            ? 
_refine_ls_shell.number_reflns_obs                ? 
# 
_struct.entry_id                  4KMG 
_struct.title                     'Crystal structure of cytochrome c6B from Synechococcus sp. WH8102' 
_struct.pdbx_model_details        ? 
_struct.pdbx_CASP_flag            ? 
_struct.pdbx_model_type_details   ? 
# 
_struct_keywords.entry_id        4KMG 
_struct_keywords.pdbx_keywords   'ELECTRON TRANSPORT' 
_struct_keywords.text            'cytochrome c6, ELECTRON TRANSPORT' 
# 
loop_
_struct_asym.id 
_struct_asym.pdbx_blank_PDB_chainid_flag 
_struct_asym.pdbx_modified 
_struct_asym.entity_id 
_struct_asym.details 
A N N 1 ? 
B N N 2 ? 
C N N 3 ? 
D N N 4 ? 
# 
_struct_ref.id                         1 
_struct_ref.db_name                    UNP 
_struct_ref.db_code                    Q7U624_SYNPX 
_struct_ref.pdbx_db_accession          Q7U624 
_struct_ref.entity_id                  1 
_struct_ref.pdbx_seq_one_letter_code   
;ETSGEGAVLFGQHCAGCHVNGGNIIRRGKNLKLATLKRQGLDSTEAIASIARKGIGQMSGYGDKLGEGGDQLVAGWILEQ
AQNAWTQG
;
_struct_ref.pdbx_align_begin           23 
_struct_ref.pdbx_db_isoform            ? 
# 
_struct_ref_seq.align_id                      1 
_struct_ref_seq.ref_id                        1 
_struct_ref_seq.pdbx_PDB_id_code              4KMG 
_struct_ref_seq.pdbx_strand_id                A 
_struct_ref_seq.seq_align_beg                 1 
_struct_ref_seq.pdbx_seq_align_beg_ins_code   ? 
_struct_ref_seq.seq_align_end                 88 
_struct_ref_seq.pdbx_seq_align_end_ins_code   ? 
_struct_ref_seq.pdbx_db_accession             Q7U624 
_struct_ref_seq.db_align_beg                  23 
_struct_ref_seq.pdbx_db_align_beg_ins_code    ? 
_struct_ref_seq.db_align_end                  110 
_struct_ref_seq.pdbx_db_align_end_ins_code    ? 
_struct_ref_seq.pdbx_auth_seq_align_beg       1 
_struct_ref_seq.pdbx_auth_seq_align_end       88 
# 
loop_
_pdbx_struct_assembly.id 
_pdbx_struct_assembly.details 
_pdbx_struct_assembly.method_details 
_pdbx_struct_assembly.oligomeric_details 
_pdbx_struct_assembly.oligomeric_count 
1 author_defined_assembly   ?    monomeric 1 
2 software_defined_assembly PISA dimeric   2 
# 
loop_
_pdbx_struct_assembly_prop.biol_id 
_pdbx_struct_assembly_prop.type 
_pdbx_struct_assembly_prop.value 
_pdbx_struct_assembly_prop.details 
2 'ABSA (A^2)' 3140  ? 
2 MORE         -67   ? 
2 'SSA (A^2)'  10020 ? 
# 
loop_
_pdbx_struct_assembly_gen.assembly_id 
_pdbx_struct_assembly_gen.oper_expression 
_pdbx_struct_assembly_gen.asym_id_list 
1 1   A,B,C,D 
2 1,2 A,B,C,D 
# 
loop_
_pdbx_struct_oper_list.id 
_pdbx_struct_oper_list.type 
_pdbx_struct_oper_list.name 
_pdbx_struct_oper_list.symmetry_operation 
_pdbx_struct_oper_list.matrix[1][1] 
_pdbx_struct_oper_list.matrix[1][2] 
_pdbx_struct_oper_list.matrix[1][3] 
_pdbx_struct_oper_list.vector[1] 
_pdbx_struct_oper_list.matrix[2][1] 
_pdbx_struct_oper_list.matrix[2][2] 
_pdbx_struct_oper_list.matrix[2][3] 
_pdbx_struct_oper_list.vector[2] 
_pdbx_struct_oper_list.matrix[3][1] 
_pdbx_struct_oper_list.matrix[3][2] 
_pdbx_struct_oper_list.matrix[3][3] 
_pdbx_struct_oper_list.vector[3] 
1 'identity operation'         1_555 x,y,z     1.0000000000 0.0000000000  0.0000000000  0.0000000000  0.0000000000  1.0000000000  0.0000000000 0.0000000000  0.0000000000  0.0000000000 1.0000000000  0.0000000000 
2 'crystal symmetry operation' 2_556 -x,y,-z+1 0.3090968327 -0.8515484270 -0.4234671469 18.4367750548 -0.8515484270 -0.4460801482 0.2754592127 25.9661056604 -0.4234671469 0.2754592127 -0.8630166844 4.7798924025 
# 
_struct_biol.id        1 
_struct_biol.details   ? 
# 
loop_
_struct_conf.conf_type_id 
_struct_conf.id 
_struct_conf.pdbx_PDB_helix_id 
_struct_conf.beg_label_comp_id 
_struct_conf.beg_label_asym_id 
_struct_conf.beg_label_seq_id 
_struct_conf.pdbx_beg_PDB_ins_code 
_struct_conf.end_label_comp_id 
_struct_conf.end_label_asym_id 
_struct_conf.end_label_seq_id 
_struct_conf.pdbx_end_PDB_ins_code 
_struct_conf.beg_auth_comp_id 
_struct_conf.beg_auth_asym_id 
_struct_conf.beg_auth_seq_id 
_struct_conf.end_auth_comp_id 
_struct_conf.end_auth_asym_id 
_struct_conf.end_auth_seq_id 
_struct_conf.pdbx_PDB_helix_class 
_struct_conf.details 
_struct_conf.pdbx_PDB_helix_length 
HELX_P HELX_P1 1 GLY A 4  ? CYS A 14 ? GLY A 4  CYS A 14 1 ? 11 
HELX_P HELX_P2 2 CYS A 14 ? VAL A 19 ? CYS A 14 VAL A 19 1 ? 6  
HELX_P HELX_P3 3 ASN A 20 ? GLY A 22 ? ASN A 20 GLY A 22 5 ? 3  
HELX_P HELX_P4 4 LYS A 32 ? GLN A 39 ? LYS A 32 GLN A 39 1 ? 8  
HELX_P HELX_P5 5 SER A 43 ? LYS A 53 ? SER A 43 LYS A 53 1 ? 11 
HELX_P HELX_P6 6 GLY A 68 ? ASN A 83 ? GLY A 68 ASN A 83 1 ? 16 
# 
_struct_conf_type.id          HELX_P 
_struct_conf_type.criteria    ? 
_struct_conf_type.reference   ? 
# 
loop_
_struct_conn.id 
_struct_conn.conn_type_id 
_struct_conn.pdbx_leaving_atom_flag 
_struct_conn.pdbx_PDB_id 
_struct_conn.ptnr1_label_asym_id 
_struct_conn.ptnr1_label_comp_id 
_struct_conn.ptnr1_label_seq_id 
_struct_conn.ptnr1_label_atom_id 
_struct_conn.pdbx_ptnr1_label_alt_id 
_struct_conn.pdbx_ptnr1_PDB_ins_code 
_struct_conn.pdbx_ptnr1_standard_comp_id 
_struct_conn.ptnr1_symmetry 
_struct_conn.ptnr2_label_asym_id 
_struct_conn.ptnr2_label_comp_id 
_struct_conn.ptnr2_label_seq_id 
_struct_conn.ptnr2_label_atom_id 
_struct_conn.pdbx_ptnr2_label_alt_id 
_struct_conn.pdbx_ptnr2_PDB_ins_code 
_struct_conn.ptnr1_auth_asym_id 
_struct_conn.ptnr1_auth_comp_id 
_struct_conn.ptnr1_auth_seq_id 
_struct_conn.ptnr2_auth_asym_id 
_struct_conn.ptnr2_auth_comp_id 
_struct_conn.ptnr2_auth_seq_id 
_struct_conn.ptnr2_symmetry 
_struct_conn.pdbx_ptnr3_label_atom_id 
_struct_conn.pdbx_ptnr3_label_seq_id 
_struct_conn.pdbx_ptnr3_label_comp_id 
_struct_conn.pdbx_ptnr3_label_asym_id 
_struct_conn.pdbx_ptnr3_label_alt_id 
_struct_conn.pdbx_ptnr3_PDB_ins_code 
_struct_conn.details 
_struct_conn.pdbx_dist_value 
_struct_conn.pdbx_value_order 
_struct_conn.pdbx_role 
covale1 covale none ? A CYS 14 SG  ? ? ? 1_555 B HEC . CAB ? ? A CYS 14 A HEC 101 1_555 ? ? ? ? ? ? ? 1.864 ? ? 
covale2 covale none ? A CYS 17 SG  ? ? ? 1_555 B HEC . CAC ? ? A CYS 17 A HEC 101 1_555 ? ? ? ? ? ? ? 1.832 ? ? 
metalc1 metalc ?    ? A HIS 18 NE2 ? ? ? 1_555 B HEC . FE  ? ? A HIS 18 A HEC 101 1_555 ? ? ? ? ? ? ? 2.046 ? ? 
metalc2 metalc ?    ? A MET 58 SD  ? ? ? 1_555 B HEC . FE  ? ? A MET 58 A HEC 101 1_555 ? ? ? ? ? ? ? 2.315 ? ? 
metalc3 metalc ?    ? A ASN 83 O   ? ? ? 1_555 C NA  . NA  ? ? A ASN 83 A NA  102 1_555 ? ? ? ? ? ? ? 2.235 ? ? 
metalc4 metalc ?    ? A THR 86 OG1 ? ? ? 1_555 C NA  . NA  ? ? A THR 86 A NA  102 1_555 ? ? ? ? ? ? ? 2.369 ? ? 
metalc5 metalc ?    ? A THR 86 O   ? ? ? 1_555 C NA  . NA  ? ? A THR 86 A NA  102 1_555 ? ? ? ? ? ? ? 2.631 ? ? 
# 
loop_
_struct_conn_type.id 
_struct_conn_type.criteria 
_struct_conn_type.reference 
covale ? ? 
metalc ? ? 
# 
loop_
_pdbx_struct_conn_angle.id 
_pdbx_struct_conn_angle.ptnr1_label_atom_id 
_pdbx_struct_conn_angle.ptnr1_label_alt_id 
_pdbx_struct_conn_angle.ptnr1_label_asym_id 
_pdbx_struct_conn_angle.ptnr1_label_comp_id 
_pdbx_struct_conn_angle.ptnr1_label_seq_id 
_pdbx_struct_conn_angle.ptnr1_auth_atom_id 
_pdbx_struct_conn_angle.ptnr1_auth_asym_id 
_pdbx_struct_conn_angle.ptnr1_auth_comp_id 
_pdbx_struct_conn_angle.ptnr1_auth_seq_id 
_pdbx_struct_conn_angle.ptnr1_PDB_ins_code 
_pdbx_struct_conn_angle.ptnr1_symmetry 
_pdbx_struct_conn_angle.ptnr2_label_atom_id 
_pdbx_struct_conn_angle.ptnr2_label_alt_id 
_pdbx_struct_conn_angle.ptnr2_label_asym_id 
_pdbx_struct_conn_angle.ptnr2_label_comp_id 
_pdbx_struct_conn_angle.ptnr2_label_seq_id 
_pdbx_struct_conn_angle.ptnr2_auth_atom_id 
_pdbx_struct_conn_angle.ptnr2_auth_asym_id 
_pdbx_struct_conn_angle.ptnr2_auth_comp_id 
_pdbx_struct_conn_angle.ptnr2_auth_seq_id 
_pdbx_struct_conn_angle.ptnr2_PDB_ins_code 
_pdbx_struct_conn_angle.ptnr2_symmetry 
_pdbx_struct_conn_angle.ptnr3_label_atom_id 
_pdbx_struct_conn_angle.ptnr3_label_alt_id 
_pdbx_struct_conn_angle.ptnr3_label_asym_id 
_pdbx_struct_conn_angle.ptnr3_label_comp_id 
_pdbx_struct_conn_angle.ptnr3_label_seq_id 
_pdbx_struct_conn_angle.ptnr3_auth_atom_id 
_pdbx_struct_conn_angle.ptnr3_auth_asym_id 
_pdbx_struct_conn_angle.ptnr3_auth_comp_id 
_pdbx_struct_conn_angle.ptnr3_auth_seq_id 
_pdbx_struct_conn_angle.ptnr3_PDB_ins_code 
_pdbx_struct_conn_angle.ptnr3_symmetry 
_pdbx_struct_conn_angle.value 
_pdbx_struct_conn_angle.value_esd 
1  NE2 ? A HIS 18 ? A HIS 18  ? 1_555 FE ? B HEC . ? A HEC 101 ? 1_555 NA  ? B HEC .  ? A HEC 101 ? 1_555 90.5  ? 
2  NE2 ? A HIS 18 ? A HIS 18  ? 1_555 FE ? B HEC . ? A HEC 101 ? 1_555 NB  ? B HEC .  ? A HEC 101 ? 1_555 90.0  ? 
3  NA  ? B HEC .  ? A HEC 101 ? 1_555 FE ? B HEC . ? A HEC 101 ? 1_555 NB  ? B HEC .  ? A HEC 101 ? 1_555 90.1  ? 
4  NE2 ? A HIS 18 ? A HIS 18  ? 1_555 FE ? B HEC . ? A HEC 101 ? 1_555 NC  ? B HEC .  ? A HEC 101 ? 1_555 88.2  ? 
5  NA  ? B HEC .  ? A HEC 101 ? 1_555 FE ? B HEC . ? A HEC 101 ? 1_555 NC  ? B HEC .  ? A HEC 101 ? 1_555 178.7 ? 
6  NB  ? B HEC .  ? A HEC 101 ? 1_555 FE ? B HEC . ? A HEC 101 ? 1_555 NC  ? B HEC .  ? A HEC 101 ? 1_555 89.9  ? 
7  NE2 ? A HIS 18 ? A HIS 18  ? 1_555 FE ? B HEC . ? A HEC 101 ? 1_555 ND  ? B HEC .  ? A HEC 101 ? 1_555 91.2  ? 
8  NA  ? B HEC .  ? A HEC 101 ? 1_555 FE ? B HEC . ? A HEC 101 ? 1_555 ND  ? B HEC .  ? A HEC 101 ? 1_555 89.8  ? 
9  NB  ? B HEC .  ? A HEC 101 ? 1_555 FE ? B HEC . ? A HEC 101 ? 1_555 ND  ? B HEC .  ? A HEC 101 ? 1_555 178.8 ? 
10 NC  ? B HEC .  ? A HEC 101 ? 1_555 FE ? B HEC . ? A HEC 101 ? 1_555 ND  ? B HEC .  ? A HEC 101 ? 1_555 90.1  ? 
11 NE2 ? A HIS 18 ? A HIS 18  ? 1_555 FE ? B HEC . ? A HEC 101 ? 1_555 SD  ? A MET 58 ? A MET 58  ? 1_555 176.5 ? 
12 NA  ? B HEC .  ? A HEC 101 ? 1_555 FE ? B HEC . ? A HEC 101 ? 1_555 SD  ? A MET 58 ? A MET 58  ? 1_555 86.0  ? 
13 NB  ? B HEC .  ? A HEC 101 ? 1_555 FE ? B HEC . ? A HEC 101 ? 1_555 SD  ? A MET 58 ? A MET 58  ? 1_555 90.5  ? 
14 NC  ? B HEC .  ? A HEC 101 ? 1_555 FE ? B HEC . ? A HEC 101 ? 1_555 SD  ? A MET 58 ? A MET 58  ? 1_555 95.2  ? 
15 ND  ? B HEC .  ? A HEC 101 ? 1_555 FE ? B HEC . ? A HEC 101 ? 1_555 SD  ? A MET 58 ? A MET 58  ? 1_555 88.3  ? 
16 O   ? A ASN 83 ? A ASN 83  ? 1_555 NA ? C NA  . ? A NA  102 ? 1_555 OG1 ? A THR 86 ? A THR 86  ? 1_555 105.3 ? 
17 O   ? A ASN 83 ? A ASN 83  ? 1_555 NA ? C NA  . ? A NA  102 ? 1_555 O   ? A THR 86 ? A THR 86  ? 1_555 79.9  ? 
18 OG1 ? A THR 86 ? A THR 86  ? 1_555 NA ? C NA  . ? A NA  102 ? 1_555 O   ? A THR 86 ? A THR 86  ? 1_555 72.9  ? 
# 
loop_
_pdbx_modification_feature.ordinal 
_pdbx_modification_feature.label_comp_id 
_pdbx_modification_feature.label_asym_id 
_pdbx_modification_feature.label_seq_id 
_pdbx_modification_feature.label_alt_id 
_pdbx_modification_feature.modified_residue_label_comp_id 
_pdbx_modification_feature.modified_residue_label_asym_id 
_pdbx_modification_feature.modified_residue_label_seq_id 
_pdbx_modification_feature.modified_residue_label_alt_id 
_pdbx_modification_feature.auth_comp_id 
_pdbx_modification_feature.auth_asym_id 
_pdbx_modification_feature.auth_seq_id 
_pdbx_modification_feature.PDB_ins_code 
_pdbx_modification_feature.symmetry 
_pdbx_modification_feature.modified_residue_auth_comp_id 
_pdbx_modification_feature.modified_residue_auth_asym_id 
_pdbx_modification_feature.modified_residue_auth_seq_id 
_pdbx_modification_feature.modified_residue_PDB_ins_code 
_pdbx_modification_feature.modified_residue_symmetry 
_pdbx_modification_feature.comp_id_linking_atom 
_pdbx_modification_feature.modified_residue_id_linking_atom 
_pdbx_modification_feature.modified_residue_id 
_pdbx_modification_feature.ref_pcm_id 
_pdbx_modification_feature.ref_comp_id 
_pdbx_modification_feature.type 
_pdbx_modification_feature.category 
1 HEC B . ? CYS A 14 ? HEC A 101 ? 1_555 CYS A 14 ? 1_555 CAB SG CYS 2 HEC None Heme/heme-like 
2 HEC B . ? CYS A 17 ? HEC A 101 ? 1_555 CYS A 17 ? 1_555 CAC SG CYS 3 HEC None Heme/heme-like 
# 
_struct_sheet.id               A 
_struct_sheet.type             ? 
_struct_sheet.number_strands   2 
_struct_sheet.details          ? 
# 
_struct_sheet_order.sheet_id     A 
_struct_sheet_order.range_id_1   1 
_struct_sheet_order.range_id_2   2 
_struct_sheet_order.offset       ? 
_struct_sheet_order.sense        anti-parallel 
# 
loop_
_struct_sheet_range.sheet_id 
_struct_sheet_range.id 
_struct_sheet_range.beg_label_comp_id 
_struct_sheet_range.beg_label_asym_id 
_struct_sheet_range.beg_label_seq_id 
_struct_sheet_range.pdbx_beg_PDB_ins_code 
_struct_sheet_range.end_label_comp_id 
_struct_sheet_range.end_label_asym_id 
_struct_sheet_range.end_label_seq_id 
_struct_sheet_range.pdbx_end_PDB_ins_code 
_struct_sheet_range.beg_auth_comp_id 
_struct_sheet_range.beg_auth_asym_id 
_struct_sheet_range.beg_auth_seq_id 
_struct_sheet_range.end_auth_comp_id 
_struct_sheet_range.end_auth_asym_id 
_struct_sheet_range.end_auth_seq_id 
A 1 GLY A 54 ? ILE A 55 ? GLY A 54 ILE A 55 
A 2 MET A 58 ? SER A 59 ? MET A 58 SER A 59 
# 
_pdbx_struct_sheet_hbond.sheet_id                A 
_pdbx_struct_sheet_hbond.range_id_1              1 
_pdbx_struct_sheet_hbond.range_id_2              2 
_pdbx_struct_sheet_hbond.range_1_label_atom_id   N 
_pdbx_struct_sheet_hbond.range_1_label_comp_id   ILE 
_pdbx_struct_sheet_hbond.range_1_label_asym_id   A 
_pdbx_struct_sheet_hbond.range_1_label_seq_id    55 
_pdbx_struct_sheet_hbond.range_1_PDB_ins_code    ? 
_pdbx_struct_sheet_hbond.range_1_auth_atom_id    N 
_pdbx_struct_sheet_hbond.range_1_auth_comp_id    ILE 
_pdbx_struct_sheet_hbond.range_1_auth_asym_id    A 
_pdbx_struct_sheet_hbond.range_1_auth_seq_id     55 
_pdbx_struct_sheet_hbond.range_2_label_atom_id   O 
_pdbx_struct_sheet_hbond.range_2_label_comp_id   MET 
_pdbx_struct_sheet_hbond.range_2_label_asym_id   A 
_pdbx_struct_sheet_hbond.range_2_label_seq_id    58 
_pdbx_struct_sheet_hbond.range_2_PDB_ins_code    ? 
_pdbx_struct_sheet_hbond.range_2_auth_atom_id    O 
_pdbx_struct_sheet_hbond.range_2_auth_comp_id    MET 
_pdbx_struct_sheet_hbond.range_2_auth_asym_id    A 
_pdbx_struct_sheet_hbond.range_2_auth_seq_id     58 
# 
loop_
_struct_site.id 
_struct_site.pdbx_evidence_code 
_struct_site.pdbx_auth_asym_id 
_struct_site.pdbx_auth_comp_id 
_struct_site.pdbx_auth_seq_id 
_struct_site.pdbx_auth_ins_code 
_struct_site.pdbx_num_residues 
_struct_site.details 
AC1 Software A HEC 101 ? 23 'BINDING SITE FOR RESIDUE HEC A 101' 
AC2 Software A NA  102 ? 4  'BINDING SITE FOR RESIDUE NA A 102'  
# 
loop_
_struct_site_gen.id 
_struct_site_gen.site_id 
_struct_site_gen.pdbx_num_res 
_struct_site_gen.label_comp_id 
_struct_site_gen.label_asym_id 
_struct_site_gen.label_seq_id 
_struct_site_gen.pdbx_auth_ins_code 
_struct_site_gen.auth_comp_id 
_struct_site_gen.auth_asym_id 
_struct_site_gen.auth_seq_id 
_struct_site_gen.label_atom_id 
_struct_site_gen.label_alt_id 
_struct_site_gen.symmetry 
_struct_site_gen.details 
1  AC1 23 HIS A 13 ? HIS A 13  . ? 1_555 ? 
2  AC1 23 CYS A 14 ? CYS A 14  . ? 1_555 ? 
3  AC1 23 CYS A 17 ? CYS A 17  . ? 1_555 ? 
4  AC1 23 HIS A 18 ? HIS A 18  . ? 1_555 ? 
5  AC1 23 ASN A 23 ? ASN A 23  . ? 1_555 ? 
6  AC1 23 ILE A 25 ? ILE A 25  . ? 1_555 ? 
7  AC1 23 ARG A 26 ? ARG A 26  . ? 1_555 ? 
8  AC1 23 LYS A 29 ? LYS A 29  . ? 1_555 ? 
9  AC1 23 ASN A 30 ? ASN A 30  . ? 1_555 ? 
10 AC1 23 LEU A 31 ? LEU A 31  . ? 1_555 ? 
11 AC1 23 THR A 35 ? THR A 35  . ? 1_555 ? 
12 AC1 23 GLN A 39 ? GLN A 39  . ? 1_555 ? 
13 AC1 23 LEU A 41 ? LEU A 41  . ? 1_555 ? 
14 AC1 23 ILE A 50 ? ILE A 50  . ? 1_555 ? 
15 AC1 23 ILE A 55 ? ILE A 55  . ? 1_555 ? 
16 AC1 23 GLY A 56 ? GLY A 56  . ? 1_555 ? 
17 AC1 23 GLN A 57 ? GLN A 57  . ? 1_555 ? 
18 AC1 23 MET A 58 ? MET A 58  . ? 1_555 ? 
19 AC1 23 TYR A 61 ? TYR A 61  . ? 1_555 ? 
20 AC1 23 ASP A 63 ? ASP A 63  . ? 4_445 ? 
21 AC1 23 ILE A 77 ? ILE A 77  . ? 1_555 ? 
22 AC1 23 HOH D .  ? HOH A 218 . ? 1_555 ? 
23 AC1 23 HOH D .  ? HOH A 273 . ? 1_554 ? 
24 AC2 4  ASN A 83 ? ASN A 83  . ? 1_555 ? 
25 AC2 4  ASN A 83 ? ASN A 83  . ? 2_556 ? 
26 AC2 4  THR A 86 ? THR A 86  . ? 2_556 ? 
27 AC2 4  THR A 86 ? THR A 86  . ? 1_555 ? 
# 
_pdbx_entry_details.entry_id                   4KMG 
_pdbx_entry_details.compound_details           ? 
_pdbx_entry_details.source_details             ? 
_pdbx_entry_details.nonpolymer_details         ? 
_pdbx_entry_details.sequence_details           ? 
_pdbx_entry_details.has_ligand_of_interest     ? 
_pdbx_entry_details.has_protein_modification   Y 
# 
_pdbx_validate_torsion.id              1 
_pdbx_validate_torsion.PDB_model_num   1 
_pdbx_validate_torsion.auth_comp_id    LYS 
_pdbx_validate_torsion.auth_asym_id    A 
_pdbx_validate_torsion.auth_seq_id     29 
_pdbx_validate_torsion.PDB_ins_code    ? 
_pdbx_validate_torsion.label_alt_id    ? 
_pdbx_validate_torsion.phi             -100.08 
_pdbx_validate_torsion.psi             53.39 
# 
loop_
_pdbx_struct_special_symmetry.id 
_pdbx_struct_special_symmetry.PDB_model_num 
_pdbx_struct_special_symmetry.auth_asym_id 
_pdbx_struct_special_symmetry.auth_comp_id 
_pdbx_struct_special_symmetry.auth_seq_id 
_pdbx_struct_special_symmetry.PDB_ins_code 
_pdbx_struct_special_symmetry.label_asym_id 
_pdbx_struct_special_symmetry.label_comp_id 
_pdbx_struct_special_symmetry.label_seq_id 
1 1 A NA  102 ? C NA  . 
2 1 A HOH 284 ? D HOH . 
# 
loop_
_chem_comp_atom.comp_id 
_chem_comp_atom.atom_id 
_chem_comp_atom.type_symbol 
_chem_comp_atom.pdbx_aromatic_flag 
_chem_comp_atom.pdbx_stereo_config 
_chem_comp_atom.pdbx_ordinal 
ALA N    N  N N 1   
ALA CA   C  N S 2   
ALA C    C  N N 3   
ALA O    O  N N 4   
ALA CB   C  N N 5   
ALA OXT  O  N N 6   
ALA H    H  N N 7   
ALA H2   H  N N 8   
ALA HA   H  N N 9   
ALA HB1  H  N N 10  
ALA HB2  H  N N 11  
ALA HB3  H  N N 12  
ALA HXT  H  N N 13  
ARG N    N  N N 14  
ARG CA   C  N S 15  
ARG C    C  N N 16  
ARG O    O  N N 17  
ARG CB   C  N N 18  
ARG CG   C  N N 19  
ARG CD   C  N N 20  
ARG NE   N  N N 21  
ARG CZ   C  N N 22  
ARG NH1  N  N N 23  
ARG NH2  N  N N 24  
ARG OXT  O  N N 25  
ARG H    H  N N 26  
ARG H2   H  N N 27  
ARG HA   H  N N 28  
ARG HB2  H  N N 29  
ARG HB3  H  N N 30  
ARG HG2  H  N N 31  
ARG HG3  H  N N 32  
ARG HD2  H  N N 33  
ARG HD3  H  N N 34  
ARG HE   H  N N 35  
ARG HH11 H  N N 36  
ARG HH12 H  N N 37  
ARG HH21 H  N N 38  
ARG HH22 H  N N 39  
ARG HXT  H  N N 40  
ASN N    N  N N 41  
ASN CA   C  N S 42  
ASN C    C  N N 43  
ASN O    O  N N 44  
ASN CB   C  N N 45  
ASN CG   C  N N 46  
ASN OD1  O  N N 47  
ASN ND2  N  N N 48  
ASN OXT  O  N N 49  
ASN H    H  N N 50  
ASN H2   H  N N 51  
ASN HA   H  N N 52  
ASN HB2  H  N N 53  
ASN HB3  H  N N 54  
ASN HD21 H  N N 55  
ASN HD22 H  N N 56  
ASN HXT  H  N N 57  
ASP N    N  N N 58  
ASP CA   C  N S 59  
ASP C    C  N N 60  
ASP O    O  N N 61  
ASP CB   C  N N 62  
ASP CG   C  N N 63  
ASP OD1  O  N N 64  
ASP OD2  O  N N 65  
ASP OXT  O  N N 66  
ASP H    H  N N 67  
ASP H2   H  N N 68  
ASP HA   H  N N 69  
ASP HB2  H  N N 70  
ASP HB3  H  N N 71  
ASP HD2  H  N N 72  
ASP HXT  H  N N 73  
CYS N    N  N N 74  
CYS CA   C  N R 75  
CYS C    C  N N 76  
CYS O    O  N N 77  
CYS CB   C  N N 78  
CYS SG   S  N N 79  
CYS OXT  O  N N 80  
CYS H    H  N N 81  
CYS H2   H  N N 82  
CYS HA   H  N N 83  
CYS HB2  H  N N 84  
CYS HB3  H  N N 85  
CYS HG   H  N N 86  
CYS HXT  H  N N 87  
GLN N    N  N N 88  
GLN CA   C  N S 89  
GLN C    C  N N 90  
GLN O    O  N N 91  
GLN CB   C  N N 92  
GLN CG   C  N N 93  
GLN CD   C  N N 94  
GLN OE1  O  N N 95  
GLN NE2  N  N N 96  
GLN OXT  O  N N 97  
GLN H    H  N N 98  
GLN H2   H  N N 99  
GLN HA   H  N N 100 
GLN HB2  H  N N 101 
GLN HB3  H  N N 102 
GLN HG2  H  N N 103 
GLN HG3  H  N N 104 
GLN HE21 H  N N 105 
GLN HE22 H  N N 106 
GLN HXT  H  N N 107 
GLU N    N  N N 108 
GLU CA   C  N S 109 
GLU C    C  N N 110 
GLU O    O  N N 111 
GLU CB   C  N N 112 
GLU CG   C  N N 113 
GLU CD   C  N N 114 
GLU OE1  O  N N 115 
GLU OE2  O  N N 116 
GLU OXT  O  N N 117 
GLU H    H  N N 118 
GLU H2   H  N N 119 
GLU HA   H  N N 120 
GLU HB2  H  N N 121 
GLU HB3  H  N N 122 
GLU HG2  H  N N 123 
GLU HG3  H  N N 124 
GLU HE2  H  N N 125 
GLU HXT  H  N N 126 
GLY N    N  N N 127 
GLY CA   C  N N 128 
GLY C    C  N N 129 
GLY O    O  N N 130 
GLY OXT  O  N N 131 
GLY H    H  N N 132 
GLY H2   H  N N 133 
GLY HA2  H  N N 134 
GLY HA3  H  N N 135 
GLY HXT  H  N N 136 
HEC FE   FE N N 137 
HEC CHA  C  N N 138 
HEC CHB  C  N N 139 
HEC CHC  C  N N 140 
HEC CHD  C  N N 141 
HEC NA   N  Y N 142 
HEC C1A  C  Y N 143 
HEC C2A  C  Y N 144 
HEC C3A  C  Y N 145 
HEC C4A  C  Y N 146 
HEC CMA  C  N N 147 
HEC CAA  C  N N 148 
HEC CBA  C  N N 149 
HEC CGA  C  N N 150 
HEC O1A  O  N N 151 
HEC O2A  O  N N 152 
HEC NB   N  Y N 153 
HEC C1B  C  Y N 154 
HEC C2B  C  Y N 155 
HEC C3B  C  Y N 156 
HEC C4B  C  Y N 157 
HEC CMB  C  N N 158 
HEC CAB  C  N N 159 
HEC CBB  C  N N 160 
HEC NC   N  Y N 161 
HEC C1C  C  Y N 162 
HEC C2C  C  Y N 163 
HEC C3C  C  Y N 164 
HEC C4C  C  Y N 165 
HEC CMC  C  N N 166 
HEC CAC  C  N N 167 
HEC CBC  C  N N 168 
HEC ND   N  Y N 169 
HEC C1D  C  Y N 170 
HEC C2D  C  Y N 171 
HEC C3D  C  Y N 172 
HEC C4D  C  Y N 173 
HEC CMD  C  N N 174 
HEC CAD  C  N N 175 
HEC CBD  C  N N 176 
HEC CGD  C  N N 177 
HEC O1D  O  N N 178 
HEC O2D  O  N N 179 
HEC HHA  H  N N 180 
HEC HHB  H  N N 181 
HEC HHC  H  N N 182 
HEC HHD  H  N N 183 
HEC HMA1 H  N N 184 
HEC HMA2 H  N N 185 
HEC HMA3 H  N N 186 
HEC HAA1 H  N N 187 
HEC HAA2 H  N N 188 
HEC HBA1 H  N N 189 
HEC HBA2 H  N N 190 
HEC H2A  H  N N 191 
HEC HMB1 H  N N 192 
HEC HMB2 H  N N 193 
HEC HMB3 H  N N 194 
HEC HAB  H  N N 195 
HEC HBB1 H  N N 196 
HEC HBB2 H  N N 197 
HEC HBB3 H  N N 198 
HEC HMC1 H  N N 199 
HEC HMC2 H  N N 200 
HEC HMC3 H  N N 201 
HEC HAC  H  N N 202 
HEC HBC1 H  N N 203 
HEC HBC2 H  N N 204 
HEC HBC3 H  N N 205 
HEC HMD1 H  N N 206 
HEC HMD2 H  N N 207 
HEC HMD3 H  N N 208 
HEC HAD1 H  N N 209 
HEC HAD2 H  N N 210 
HEC HBD1 H  N N 211 
HEC HBD2 H  N N 212 
HEC H2D  H  N N 213 
HIS N    N  N N 214 
HIS CA   C  N S 215 
HIS C    C  N N 216 
HIS O    O  N N 217 
HIS CB   C  N N 218 
HIS CG   C  Y N 219 
HIS ND1  N  Y N 220 
HIS CD2  C  Y N 221 
HIS CE1  C  Y N 222 
HIS NE2  N  Y N 223 
HIS OXT  O  N N 224 
HIS H    H  N N 225 
HIS H2   H  N N 226 
HIS HA   H  N N 227 
HIS HB2  H  N N 228 
HIS HB3  H  N N 229 
HIS HD1  H  N N 230 
HIS HD2  H  N N 231 
HIS HE1  H  N N 232 
HIS HE2  H  N N 233 
HIS HXT  H  N N 234 
HOH O    O  N N 235 
HOH H1   H  N N 236 
HOH H2   H  N N 237 
ILE N    N  N N 238 
ILE CA   C  N S 239 
ILE C    C  N N 240 
ILE O    O  N N 241 
ILE CB   C  N S 242 
ILE CG1  C  N N 243 
ILE CG2  C  N N 244 
ILE CD1  C  N N 245 
ILE OXT  O  N N 246 
ILE H    H  N N 247 
ILE H2   H  N N 248 
ILE HA   H  N N 249 
ILE HB   H  N N 250 
ILE HG12 H  N N 251 
ILE HG13 H  N N 252 
ILE HG21 H  N N 253 
ILE HG22 H  N N 254 
ILE HG23 H  N N 255 
ILE HD11 H  N N 256 
ILE HD12 H  N N 257 
ILE HD13 H  N N 258 
ILE HXT  H  N N 259 
LEU N    N  N N 260 
LEU CA   C  N S 261 
LEU C    C  N N 262 
LEU O    O  N N 263 
LEU CB   C  N N 264 
LEU CG   C  N N 265 
LEU CD1  C  N N 266 
LEU CD2  C  N N 267 
LEU OXT  O  N N 268 
LEU H    H  N N 269 
LEU H2   H  N N 270 
LEU HA   H  N N 271 
LEU HB2  H  N N 272 
LEU HB3  H  N N 273 
LEU HG   H  N N 274 
LEU HD11 H  N N 275 
LEU HD12 H  N N 276 
LEU HD13 H  N N 277 
LEU HD21 H  N N 278 
LEU HD22 H  N N 279 
LEU HD23 H  N N 280 
LEU HXT  H  N N 281 
LYS N    N  N N 282 
LYS CA   C  N S 283 
LYS C    C  N N 284 
LYS O    O  N N 285 
LYS CB   C  N N 286 
LYS CG   C  N N 287 
LYS CD   C  N N 288 
LYS CE   C  N N 289 
LYS NZ   N  N N 290 
LYS OXT  O  N N 291 
LYS H    H  N N 292 
LYS H2   H  N N 293 
LYS HA   H  N N 294 
LYS HB2  H  N N 295 
LYS HB3  H  N N 296 
LYS HG2  H  N N 297 
LYS HG3  H  N N 298 
LYS HD2  H  N N 299 
LYS HD3  H  N N 300 
LYS HE2  H  N N 301 
LYS HE3  H  N N 302 
LYS HZ1  H  N N 303 
LYS HZ2  H  N N 304 
LYS HZ3  H  N N 305 
LYS HXT  H  N N 306 
MET N    N  N N 307 
MET CA   C  N S 308 
MET C    C  N N 309 
MET O    O  N N 310 
MET CB   C  N N 311 
MET CG   C  N N 312 
MET SD   S  N N 313 
MET CE   C  N N 314 
MET OXT  O  N N 315 
MET H    H  N N 316 
MET H2   H  N N 317 
MET HA   H  N N 318 
MET HB2  H  N N 319 
MET HB3  H  N N 320 
MET HG2  H  N N 321 
MET HG3  H  N N 322 
MET HE1  H  N N 323 
MET HE2  H  N N 324 
MET HE3  H  N N 325 
MET HXT  H  N N 326 
NA  NA   NA N N 327 
PHE N    N  N N 328 
PHE CA   C  N S 329 
PHE C    C  N N 330 
PHE O    O  N N 331 
PHE CB   C  N N 332 
PHE CG   C  Y N 333 
PHE CD1  C  Y N 334 
PHE CD2  C  Y N 335 
PHE CE1  C  Y N 336 
PHE CE2  C  Y N 337 
PHE CZ   C  Y N 338 
PHE OXT  O  N N 339 
PHE H    H  N N 340 
PHE H2   H  N N 341 
PHE HA   H  N N 342 
PHE HB2  H  N N 343 
PHE HB3  H  N N 344 
PHE HD1  H  N N 345 
PHE HD2  H  N N 346 
PHE HE1  H  N N 347 
PHE HE2  H  N N 348 
PHE HZ   H  N N 349 
PHE HXT  H  N N 350 
SER N    N  N N 351 
SER CA   C  N S 352 
SER C    C  N N 353 
SER O    O  N N 354 
SER CB   C  N N 355 
SER OG   O  N N 356 
SER OXT  O  N N 357 
SER H    H  N N 358 
SER H2   H  N N 359 
SER HA   H  N N 360 
SER HB2  H  N N 361 
SER HB3  H  N N 362 
SER HG   H  N N 363 
SER HXT  H  N N 364 
THR N    N  N N 365 
THR CA   C  N S 366 
THR C    C  N N 367 
THR O    O  N N 368 
THR CB   C  N R 369 
THR OG1  O  N N 370 
THR CG2  C  N N 371 
THR OXT  O  N N 372 
THR H    H  N N 373 
THR H2   H  N N 374 
THR HA   H  N N 375 
THR HB   H  N N 376 
THR HG1  H  N N 377 
THR HG21 H  N N 378 
THR HG22 H  N N 379 
THR HG23 H  N N 380 
THR HXT  H  N N 381 
TRP N    N  N N 382 
TRP CA   C  N S 383 
TRP C    C  N N 384 
TRP O    O  N N 385 
TRP CB   C  N N 386 
TRP CG   C  Y N 387 
TRP CD1  C  Y N 388 
TRP CD2  C  Y N 389 
TRP NE1  N  Y N 390 
TRP CE2  C  Y N 391 
TRP CE3  C  Y N 392 
TRP CZ2  C  Y N 393 
TRP CZ3  C  Y N 394 
TRP CH2  C  Y N 395 
TRP OXT  O  N N 396 
TRP H    H  N N 397 
TRP H2   H  N N 398 
TRP HA   H  N N 399 
TRP HB2  H  N N 400 
TRP HB3  H  N N 401 
TRP HD1  H  N N 402 
TRP HE1  H  N N 403 
TRP HE3  H  N N 404 
TRP HZ2  H  N N 405 
TRP HZ3  H  N N 406 
TRP HH2  H  N N 407 
TRP HXT  H  N N 408 
TYR N    N  N N 409 
TYR CA   C  N S 410 
TYR C    C  N N 411 
TYR O    O  N N 412 
TYR CB   C  N N 413 
TYR CG   C  Y N 414 
TYR CD1  C  Y N 415 
TYR CD2  C  Y N 416 
TYR CE1  C  Y N 417 
TYR CE2  C  Y N 418 
TYR CZ   C  Y N 419 
TYR OH   O  N N 420 
TYR OXT  O  N N 421 
TYR H    H  N N 422 
TYR H2   H  N N 423 
TYR HA   H  N N 424 
TYR HB2  H  N N 425 
TYR HB3  H  N N 426 
TYR HD1  H  N N 427 
TYR HD2  H  N N 428 
TYR HE1  H  N N 429 
TYR HE2  H  N N 430 
TYR HH   H  N N 431 
TYR HXT  H  N N 432 
VAL N    N  N N 433 
VAL CA   C  N S 434 
VAL C    C  N N 435 
VAL O    O  N N 436 
VAL CB   C  N N 437 
VAL CG1  C  N N 438 
VAL CG2  C  N N 439 
VAL OXT  O  N N 440 
VAL H    H  N N 441 
VAL H2   H  N N 442 
VAL HA   H  N N 443 
VAL HB   H  N N 444 
VAL HG11 H  N N 445 
VAL HG12 H  N N 446 
VAL HG13 H  N N 447 
VAL HG21 H  N N 448 
VAL HG22 H  N N 449 
VAL HG23 H  N N 450 
VAL HXT  H  N N 451 
# 
loop_
_chem_comp_bond.comp_id 
_chem_comp_bond.atom_id_1 
_chem_comp_bond.atom_id_2 
_chem_comp_bond.value_order 
_chem_comp_bond.pdbx_aromatic_flag 
_chem_comp_bond.pdbx_stereo_config 
_chem_comp_bond.pdbx_ordinal 
ALA N   CA   sing N N 1   
ALA N   H    sing N N 2   
ALA N   H2   sing N N 3   
ALA CA  C    sing N N 4   
ALA CA  CB   sing N N 5   
ALA CA  HA   sing N N 6   
ALA C   O    doub N N 7   
ALA C   OXT  sing N N 8   
ALA CB  HB1  sing N N 9   
ALA CB  HB2  sing N N 10  
ALA CB  HB3  sing N N 11  
ALA OXT HXT  sing N N 12  
ARG N   CA   sing N N 13  
ARG N   H    sing N N 14  
ARG N   H2   sing N N 15  
ARG CA  C    sing N N 16  
ARG CA  CB   sing N N 17  
ARG CA  HA   sing N N 18  
ARG C   O    doub N N 19  
ARG C   OXT  sing N N 20  
ARG CB  CG   sing N N 21  
ARG CB  HB2  sing N N 22  
ARG CB  HB3  sing N N 23  
ARG CG  CD   sing N N 24  
ARG CG  HG2  sing N N 25  
ARG CG  HG3  sing N N 26  
ARG CD  NE   sing N N 27  
ARG CD  HD2  sing N N 28  
ARG CD  HD3  sing N N 29  
ARG NE  CZ   sing N N 30  
ARG NE  HE   sing N N 31  
ARG CZ  NH1  sing N N 32  
ARG CZ  NH2  doub N N 33  
ARG NH1 HH11 sing N N 34  
ARG NH1 HH12 sing N N 35  
ARG NH2 HH21 sing N N 36  
ARG NH2 HH22 sing N N 37  
ARG OXT HXT  sing N N 38  
ASN N   CA   sing N N 39  
ASN N   H    sing N N 40  
ASN N   H2   sing N N 41  
ASN CA  C    sing N N 42  
ASN CA  CB   sing N N 43  
ASN CA  HA   sing N N 44  
ASN C   O    doub N N 45  
ASN C   OXT  sing N N 46  
ASN CB  CG   sing N N 47  
ASN CB  HB2  sing N N 48  
ASN CB  HB3  sing N N 49  
ASN CG  OD1  doub N N 50  
ASN CG  ND2  sing N N 51  
ASN ND2 HD21 sing N N 52  
ASN ND2 HD22 sing N N 53  
ASN OXT HXT  sing N N 54  
ASP N   CA   sing N N 55  
ASP N   H    sing N N 56  
ASP N   H2   sing N N 57  
ASP CA  C    sing N N 58  
ASP CA  CB   sing N N 59  
ASP CA  HA   sing N N 60  
ASP C   O    doub N N 61  
ASP C   OXT  sing N N 62  
ASP CB  CG   sing N N 63  
ASP CB  HB2  sing N N 64  
ASP CB  HB3  sing N N 65  
ASP CG  OD1  doub N N 66  
ASP CG  OD2  sing N N 67  
ASP OD2 HD2  sing N N 68  
ASP OXT HXT  sing N N 69  
CYS N   CA   sing N N 70  
CYS N   H    sing N N 71  
CYS N   H2   sing N N 72  
CYS CA  C    sing N N 73  
CYS CA  CB   sing N N 74  
CYS CA  HA   sing N N 75  
CYS C   O    doub N N 76  
CYS C   OXT  sing N N 77  
CYS CB  SG   sing N N 78  
CYS CB  HB2  sing N N 79  
CYS CB  HB3  sing N N 80  
CYS SG  HG   sing N N 81  
CYS OXT HXT  sing N N 82  
GLN N   CA   sing N N 83  
GLN N   H    sing N N 84  
GLN N   H2   sing N N 85  
GLN CA  C    sing N N 86  
GLN CA  CB   sing N N 87  
GLN CA  HA   sing N N 88  
GLN C   O    doub N N 89  
GLN C   OXT  sing N N 90  
GLN CB  CG   sing N N 91  
GLN CB  HB2  sing N N 92  
GLN CB  HB3  sing N N 93  
GLN CG  CD   sing N N 94  
GLN CG  HG2  sing N N 95  
GLN CG  HG3  sing N N 96  
GLN CD  OE1  doub N N 97  
GLN CD  NE2  sing N N 98  
GLN NE2 HE21 sing N N 99  
GLN NE2 HE22 sing N N 100 
GLN OXT HXT  sing N N 101 
GLU N   CA   sing N N 102 
GLU N   H    sing N N 103 
GLU N   H2   sing N N 104 
GLU CA  C    sing N N 105 
GLU CA  CB   sing N N 106 
GLU CA  HA   sing N N 107 
GLU C   O    doub N N 108 
GLU C   OXT  sing N N 109 
GLU CB  CG   sing N N 110 
GLU CB  HB2  sing N N 111 
GLU CB  HB3  sing N N 112 
GLU CG  CD   sing N N 113 
GLU CG  HG2  sing N N 114 
GLU CG  HG3  sing N N 115 
GLU CD  OE1  doub N N 116 
GLU CD  OE2  sing N N 117 
GLU OE2 HE2  sing N N 118 
GLU OXT HXT  sing N N 119 
GLY N   CA   sing N N 120 
GLY N   H    sing N N 121 
GLY N   H2   sing N N 122 
GLY CA  C    sing N N 123 
GLY CA  HA2  sing N N 124 
GLY CA  HA3  sing N N 125 
GLY C   O    doub N N 126 
GLY C   OXT  sing N N 127 
GLY OXT HXT  sing N N 128 
HEC FE  NA   sing N N 129 
HEC FE  NB   sing N N 130 
HEC FE  NC   sing N N 131 
HEC FE  ND   sing N N 132 
HEC CHA C1A  doub N N 133 
HEC CHA C4D  sing N N 134 
HEC CHA HHA  sing N N 135 
HEC CHB C4A  doub N N 136 
HEC CHB C1B  sing N N 137 
HEC CHB HHB  sing N N 138 
HEC CHC C4B  doub N N 139 
HEC CHC C1C  sing N N 140 
HEC CHC HHC  sing N N 141 
HEC CHD C4C  doub N N 142 
HEC CHD C1D  sing N N 143 
HEC CHD HHD  sing N N 144 
HEC NA  C1A  sing Y N 145 
HEC NA  C4A  sing Y N 146 
HEC C1A C2A  sing Y N 147 
HEC C2A C3A  doub Y N 148 
HEC C2A CAA  sing N N 149 
HEC C3A C4A  sing Y N 150 
HEC C3A CMA  sing N N 151 
HEC CMA HMA1 sing N N 152 
HEC CMA HMA2 sing N N 153 
HEC CMA HMA3 sing N N 154 
HEC CAA CBA  sing N N 155 
HEC CAA HAA1 sing N N 156 
HEC CAA HAA2 sing N N 157 
HEC CBA CGA  sing N N 158 
HEC CBA HBA1 sing N N 159 
HEC CBA HBA2 sing N N 160 
HEC CGA O1A  doub N N 161 
HEC CGA O2A  sing N N 162 
HEC O2A H2A  sing N N 163 
HEC NB  C1B  sing Y N 164 
HEC NB  C4B  sing Y N 165 
HEC C1B C2B  doub Y N 166 
HEC C2B C3B  sing Y N 167 
HEC C2B CMB  sing N N 168 
HEC C3B C4B  sing Y N 169 
HEC C3B CAB  doub N E 170 
HEC CMB HMB1 sing N N 171 
HEC CMB HMB2 sing N N 172 
HEC CMB HMB3 sing N N 173 
HEC CAB CBB  sing N N 174 
HEC CAB HAB  sing N N 175 
HEC CBB HBB1 sing N N 176 
HEC CBB HBB2 sing N N 177 
HEC CBB HBB3 sing N N 178 
HEC NC  C1C  sing Y N 179 
HEC NC  C4C  sing Y N 180 
HEC C1C C2C  doub Y N 181 
HEC C2C C3C  sing Y N 182 
HEC C2C CMC  sing N N 183 
HEC C3C C4C  sing Y N 184 
HEC C3C CAC  doub N E 185 
HEC CMC HMC1 sing N N 186 
HEC CMC HMC2 sing N N 187 
HEC CMC HMC3 sing N N 188 
HEC CAC CBC  sing N N 189 
HEC CAC HAC  sing N N 190 
HEC CBC HBC1 sing N N 191 
HEC CBC HBC2 sing N N 192 
HEC CBC HBC3 sing N N 193 
HEC ND  C1D  sing Y N 194 
HEC ND  C4D  sing Y N 195 
HEC C1D C2D  doub Y N 196 
HEC C2D C3D  sing Y N 197 
HEC C2D CMD  sing N N 198 
HEC C3D C4D  doub Y N 199 
HEC C3D CAD  sing N N 200 
HEC CMD HMD1 sing N N 201 
HEC CMD HMD2 sing N N 202 
HEC CMD HMD3 sing N N 203 
HEC CAD CBD  sing N N 204 
HEC CAD HAD1 sing N N 205 
HEC CAD HAD2 sing N N 206 
HEC CBD CGD  sing N N 207 
HEC CBD HBD1 sing N N 208 
HEC CBD HBD2 sing N N 209 
HEC CGD O1D  doub N N 210 
HEC CGD O2D  sing N N 211 
HEC O2D H2D  sing N N 212 
HIS N   CA   sing N N 213 
HIS N   H    sing N N 214 
HIS N   H2   sing N N 215 
HIS CA  C    sing N N 216 
HIS CA  CB   sing N N 217 
HIS CA  HA   sing N N 218 
HIS C   O    doub N N 219 
HIS C   OXT  sing N N 220 
HIS CB  CG   sing N N 221 
HIS CB  HB2  sing N N 222 
HIS CB  HB3  sing N N 223 
HIS CG  ND1  sing Y N 224 
HIS CG  CD2  doub Y N 225 
HIS ND1 CE1  doub Y N 226 
HIS ND1 HD1  sing N N 227 
HIS CD2 NE2  sing Y N 228 
HIS CD2 HD2  sing N N 229 
HIS CE1 NE2  sing Y N 230 
HIS CE1 HE1  sing N N 231 
HIS NE2 HE2  sing N N 232 
HIS OXT HXT  sing N N 233 
HOH O   H1   sing N N 234 
HOH O   H2   sing N N 235 
ILE N   CA   sing N N 236 
ILE N   H    sing N N 237 
ILE N   H2   sing N N 238 
ILE CA  C    sing N N 239 
ILE CA  CB   sing N N 240 
ILE CA  HA   sing N N 241 
ILE C   O    doub N N 242 
ILE C   OXT  sing N N 243 
ILE CB  CG1  sing N N 244 
ILE CB  CG2  sing N N 245 
ILE CB  HB   sing N N 246 
ILE CG1 CD1  sing N N 247 
ILE CG1 HG12 sing N N 248 
ILE CG1 HG13 sing N N 249 
ILE CG2 HG21 sing N N 250 
ILE CG2 HG22 sing N N 251 
ILE CG2 HG23 sing N N 252 
ILE CD1 HD11 sing N N 253 
ILE CD1 HD12 sing N N 254 
ILE CD1 HD13 sing N N 255 
ILE OXT HXT  sing N N 256 
LEU N   CA   sing N N 257 
LEU N   H    sing N N 258 
LEU N   H2   sing N N 259 
LEU CA  C    sing N N 260 
LEU CA  CB   sing N N 261 
LEU CA  HA   sing N N 262 
LEU C   O    doub N N 263 
LEU C   OXT  sing N N 264 
LEU CB  CG   sing N N 265 
LEU CB  HB2  sing N N 266 
LEU CB  HB3  sing N N 267 
LEU CG  CD1  sing N N 268 
LEU CG  CD2  sing N N 269 
LEU CG  HG   sing N N 270 
LEU CD1 HD11 sing N N 271 
LEU CD1 HD12 sing N N 272 
LEU CD1 HD13 sing N N 273 
LEU CD2 HD21 sing N N 274 
LEU CD2 HD22 sing N N 275 
LEU CD2 HD23 sing N N 276 
LEU OXT HXT  sing N N 277 
LYS N   CA   sing N N 278 
LYS N   H    sing N N 279 
LYS N   H2   sing N N 280 
LYS CA  C    sing N N 281 
LYS CA  CB   sing N N 282 
LYS CA  HA   sing N N 283 
LYS C   O    doub N N 284 
LYS C   OXT  sing N N 285 
LYS CB  CG   sing N N 286 
LYS CB  HB2  sing N N 287 
LYS CB  HB3  sing N N 288 
LYS CG  CD   sing N N 289 
LYS CG  HG2  sing N N 290 
LYS CG  HG3  sing N N 291 
LYS CD  CE   sing N N 292 
LYS CD  HD2  sing N N 293 
LYS CD  HD3  sing N N 294 
LYS CE  NZ   sing N N 295 
LYS CE  HE2  sing N N 296 
LYS CE  HE3  sing N N 297 
LYS NZ  HZ1  sing N N 298 
LYS NZ  HZ2  sing N N 299 
LYS NZ  HZ3  sing N N 300 
LYS OXT HXT  sing N N 301 
MET N   CA   sing N N 302 
MET N   H    sing N N 303 
MET N   H2   sing N N 304 
MET CA  C    sing N N 305 
MET CA  CB   sing N N 306 
MET CA  HA   sing N N 307 
MET C   O    doub N N 308 
MET C   OXT  sing N N 309 
MET CB  CG   sing N N 310 
MET CB  HB2  sing N N 311 
MET CB  HB3  sing N N 312 
MET CG  SD   sing N N 313 
MET CG  HG2  sing N N 314 
MET CG  HG3  sing N N 315 
MET SD  CE   sing N N 316 
MET CE  HE1  sing N N 317 
MET CE  HE2  sing N N 318 
MET CE  HE3  sing N N 319 
MET OXT HXT  sing N N 320 
PHE N   CA   sing N N 321 
PHE N   H    sing N N 322 
PHE N   H2   sing N N 323 
PHE CA  C    sing N N 324 
PHE CA  CB   sing N N 325 
PHE CA  HA   sing N N 326 
PHE C   O    doub N N 327 
PHE C   OXT  sing N N 328 
PHE CB  CG   sing N N 329 
PHE CB  HB2  sing N N 330 
PHE CB  HB3  sing N N 331 
PHE CG  CD1  doub Y N 332 
PHE CG  CD2  sing Y N 333 
PHE CD1 CE1  sing Y N 334 
PHE CD1 HD1  sing N N 335 
PHE CD2 CE2  doub Y N 336 
PHE CD2 HD2  sing N N 337 
PHE CE1 CZ   doub Y N 338 
PHE CE1 HE1  sing N N 339 
PHE CE2 CZ   sing Y N 340 
PHE CE2 HE2  sing N N 341 
PHE CZ  HZ   sing N N 342 
PHE OXT HXT  sing N N 343 
SER N   CA   sing N N 344 
SER N   H    sing N N 345 
SER N   H2   sing N N 346 
SER CA  C    sing N N 347 
SER CA  CB   sing N N 348 
SER CA  HA   sing N N 349 
SER C   O    doub N N 350 
SER C   OXT  sing N N 351 
SER CB  OG   sing N N 352 
SER CB  HB2  sing N N 353 
SER CB  HB3  sing N N 354 
SER OG  HG   sing N N 355 
SER OXT HXT  sing N N 356 
THR N   CA   sing N N 357 
THR N   H    sing N N 358 
THR N   H2   sing N N 359 
THR CA  C    sing N N 360 
THR CA  CB   sing N N 361 
THR CA  HA   sing N N 362 
THR C   O    doub N N 363 
THR C   OXT  sing N N 364 
THR CB  OG1  sing N N 365 
THR CB  CG2  sing N N 366 
THR CB  HB   sing N N 367 
THR OG1 HG1  sing N N 368 
THR CG2 HG21 sing N N 369 
THR CG2 HG22 sing N N 370 
THR CG2 HG23 sing N N 371 
THR OXT HXT  sing N N 372 
TRP N   CA   sing N N 373 
TRP N   H    sing N N 374 
TRP N   H2   sing N N 375 
TRP CA  C    sing N N 376 
TRP CA  CB   sing N N 377 
TRP CA  HA   sing N N 378 
TRP C   O    doub N N 379 
TRP C   OXT  sing N N 380 
TRP CB  CG   sing N N 381 
TRP CB  HB2  sing N N 382 
TRP CB  HB3  sing N N 383 
TRP CG  CD1  doub Y N 384 
TRP CG  CD2  sing Y N 385 
TRP CD1 NE1  sing Y N 386 
TRP CD1 HD1  sing N N 387 
TRP CD2 CE2  doub Y N 388 
TRP CD2 CE3  sing Y N 389 
TRP NE1 CE2  sing Y N 390 
TRP NE1 HE1  sing N N 391 
TRP CE2 CZ2  sing Y N 392 
TRP CE3 CZ3  doub Y N 393 
TRP CE3 HE3  sing N N 394 
TRP CZ2 CH2  doub Y N 395 
TRP CZ2 HZ2  sing N N 396 
TRP CZ3 CH2  sing Y N 397 
TRP CZ3 HZ3  sing N N 398 
TRP CH2 HH2  sing N N 399 
TRP OXT HXT  sing N N 400 
TYR N   CA   sing N N 401 
TYR N   H    sing N N 402 
TYR N   H2   sing N N 403 
TYR CA  C    sing N N 404 
TYR CA  CB   sing N N 405 
TYR CA  HA   sing N N 406 
TYR C   O    doub N N 407 
TYR C   OXT  sing N N 408 
TYR CB  CG   sing N N 409 
TYR CB  HB2  sing N N 410 
TYR CB  HB3  sing N N 411 
TYR CG  CD1  doub Y N 412 
TYR CG  CD2  sing Y N 413 
TYR CD1 CE1  sing Y N 414 
TYR CD1 HD1  sing N N 415 
TYR CD2 CE2  doub Y N 416 
TYR CD2 HD2  sing N N 417 
TYR CE1 CZ   doub Y N 418 
TYR CE1 HE1  sing N N 419 
TYR CE2 CZ   sing Y N 420 
TYR CE2 HE2  sing N N 421 
TYR CZ  OH   sing N N 422 
TYR OH  HH   sing N N 423 
TYR OXT HXT  sing N N 424 
VAL N   CA   sing N N 425 
VAL N   H    sing N N 426 
VAL N   H2   sing N N 427 
VAL CA  C    sing N N 428 
VAL CA  CB   sing N N 429 
VAL CA  HA   sing N N 430 
VAL C   O    doub N N 431 
VAL C   OXT  sing N N 432 
VAL CB  CG1  sing N N 433 
VAL CB  CG2  sing N N 434 
VAL CB  HB   sing N N 435 
VAL CG1 HG11 sing N N 436 
VAL CG1 HG12 sing N N 437 
VAL CG1 HG13 sing N N 438 
VAL CG2 HG21 sing N N 439 
VAL CG2 HG22 sing N N 440 
VAL CG2 HG23 sing N N 441 
VAL OXT HXT  sing N N 442 
# 
_pdbx_initial_refinement_model.id               1 
_pdbx_initial_refinement_model.entity_id_list   ? 
_pdbx_initial_refinement_model.type             'experimental model' 
_pdbx_initial_refinement_model.source_name      PDB 
_pdbx_initial_refinement_model.accession_code   4EIF 
_pdbx_initial_refinement_model.details          'PDB ENTRY 4EIF' 
# 
_atom_sites.entry_id                    4KMG 
_atom_sites.fract_transf_matrix[1][1]   0.00473614 
_atom_sites.fract_transf_matrix[1][2]   0.00801978 
_atom_sites.fract_transf_matrix[1][3]   -0.00148575 
_atom_sites.fract_transf_matrix[2][1]   -0.02791760 
_atom_sites.fract_transf_matrix[2][2]   0.01815999 
_atom_sites.fract_transf_matrix[2][3]   0.00903080 
_atom_sites.fract_transf_matrix[3][1]   0.01319400 
_atom_sites.fract_transf_matrix[3][2]   0.00122467 
_atom_sites.fract_transf_matrix[3][3]   0.03832495 
_atom_sites.fract_transf_vector[1]      -0.144224 
_atom_sites.fract_transf_vector[2]      0.029885 
_atom_sites.fract_transf_vector[3]      0.270874 
# 
loop_
_atom_type.symbol 
C  
FE 
N  
NA 
O  
S  
# 
loop_
_atom_site.group_PDB 
_atom_site.id 
_atom_site.type_symbol 
_atom_site.label_atom_id 
_atom_site.label_alt_id 
_atom_site.label_comp_id 
_atom_site.label_asym_id 
_atom_site.label_entity_id 
_atom_site.label_seq_id 
_atom_site.pdbx_PDB_ins_code 
_atom_site.Cartn_x 
_atom_site.Cartn_y 
_atom_site.Cartn_z 
_atom_site.occupancy 
_atom_site.B_iso_or_equiv 
_atom_site.pdbx_formal_charge 
_atom_site.auth_seq_id 
_atom_site.auth_comp_id 
_atom_site.auth_asym_id 
_atom_site.auth_atom_id 
_atom_site.pdbx_PDB_model_num 
ATOM   1   N  N   . GLU A 1 1  ? -7.949  9.670   11.513  0.50 27.51 ? 1   GLU A N   1 
ATOM   2   C  CA  . GLU A 1 1  ? -7.988  10.390  12.798  0.50 27.17 ? 1   GLU A CA  1 
ATOM   3   C  C   . GLU A 1 1  ? -7.024  9.810   13.840  0.50 28.77 ? 1   GLU A C   1 
ATOM   4   O  O   . GLU A 1 1  ? -6.440  10.547  14.595  0.50 34.62 ? 1   GLU A O   1 
ATOM   5   C  CB  . GLU A 1 1  ? -9.425  10.432  13.325  0.50 26.14 ? 1   GLU A CB  1 
ATOM   6   C  CG  . GLU A 1 1  ? -9.949  9.176   13.981  0.50 23.97 ? 1   GLU A CG  1 
ATOM   7   C  CD  . GLU A 1 1  ? -11.201 9.491   14.756  0.50 29.09 ? 1   GLU A CD  1 
ATOM   8   O  OE1 . GLU A 1 1  ? -11.234 10.577  15.388  0.50 27.64 ? 1   GLU A OE1 1 
ATOM   9   O  OE2 . GLU A 1 1  ? -12.152 8.689   14.713  0.50 31.39 ? 1   GLU A OE2 1 
ATOM   10  N  N   . THR A 1 2  ? -6.852  8.496   13.844  0.50 28.74 ? 2   THR A N   1 
ATOM   11  C  CA  . THR A 1 2  ? -5.991  7.812   14.809  0.50 22.79 ? 2   THR A CA  1 
ATOM   12  C  C   . THR A 1 2  ? -4.556  7.684   14.284  0.75 27.00 ? 2   THR A C   1 
ATOM   13  O  O   . THR A 1 2  ? -4.316  7.020   13.275  0.75 23.73 ? 2   THR A O   1 
ATOM   14  C  CB  . THR A 1 2  ? -6.510  6.399   15.066  0.50 22.81 ? 2   THR A CB  1 
ATOM   15  O  OG1 . THR A 1 2  ? -7.836  6.479   15.572  0.50 24.71 ? 2   THR A OG1 1 
ATOM   16  C  CG2 . THR A 1 2  ? -5.601  5.653   16.047  0.50 21.84 ? 2   THR A CG2 1 
ATOM   17  N  N   . SER A 1 3  ? -3.605  8.278   15.004  0.75 25.56 ? 3   SER A N   1 
ATOM   18  C  CA  . SER A 1 3  ? -2.205  8.253   14.593  0.75 22.77 ? 3   SER A CA  1 
ATOM   19  C  C   . SER A 1 3  ? -1.764  6.819   14.413  0.75 21.00 ? 3   SER A C   1 
ATOM   20  O  O   . SER A 1 3  ? -2.017  5.956   15.250  0.75 23.33 ? 3   SER A O   1 
ATOM   21  C  CB  . SER A 1 3  ? -1.314  8.966   15.611  0.75 24.52 ? 3   SER A CB  1 
ATOM   22  O  OG  . SER A 1 3  ? -1.563  10.366  15.556  0.50 28.86 ? 3   SER A OG  1 
ATOM   23  N  N   . GLY A 1 4  ? -1.083  6.569   13.303  1.00 20.12 ? 4   GLY A N   1 
ATOM   24  C  CA  . GLY A 1 4  ? -0.531  5.288   13.058  1.00 17.19 ? 4   GLY A CA  1 
ATOM   25  C  C   . GLY A 1 4  ? -1.376  4.122   12.600  1.00 17.06 ? 4   GLY A C   1 
ATOM   26  O  O   . GLY A 1 4  ? -0.816  3.042   12.358  1.00 15.65 ? 4   GLY A O   1 
ATOM   27  N  N   . GLU A 1 5  ? -2.678  4.293   12.434  1.00 17.23 ? 5   GLU A N   1 
ATOM   28  C  CA  . GLU A 1 5  ? -3.514  3.161   12.196  1.00 15.98 ? 5   GLU A CA  1 
ATOM   29  C  C   . GLU A 1 5  ? -3.210  2.526   10.846  1.00 12.97 ? 5   GLU A C   1 
ATOM   30  O  O   . GLU A 1 5  ? -3.083  1.318   10.739  1.00 14.15 ? 5   GLU A O   1 
ATOM   31  C  CB  . GLU A 1 5  ? -5.000  3.534   12.268  1.00 17.76 ? 5   GLU A CB  1 
ATOM   32  C  CG  . GLU A 1 5  ? -5.907  2.338   12.394  0.75 19.54 ? 5   GLU A CG  1 
ATOM   33  C  CD  . GLU A 1 5  ? -7.321  2.774   12.701  0.75 24.16 ? 5   GLU A CD  1 
ATOM   34  O  OE1 . GLU A 1 5  ? -7.576  3.992   12.861  0.75 27.13 ? 5   GLU A OE1 1 
ATOM   35  O  OE2 . GLU A 1 5  ? -8.168  1.895   12.769  0.75 29.65 ? 5   GLU A OE2 1 
ATOM   36  N  N   . GLY A 1 6  ? -3.022  3.359   9.842   1.00 13.34 ? 6   GLY A N   1 
ATOM   37  C  CA  . GLY A 1 6  ? -2.635  2.840   8.543   1.00 11.85 ? 6   GLY A CA  1 
ATOM   38  C  C   . GLY A 1 6  ? -1.293  2.184   8.510   1.00 11.26 ? 6   GLY A C   1 
ATOM   39  O  O   . GLY A 1 6  ? -1.100  1.094   7.890   1.00 11.04 ? 6   GLY A O   1 
ATOM   40  N  N   . ALA A 1 7  ? -0.338  2.795   9.199   1.00 11.60 ? 7   ALA A N   1 
ATOM   41  C  CA  . ALA A 1 7  ? 0.996   2.172   9.325   1.00 11.82 ? 7   ALA A CA  1 
ATOM   42  C  C   . ALA A 1 7  ? 0.977   0.827   10.030  1.00 11.33 ? 7   ALA A C   1 
ATOM   43  O  O   . ALA A 1 7  ? 1.644   -0.136  9.607   1.00 10.71 ? 7   ALA A O   1 
ATOM   44  C  CB  . ALA A 1 7  ? 1.959   3.100   10.062  1.00 11.87 ? 7   ALA A CB  1 
ATOM   45  N  N   . VAL A 1 8  ? 0.150   0.709   11.074  1.00 11.80 ? 8   VAL A N   1 
ATOM   46  C  CA  . VAL A 1 8  ? 0.045   -0.593  11.773  1.00 11.28 ? 8   VAL A CA  1 
ATOM   47  C  C   . VAL A 1 8  ? -0.606  -1.659  10.862  1.00 10.73 ? 8   VAL A C   1 
ATOM   48  O  O   . VAL A 1 8  ? -0.115  -2.807  10.784  1.00 13.27 ? 8   VAL A O   1 
ATOM   49  C  CB  . VAL A 1 8  ? -0.714  -0.433  13.090  1.00 14.44 ? 8   VAL A CB  1 
ATOM   50  C  CG1 . VAL A 1 8  ? -1.065  -1.781  13.677  1.00 18.24 ? 8   VAL A CG1 1 
ATOM   51  C  CG2 . VAL A 1 8  ? 0.074   0.414   14.106  1.00 15.80 ? 8   VAL A CG2 1 
ATOM   52  N  N   . LEU A 1 9  ? -1.691  -1.308  10.143  1.00 11.58 ? 9   LEU A N   1 
ATOM   53  C  CA  . LEU A 1 9  ? -2.259  -2.227  9.170   1.00 11.45 ? 9   LEU A CA  1 
ATOM   54  C  C   . LEU A 1 9  ? -1.214  -2.642  8.139   1.00 12.05 ? 9   LEU A C   1 
ATOM   55  O  O   . LEU A 1 9  ? -1.149  -3.817  7.784   1.00 10.85 ? 9   LEU A O   1 
ATOM   56  C  CB  . LEU A 1 9  ? -3.450  -1.593  8.458   1.00 12.35 ? 9   LEU A CB  1 
ATOM   57  C  CG  . LEU A 1 9  ? -4.714  -1.453  9.353   1.00 15.13 ? 9   LEU A CG  1 
ATOM   58  C  CD1 . LEU A 1 9  ? -5.749  -0.533  8.709   1.00 19.03 ? 9   LEU A CD1 1 
ATOM   59  C  CD2 . LEU A 1 9  ? -5.338  -2.811  9.723   1.00 16.66 ? 9   LEU A CD2 1 
ATOM   60  N  N   . PHE A 1 10 ? -0.390  -1.678  7.695   1.00 10.60 ? 10  PHE A N   1 
ATOM   61  C  CA  . PHE A 1 10 ? 0.632   -2.010  6.704   1.00 10.17 ? 10  PHE A CA  1 
ATOM   62  C  C   . PHE A 1 10 ? 1.592   -3.050  7.284   1.00 10.16 ? 10  PHE A C   1 
ATOM   63  O  O   . PHE A 1 10 ? 1.923   -4.012  6.641   1.00 11.39 ? 10  PHE A O   1 
ATOM   64  C  CB  . PHE A 1 10 ? 1.400   -0.760  6.241   1.00 9.80  ? 10  PHE A CB  1 
ATOM   65  C  CG  . PHE A 1 10 ? 2.429   -1.034  5.186   1.00 11.21 ? 10  PHE A CG  1 
ATOM   66  C  CD1 . PHE A 1 10 ? 3.750   -1.319  5.520   1.00 12.73 ? 10  PHE A CD1 1 
ATOM   67  C  CD2 . PHE A 1 10 ? 2.103   -1.004  3.845   1.00 11.12 ? 10  PHE A CD2 1 
ATOM   68  C  CE1 . PHE A 1 10 ? 4.713   -1.559  4.537   1.00 12.68 ? 10  PHE A CE1 1 
ATOM   69  C  CE2 . PHE A 1 10 ? 3.068   -1.178  2.864   1.00 10.13 ? 10  PHE A CE2 1 
ATOM   70  C  CZ  . PHE A 1 10 ? 4.378   -1.501  3.217   1.00 12.72 ? 10  PHE A CZ  1 
ATOM   71  N  N   . GLY A 1 11 ? 2.052   -2.817  8.511   1.00 10.87 ? 11  GLY A N   1 
ATOM   72  C  CA  . GLY A 1 11 ? 2.940   -3.812  9.111   1.00 12.99 ? 11  GLY A CA  1 
ATOM   73  C  C   . GLY A 1 11 ? 2.329   -5.200  9.296   1.00 15.24 ? 11  GLY A C   1 
ATOM   74  O  O   . GLY A 1 11 ? 3.009   -6.205  9.142   1.00 17.05 ? 11  GLY A O   1 
ATOM   75  N  N   . GLN A 1 12 ? 1.048   -5.246  9.665   1.00 13.41 ? 12  GLN A N   1 
ATOM   76  C  CA  . GLN A 1 12 ? 0.366   -6.487  9.889   1.00 15.25 ? 12  GLN A CA  1 
ATOM   77  C  C   . GLN A 1 12 ? 0.115   -7.278  8.588   1.00 14.62 ? 12  GLN A C   1 
ATOM   78  O  O   . GLN A 1 12 ? 0.303   -8.513  8.559   1.00 17.67 ? 12  GLN A O   1 
ATOM   79  C  CB  . GLN A 1 12 ? -0.978  -6.245  10.533  1.00 17.21 ? 12  GLN A CB  1 
ATOM   80  C  CG  . GLN A 1 12 ? -0.911  -5.837  11.989  1.00 19.49 ? 12  GLN A CG  1 
ATOM   81  C  CD  . GLN A 1 12 ? -0.499  -6.978  12.925  0.75 20.82 ? 12  GLN A CD  1 
ATOM   82  O  OE1 . GLN A 1 12 ? -0.303  -8.128  12.532  0.75 25.37 ? 12  GLN A OE1 1 
ATOM   83  N  NE2 . GLN A 1 12 ? -0.353  -6.631  14.184  0.75 27.71 ? 12  GLN A NE2 1 
ATOM   84  N  N   . HIS A 1 13 ? -0.236  -6.576  7.511   1.00 12.24 ? 13  HIS A N   1 
ATOM   85  C  CA  . HIS A 1 13 ? -0.810  -7.261  6.337   1.00 12.33 ? 13  HIS A CA  1 
ATOM   86  C  C   . HIS A 1 13 ? -0.020  -7.080  5.062   1.00 11.70 ? 13  HIS A C   1 
ATOM   87  O  O   . HIS A 1 13 ? -0.261  -7.800  4.106   1.00 13.07 ? 13  HIS A O   1 
ATOM   88  C  CB  . HIS A 1 13 ? -2.226  -6.753  6.088   1.00 12.37 ? 13  HIS A CB  1 
ATOM   89  C  CG  . HIS A 1 13 ? -3.133  -6.946  7.250   1.00 11.66 ? 13  HIS A CG  1 
ATOM   90  N  ND1 . HIS A 1 13 ? -3.583  -8.184  7.618   1.00 12.56 ? 13  HIS A ND1 1 
ATOM   91  C  CD2 . HIS A 1 13 ? -3.660  -6.053  8.157   1.00 10.55 ? 13  HIS A CD2 1 
ATOM   92  C  CE1 . HIS A 1 13 ? -4.344  -8.067  8.709   1.00 12.68 ? 13  HIS A CE1 1 
ATOM   93  N  NE2 . HIS A 1 13 ? -4.428  -6.743  9.017   1.00 13.13 ? 13  HIS A NE2 1 
ATOM   94  N  N   . CYS A 1 14 ? 0.911   -6.115  5.019   1.00 11.48 ? 14  CYS A N   1 
ATOM   95  C  CA  . CYS A 1 14 ? 1.571   -5.754  3.770   1.00 12.17 ? 14  CYS A CA  1 
ATOM   96  C  C   . CYS A 1 14 ? 3.106   -5.805  3.763   1.00 11.61 ? 14  CYS A C   1 
ATOM   97  O  O   . CYS A 1 14 ? 3.697   -6.085  2.737   1.00 12.21 ? 14  CYS A O   1 
ATOM   98  C  CB  . CYS A 1 14 ? 1.143   -4.344  3.326   1.00 9.88  ? 14  CYS A CB  1 
ATOM   99  S  SG  . CYS A 1 14 ? -0.627  -3.944  3.547   1.00 10.66 ? 14  CYS A SG  1 
ATOM   100 N  N   . ALA A 1 15 ? 3.733   -5.443  4.878   1.00 11.14 ? 15  ALA A N   1 
ATOM   101 C  CA  . ALA A 1 15 ? 5.169   -5.297  4.976   1.00 13.41 ? 15  ALA A CA  1 
ATOM   102 C  C   . ALA A 1 15 ? 5.932   -6.562  4.604   1.00 13.49 ? 15  ALA A C   1 
ATOM   103 O  O   . ALA A 1 15 ? 7.075   -6.487  4.137   1.00 14.44 ? 15  ALA A O   1 
ATOM   104 C  CB  . ALA A 1 15 ? 5.542   -4.839  6.355   1.00 13.32 ? 15  ALA A CB  1 
ATOM   105 N  N   . GLY A 1 16 ? 5.315   -7.721  4.825   1.00 12.78 ? 16  GLY A N   1 
ATOM   106 C  CA  . GLY A 1 16 ? 5.969   -8.990  4.523   1.00 14.61 ? 16  GLY A CA  1 
ATOM   107 C  C   . GLY A 1 16 ? 6.398   -9.082  3.084   1.00 15.51 ? 16  GLY A C   1 
ATOM   108 O  O   . GLY A 1 16 ? 7.440   -9.714  2.755   1.00 16.68 ? 16  GLY A O   1 
ATOM   109 N  N   . CYS A 1 17 ? 5.608   -8.454  2.214   1.00 12.21 ? 17  CYS A N   1 
ATOM   110 C  CA  . CYS A 1 17 ? 5.964   -8.342  0.785   1.00 11.66 ? 17  CYS A CA  1 
ATOM   111 C  C   . CYS A 1 17 ? 6.462   -6.993  0.356   1.00 11.75 ? 17  CYS A C   1 
ATOM   112 O  O   . CYS A 1 17 ? 7.165   -6.914  -0.643  1.00 14.13 ? 17  CYS A O   1 
ATOM   113 C  CB  . CYS A 1 17 ? 4.789   -8.802  -0.098  1.00 12.13 ? 17  CYS A CB  1 
ATOM   114 S  SG  . CYS A 1 17 ? 4.407   -10.564 0.240   1.00 13.74 ? 17  CYS A SG  1 
ATOM   115 N  N   . HIS A 1 18 ? 6.045   -5.923  1.041   1.00 10.71 ? 18  HIS A N   1 
ATOM   116 C  CA  . HIS A 1 18 ? 6.245   -4.566  0.524   1.00 10.01 ? 18  HIS A CA  1 
ATOM   117 C  C   . HIS A 1 18 ? 7.064   -3.639  1.422   1.00 9.99  ? 18  HIS A C   1 
ATOM   118 O  O   . HIS A 1 18 ? 7.010   -2.404  1.259   1.00 12.11 ? 18  HIS A O   1 
ATOM   119 C  CB  . HIS A 1 18 ? 4.906   -3.887  0.208   1.00 8.78  ? 18  HIS A CB  1 
ATOM   120 C  CG  . HIS A 1 18 ? 4.116   -4.536  -0.902  1.00 8.69  ? 18  HIS A CG  1 
ATOM   121 N  ND1 . HIS A 1 18 ? 4.526   -4.529  -2.213  1.00 9.25  ? 18  HIS A ND1 1 
ATOM   122 C  CD2 . HIS A 1 18 ? 2.870   -5.082  -0.907  1.00 8.82  ? 18  HIS A CD2 1 
ATOM   123 C  CE1 . HIS A 1 18 ? 3.554   -5.059  -2.979  1.00 7.96  ? 18  HIS A CE1 1 
ATOM   124 N  NE2 . HIS A 1 18 ? 2.560   -5.407  -2.194  1.00 8.53  ? 18  HIS A NE2 1 
ATOM   125 N  N   . VAL A 1 19 ? 7.752   -4.177  2.415   1.00 14.77 ? 19  VAL A N   1 
ATOM   126 C  CA  . VAL A 1 19 ? 8.512   -3.296  3.331   1.00 14.63 ? 19  VAL A CA  1 
ATOM   127 C  C   . VAL A 1 19 ? 9.437   -2.378  2.509   1.00 12.94 ? 19  VAL A C   1 
ATOM   128 O  O   . VAL A 1 19 ? 10.001  -2.757  1.466   1.00 12.89 ? 19  VAL A O   1 
ATOM   129 C  CB  . VAL A 1 19 ? 9.253   -4.083  4.409   1.00 17.12 ? 19  VAL A CB  1 
ATOM   130 C  CG1 . VAL A 1 19 ? 10.428  -4.811  3.788   1.00 19.83 ? 19  VAL A CG1 1 
ATOM   131 C  CG2 . VAL A 1 19 ? 9.735   -3.202  5.586   1.00 22.75 ? 19  VAL A CG2 1 
ATOM   132 N  N   . ASN A 1 20 ? 9.546   -1.137  2.987   1.00 14.01 ? 20  ASN A N   1 
ATOM   133 C  CA  . ASN A 1 20 ? 10.301  -0.083  2.362   1.00 14.81 ? 20  ASN A CA  1 
ATOM   134 C  C   . ASN A 1 20 ? 9.902   0.174   0.907   1.00 13.02 ? 20  ASN A C   1 
ATOM   135 O  O   . ASN A 1 20 ? 10.703  0.728   0.145   1.00 13.73 ? 20  ASN A O   1 
ATOM   136 C  CB  . ASN A 1 20 ? 11.791  -0.294  2.491   1.00 18.62 ? 20  ASN A CB  1 
ATOM   137 C  CG  . ASN A 1 20 ? 12.230  -0.383  3.943   1.00 21.54 ? 20  ASN A CG  1 
ATOM   138 O  OD1 . ASN A 1 20 ? 11.737  0.354   4.809   1.00 29.41 ? 20  ASN A OD1 1 
ATOM   139 N  ND2 . ASN A 1 20 ? 13.096  -1.293  4.225   1.00 26.86 ? 20  ASN A ND2 1 
ATOM   140 N  N   . GLY A 1 21 ? 8.636   -0.143  0.574   1.00 12.56 ? 21  GLY A N   1 
ATOM   141 C  CA  . GLY A 1 21 ? 8.098   0.162   -0.731  1.00 11.19 ? 21  GLY A CA  1 
ATOM   142 C  C   . GLY A 1 21 ? 8.490   -0.790  -1.847  1.00 11.28 ? 21  GLY A C   1 
ATOM   143 O  O   . GLY A 1 21 ? 8.238   -0.489  -3.023  1.00 13.19 ? 21  GLY A O   1 
ATOM   144 N  N   . GLY A 1 22 ? 9.071   -1.935  -1.495  1.00 11.59 ? 22  GLY A N   1 
ATOM   145 C  CA  . GLY A 1 22 ? 9.476   -2.929  -2.484  1.00 11.86 ? 22  GLY A CA  1 
ATOM   146 C  C   . GLY A 1 22 ? 8.362   -3.881  -2.836  1.00 11.10 ? 22  GLY A C   1 
ATOM   147 O  O   . GLY A 1 22 ? 7.188   -3.604  -2.555  1.00 9.79  ? 22  GLY A O   1 
ATOM   148 N  N   . ASN A 1 23 ? 8.760   -5.009  -3.452  1.00 11.51 ? 23  ASN A N   1 
ATOM   149 C  CA  . ASN A 1 23 ? 7.842   -6.121  -3.754  1.00 10.07 ? 23  ASN A CA  1 
ATOM   150 C  C   . ASN A 1 23 ? 8.716   -7.370  -3.930  1.00 12.82 ? 23  ASN A C   1 
ATOM   151 O  O   . ASN A 1 23 ? 9.448   -7.506  -4.939  1.00 14.33 ? 23  ASN A O   1 
ATOM   152 C  CB  . ASN A 1 23 ? 7.010   -5.887  -5.017  1.00 11.21 ? 23  ASN A CB  1 
ATOM   153 C  CG  . ASN A 1 23 ? 6.004   -6.977  -5.275  1.00 11.29 ? 23  ASN A CG  1 
ATOM   154 O  OD1 . ASN A 1 23 ? 6.237   -8.121  -4.916  1.00 11.90 ? 23  ASN A OD1 1 
ATOM   155 N  ND2 . ASN A 1 23 ? 4.880   -6.624  -5.875  1.00 10.56 ? 23  ASN A ND2 1 
ATOM   156 N  N   . ILE A 1 24 ? 8.735   -8.203  -2.885  1.00 15.41 ? 24  ILE A N   1 
ATOM   157 C  CA  . ILE A 1 24 ? 9.627   -9.392  -2.802  1.00 16.35 ? 24  ILE A CA  1 
ATOM   158 C  C   . ILE A 1 24 ? 9.224   -10.511 -3.785  1.00 17.08 ? 24  ILE A C   1 
ATOM   159 O  O   . ILE A 1 24 ? 9.975   -11.464 -3.968  1.00 19.01 ? 24  ILE A O   1 
ATOM   160 C  CB  . ILE A 1 24 ? 9.701   -10.012 -1.382  1.00 17.63 ? 24  ILE A CB  1 
ATOM   161 C  CG1 . ILE A 1 24 ? 8.434   -10.782 -1.018  1.00 17.67 ? 24  ILE A CG1 1 
ATOM   162 C  CG2 . ILE A 1 24 ? 10.106  -8.988  -0.360  1.00 21.09 ? 24  ILE A CG2 1 
ATOM   163 C  CD1 . ILE A 1 24 ? 8.396   -11.485 0.332   1.00 23.25 ? 24  ILE A CD1 1 
ATOM   164 N  N   . ILE A 1 25 ? 8.037   -10.388 -4.369  1.00 17.48 ? 25  ILE A N   1 
ATOM   165 C  CA  . ILE A 1 25 ? 7.475   -11.376 -5.283  1.00 18.38 ? 25  ILE A CA  1 
ATOM   166 C  C   . ILE A 1 25 ? 7.745   -11.009 -6.756  1.00 20.58 ? 25  ILE A C   1 
ATOM   167 O  O   . ILE A 1 25 ? 8.346   -11.803 -7.521  1.00 24.11 ? 25  ILE A O   1 
ATOM   168 C  CB  . ILE A 1 25 ? 5.973   -11.591 -5.048  1.00 17.82 ? 25  ILE A CB  1 
ATOM   169 C  CG1 . ILE A 1 25 ? 5.675   -11.958 -3.573  1.00 20.13 ? 25  ILE A CG1 1 
ATOM   170 C  CG2 . ILE A 1 25 ? 5.408   -12.620 -6.041  1.00 18.74 ? 25  ILE A CG2 1 
ATOM   171 C  CD1 . ILE A 1 25 ? 6.378   -13.181 -3.024  1.00 23.99 ? 25  ILE A CD1 1 
ATOM   172 N  N   . ARG A 1 26 ? 7.308   -9.806  -7.141  1.00 18.19 ? 26  ARG A N   1 
ATOM   173 C  CA  . ARG A 1 26 ? 7.512   -9.234  -8.482  1.00 16.71 ? 26  ARG A CA  1 
ATOM   174 C  C   . ARG A 1 26 ? 8.220   -7.900  -8.259  1.00 17.15 ? 26  ARG A C   1 
ATOM   175 O  O   . ARG A 1 26 ? 7.589   -6.869  -7.972  1.00 16.68 ? 26  ARG A O   1 
ATOM   176 C  CB  . ARG A 1 26 ? 6.164   -8.954  -9.195  1.00 22.50 ? 26  ARG A CB  1 
ATOM   177 C  CG  . ARG A 1 26 ? 5.312   -10.146 -9.601  1.00 20.92 ? 26  ARG A CG  1 
ATOM   178 C  CD  . ARG A 1 26 ? 4.195   -9.709  -10.591 1.00 24.87 ? 26  ARG A CD  1 
ATOM   179 N  NE  . ARG A 1 26 ? 4.737   -9.432  -11.935 1.00 26.16 ? 26  ARG A NE  1 
ATOM   180 C  CZ  . ARG A 1 26 ? 4.058   -8.904  -12.960 1.00 23.67 ? 26  ARG A CZ  1 
ATOM   181 N  NH1 . ARG A 1 26 ? 2.790   -8.587  -12.841 1.00 27.48 ? 26  ARG A NH1 1 
ATOM   182 N  NH2 . ARG A 1 26 ? 4.647   -8.703  -14.119 1.00 32.34 ? 26  ARG A NH2 1 
ATOM   183 N  N   . ARG A 1 27 ? 9.525   -7.881  -8.454  1.00 20.72 ? 27  ARG A N   1 
ATOM   184 C  CA  . ARG A 1 27 ? 10.321  -6.725  -8.073  1.00 18.60 ? 27  ARG A CA  1 
ATOM   185 C  C   . ARG A 1 27 ? 9.887   -5.389  -8.704  1.00 16.61 ? 27  ARG A C   1 
ATOM   186 O  O   . ARG A 1 27 ? 9.944   -4.274  -8.077  1.00 19.75 ? 27  ARG A O   1 
ATOM   187 C  CB  . ARG A 1 27 ? 11.750  -6.964  -8.495  1.00 20.54 ? 27  ARG A CB  1 
ATOM   188 C  CG  . ARG A 1 27 ? 12.663  -5.902  -7.933  1.00 21.43 ? 27  ARG A CG  1 
ATOM   189 C  CD  . ARG A 1 27 ? 14.094  -6.249  -8.191  1.00 25.06 ? 27  ARG A CD  1 
ATOM   190 N  NE  A ARG A 1 27 ? 14.971  -5.285  -7.568  0.60 21.28 ? 27  ARG A NE  1 
ATOM   191 N  NE  B ARG A 1 27 ? 14.978  -5.234  -7.618  0.40 23.10 ? 27  ARG A NE  1 
ATOM   192 C  CZ  A ARG A 1 27 ? 15.510  -4.224  -8.158  0.60 23.20 ? 27  ARG A CZ  1 
ATOM   193 C  CZ  B ARG A 1 27 ? 15.319  -5.110  -6.321  0.40 27.25 ? 27  ARG A CZ  1 
ATOM   194 N  NH1 A ARG A 1 27 ? 15.298  -3.973  -9.453  0.60 26.75 ? 27  ARG A NH1 1 
ATOM   195 N  NH1 B ARG A 1 27 ? 14.864  -5.961  -5.394  0.40 22.61 ? 27  ARG A NH1 1 
ATOM   196 N  NH2 A ARG A 1 27 ? 16.287  -3.412  -7.464  0.60 28.63 ? 27  ARG A NH2 1 
ATOM   197 N  NH2 B ARG A 1 27 ? 16.131  -4.134  -5.945  0.40 26.52 ? 27  ARG A NH2 1 
ATOM   198 N  N   . GLY A 1 28 ? 9.470   -5.495  -9.950  1.00 17.91 ? 28  GLY A N   1 
ATOM   199 C  CA  . GLY A 1 28 ? 9.041   -4.316  -10.704 1.00 16.08 ? 28  GLY A CA  1 
ATOM   200 C  C   . GLY A 1 28 ? 7.710   -3.781  -10.275 1.00 16.00 ? 28  GLY A C   1 
ATOM   201 O  O   . GLY A 1 28 ? 7.362   -2.685  -10.669 1.00 19.95 ? 28  GLY A O   1 
ATOM   202 N  N   . LYS A 1 29 ? 6.941   -4.543  -9.516  1.00 13.90 ? 29  LYS A N   1 
ATOM   203 C  CA  . LYS A 1 29 ? 5.576   -4.110  -9.133  1.00 13.20 ? 29  LYS A CA  1 
ATOM   204 C  C   . LYS A 1 29 ? 5.635   -3.557  -7.714  1.00 10.72 ? 29  LYS A C   1 
ATOM   205 O  O   . LYS A 1 29 ? 4.908   -3.936  -6.792  1.00 11.92 ? 29  LYS A O   1 
ATOM   206 C  CB  . LYS A 1 29 ? 4.547   -5.234  -9.310  1.00 12.90 ? 29  LYS A CB  1 
ATOM   207 C  CG  . LYS A 1 29 ? 4.370   -5.728  -10.750 1.00 14.90 ? 29  LYS A CG  1 
ATOM   208 C  CD  . LYS A 1 29 ? 4.073   -4.616  -11.759 0.75 18.63 ? 29  LYS A CD  1 
ATOM   209 C  CE  . LYS A 1 29 ? 2.636   -4.577  -12.224 0.50 22.79 ? 29  LYS A CE  1 
ATOM   210 N  NZ  . LYS A 1 29 ? 2.563   -3.889  -13.544 0.50 23.12 ? 29  LYS A NZ  1 
ATOM   211 N  N   . ASN A 1 30 ? 6.535   -2.621  -7.534  1.00 13.48 ? 30  ASN A N   1 
ATOM   212 C  CA  . ASN A 1 30 ? 6.767   -2.020  -6.215  1.00 11.48 ? 30  ASN A CA  1 
ATOM   213 C  C   . ASN A 1 30 ? 5.833   -0.833  -5.917  1.00 9.54  ? 30  ASN A C   1 
ATOM   214 O  O   . ASN A 1 30 ? 4.946   -0.499  -6.698  1.00 10.26 ? 30  ASN A O   1 
ATOM   215 C  CB  . ASN A 1 30 ? 8.243   -1.695  -6.041  1.00 10.67 ? 30  ASN A CB  1 
ATOM   216 C  CG  . ASN A 1 30 ? 8.727   -0.720  -7.083  1.00 11.36 ? 30  ASN A CG  1 
ATOM   217 O  OD1 . ASN A 1 30 ? 8.181   0.327   -7.244  1.00 9.90  ? 30  ASN A OD1 1 
ATOM   218 N  ND2 . ASN A 1 30 ? 9.752   -1.097  -7.815  1.00 21.38 ? 30  ASN A ND2 1 
ATOM   219 N  N   . LEU A 1 31 ? 6.048   -0.222  -4.755  1.00 9.68  ? 31  LEU A N   1 
ATOM   220 C  CA  . LEU A 1 31 ? 5.218   0.860   -4.288  1.00 8.50  ? 31  LEU A CA  1 
ATOM   221 C  C   . LEU A 1 31 ? 5.903   2.224   -4.380  1.00 8.63  ? 31  LEU A C   1 
ATOM   222 O  O   . LEU A 1 31 ? 5.521   3.189   -3.711  1.00 9.48  ? 31  LEU A O   1 
ATOM   223 C  CB  . LEU A 1 31 ? 4.755   0.612   -2.859  1.00 9.23  ? 31  LEU A CB  1 
ATOM   224 C  CG  . LEU A 1 31 ? 4.122   -0.743  -2.537  1.00 9.79  ? 31  LEU A CG  1 
ATOM   225 C  CD1 . LEU A 1 31 ? 3.651   -0.783  -1.098  1.00 8.53  ? 31  LEU A CD1 1 
ATOM   226 C  CD2 . LEU A 1 31 ? 3.007   -1.127  -3.542  1.00 12.60 ? 31  LEU A CD2 1 
ATOM   227 N  N   . LYS A 1 32 ? 6.903   2.326   -5.241  1.00 9.03  ? 32  LYS A N   1 
ATOM   228 C  CA  . LYS A 1 32 ? 7.520   3.622   -5.512  1.00 8.76  ? 32  LYS A CA  1 
ATOM   229 C  C   . LYS A 1 32 ? 6.518   4.491   -6.287  1.00 8.77  ? 32  LYS A C   1 
ATOM   230 O  O   . LYS A 1 32 ? 5.742   3.965   -7.102  1.00 9.31  ? 32  LYS A O   1 
ATOM   231 C  CB  . LYS A 1 32 ? 8.858   3.505   -6.247  1.00 9.95  ? 32  LYS A CB  1 
ATOM   232 C  CG  . LYS A 1 32 ? 9.934   2.720   -5.485  1.00 14.58 ? 32  LYS A CG  1 
ATOM   233 C  CD  . LYS A 1 32 ? 9.989   3.004   -3.976  0.75 16.65 ? 32  LYS A CD  1 
ATOM   234 C  CE  . LYS A 1 32 ? 10.869  2.033   -3.185  0.75 19.74 ? 32  LYS A CE  1 
ATOM   235 N  NZ  . LYS A 1 32 ? 12.278  2.419   -3.212  0.75 26.71 ? 32  LYS A NZ  1 
ATOM   236 N  N   . LEU A 1 33 ? 6.535   5.814   -6.071  1.00 9.07  ? 33  LEU A N   1 
ATOM   237 C  CA  . LEU A 1 33 ? 5.583   6.672   -6.766  1.00 9.35  ? 33  LEU A CA  1 
ATOM   238 C  C   . LEU A 1 33 ? 5.639   6.596   -8.275  1.00 9.60  ? 33  LEU A C   1 
ATOM   239 O  O   . LEU A 1 33 ? 4.590   6.481   -8.928  1.00 10.62 ? 33  LEU A O   1 
ATOM   240 C  CB  . LEU A 1 33 ? 5.731   8.113   -6.323  1.00 10.26 ? 33  LEU A CB  1 
ATOM   241 C  CG  . LEU A 1 33 ? 4.560   9.067   -6.700  1.00 11.15 ? 33  LEU A CG  1 
ATOM   242 C  CD1 . LEU A 1 33 ? 3.303   8.713   -5.936  1.00 13.50 ? 33  LEU A CD1 1 
ATOM   243 C  CD2 . LEU A 1 33 ? 4.934   10.502  -6.420  1.00 14.32 ? 33  LEU A CD2 1 
ATOM   244 N  N   . ALA A 1 34 ? 6.857   6.496   -8.831  1.00 9.42  ? 34  ALA A N   1 
ATOM   245 C  CA  . ALA A 1 34 ? 6.941   6.484   -10.288 1.00 11.74 ? 34  ALA A CA  1 
ATOM   246 C  C   . ALA A 1 34 ? 6.286   5.197   -10.830 1.00 9.95  ? 34  ALA A C   1 
ATOM   247 O  O   . ALA A 1 34 ? 5.700   5.186   -11.911 1.00 11.70 ? 34  ALA A O   1 
ATOM   248 C  CB  . ALA A 1 34 ? 8.356   6.608   -10.748 1.00 12.77 ? 34  ALA A CB  1 
ATOM   249 N  N   . THR A 1 35 ? 6.463   4.091   -10.093 1.00 9.81  ? 35  THR A N   1 
ATOM   250 C  CA  . THR A 1 35 ? 5.966   2.796   -10.524 1.00 9.07  ? 35  THR A CA  1 
ATOM   251 C  C   . THR A 1 35 ? 4.418   2.847   -10.488 1.00 9.49  ? 35  THR A C   1 
ATOM   252 O  O   . THR A 1 35 ? 3.744   2.423   -11.440 1.00 10.39 ? 35  THR A O   1 
ATOM   253 C  CB  . THR A 1 35 ? 6.505   1.705   -9.623  1.00 11.42 ? 35  THR A CB  1 
ATOM   254 O  OG1 . THR A 1 35 ? 7.920   1.841   -9.501  1.00 13.89 ? 35  THR A OG1 1 
ATOM   255 C  CG2 . THR A 1 35 ? 6.139   0.328   -10.154 1.00 10.51 ? 35  THR A CG2 1 
ATOM   256 N  N   . LEU A 1 36 ? 3.844   3.298   -9.369  1.00 10.07 ? 36  LEU A N   1 
ATOM   257 C  CA  . LEU A 1 36 ? 2.382   3.450   -9.220  1.00 10.84 ? 36  LEU A CA  1 
ATOM   258 C  C   . LEU A 1 36 ? 1.862   4.425   -10.276 1.00 10.48 ? 36  LEU A C   1 
ATOM   259 O  O   . LEU A 1 36 ? 0.839   4.085   -10.918 1.00 11.49 ? 36  LEU A O   1 
ATOM   260 C  CB  . LEU A 1 36 ? 2.045   3.916   -7.836  1.00 10.54 ? 36  LEU A CB  1 
ATOM   261 C  CG  . LEU A 1 36 ? 2.414   2.959   -6.716  1.00 11.01 ? 36  LEU A CG  1 
ATOM   262 C  CD1 . LEU A 1 36 ? 2.314   3.686   -5.385  1.00 12.24 ? 36  LEU A CD1 1 
ATOM   263 C  CD2 . LEU A 1 36 ? 1.485   1.771   -6.736  1.00 12.95 ? 36  LEU A CD2 1 
ATOM   264 N  N   . LYS A 1 37 ? 2.528   5.562   -10.490 1.00 12.20 ? 37  LYS A N   1 
ATOM   265 C  CA  . LYS A 1 37 ? 2.024   6.609   -11.398 1.00 11.19 ? 37  LYS A CA  1 
ATOM   266 C  C   . LYS A 1 37 ? 1.951   6.002   -12.833 1.00 11.55 ? 37  LYS A C   1 
ATOM   267 O  O   . LYS A 1 37 ? 1.000   6.277   -13.580 1.00 13.95 ? 37  LYS A O   1 
ATOM   268 C  CB  . LYS A 1 37 ? 2.968   7.817   -11.329 1.00 14.69 ? 37  LYS A CB  1 
ATOM   269 C  CG  . LYS A 1 37 ? 2.543   9.060   -12.123 1.00 18.94 ? 37  LYS A CG  1 
ATOM   270 C  CD  A LYS A 1 37 ? 3.488   10.223  -11.847 0.60 16.62 ? 37  LYS A CD  1 
ATOM   271 C  CD  B LYS A 1 37 ? 3.540   10.229  -11.926 0.40 16.44 ? 37  LYS A CD  1 
ATOM   272 C  CE  A LYS A 1 37 ? 3.057   11.514  -12.525 0.60 15.73 ? 37  LYS A CE  1 
ATOM   273 C  CE  B LYS A 1 37 ? 3.680   10.777  -10.488 0.40 14.86 ? 37  LYS A CE  1 
ATOM   274 N  NZ  A LYS A 1 37 ? 3.876   12.703  -12.193 0.60 15.74 ? 37  LYS A NZ  1 
ATOM   275 N  NZ  B LYS A 1 37 ? 4.772   11.778  -10.209 0.40 15.99 ? 37  LYS A NZ  1 
ATOM   276 N  N   . ARG A 1 38 ? 2.982   5.249   -13.223 1.00 12.84 ? 38  ARG A N   1 
ATOM   277 C  CA  . ARG A 1 38 ? 3.053   4.669   -14.563 1.00 12.94 ? 38  ARG A CA  1 
ATOM   278 C  C   . ARG A 1 38 ? 1.820   3.869   -14.852 1.00 14.59 ? 38  ARG A C   1 
ATOM   279 O  O   . ARG A 1 38 ? 1.343   3.854   -16.006 1.00 18.73 ? 38  ARG A O   1 
ATOM   280 C  CB  . ARG A 1 38 ? 4.304   3.797   -14.720 1.00 16.15 ? 38  ARG A CB  1 
ATOM   281 C  CG  . ARG A 1 38 ? 4.527   3.148   -16.099 1.00 19.80 ? 38  ARG A CG  1 
ATOM   282 C  CD  A ARG A 1 38 ? 5.899   2.513   -16.177 0.50 16.11 ? 38  ARG A CD  1 
ATOM   283 C  CD  B ARG A 1 38 ? 5.874   2.450   -16.118 0.25 20.04 ? 38  ARG A CD  1 
ATOM   284 N  NE  A ARG A 1 38 ? 6.183   1.531   -15.100 0.50 22.28 ? 38  ARG A NE  1 
ATOM   285 N  NE  B ARG A 1 38 ? 5.912   1.006   -15.794 0.25 20.62 ? 38  ARG A NE  1 
ATOM   286 C  CZ  A ARG A 1 38 ? 7.199   1.602   -14.177 0.50 19.06 ? 38  ARG A CZ  1 
ATOM   287 C  CZ  B ARG A 1 38 ? 5.581   0.395   -14.639 0.25 17.08 ? 38  ARG A CZ  1 
ATOM   288 N  NH1 A ARG A 1 38 ? 7.367   0.643   -13.332 0.50 24.19 ? 38  ARG A NH1 1 
ATOM   289 N  NH1 B ARG A 1 38 ? 5.742   -0.906  -14.511 0.25 19.71 ? 38  ARG A NH1 1 
ATOM   290 N  NH2 A ARG A 1 38 ? 8.046   2.630   -14.132 0.50 27.47 ? 38  ARG A NH2 1 
ATOM   291 N  NH2 B ARG A 1 38 ? 5.049   1.050   -13.632 0.25 14.12 ? 38  ARG A NH2 1 
ATOM   292 N  N   . GLN A 1 39 ? 1.340   3.144   -13.859 1.00 12.13 ? 39  GLN A N   1 
ATOM   293 C  CA  . GLN A 1 39 ? 0.124   2.339   -13.987 1.00 11.86 ? 39  GLN A CA  1 
ATOM   294 C  C   . GLN A 1 39 ? -1.212  3.031   -13.625 1.00 11.02 ? 39  GLN A C   1 
ATOM   295 O  O   . GLN A 1 39 ? -2.249  2.336   -13.488 1.00 13.74 ? 39  GLN A O   1 
ATOM   296 C  CB  . GLN A 1 39 ? 0.302   1.083   -13.173 1.00 14.76 ? 39  GLN A CB  1 
ATOM   297 C  CG  A GLN A 1 39 ? 1.480   0.263   -13.674 0.60 14.21 ? 39  GLN A CG  1 
ATOM   298 C  CG  B GLN A 1 39 ? 1.512   0.224   -13.509 0.40 13.85 ? 39  GLN A CG  1 
ATOM   299 C  CD  A GLN A 1 39 ? 1.816   -0.830  -12.723 0.60 15.00 ? 39  GLN A CD  1 
ATOM   300 C  CD  B GLN A 1 39 ? 1.640   -0.108  -14.985 0.40 12.37 ? 39  GLN A CD  1 
ATOM   301 O  OE1 A GLN A 1 39 ? 1.310   -1.958  -12.812 0.60 20.29 ? 39  GLN A OE1 1 
ATOM   302 O  OE1 B GLN A 1 39 ? 0.663   -0.392  -15.691 0.40 12.93 ? 39  GLN A OE1 1 
ATOM   303 N  NE2 A GLN A 1 39 ? 2.609   -0.493  -11.746 0.60 14.18 ? 39  GLN A NE2 1 
ATOM   304 N  NE2 B GLN A 1 39 ? 2.877   -0.085  -15.455 0.40 13.68 ? 39  GLN A NE2 1 
ATOM   305 N  N   . GLY A 1 40 ? -1.168  4.325   -13.333 1.00 11.76 ? 40  GLY A N   1 
ATOM   306 C  CA  . GLY A 1 40 ? -2.367  5.028   -12.981 1.00 11.54 ? 40  GLY A CA  1 
ATOM   307 C  C   . GLY A 1 40 ? -2.831  4.783   -11.576 1.00 12.58 ? 40  GLY A C   1 
ATOM   308 O  O   . GLY A 1 40 ? -3.994  5.013   -11.277 1.00 13.46 ? 40  GLY A O   1 
ATOM   309 N  N   . LEU A 1 41 ? -1.917  4.329   -10.713 1.00 11.46 ? 41  LEU A N   1 
ATOM   310 C  CA  . LEU A 1 41 ? -2.297  3.871   -9.366  1.00 11.46 ? 41  LEU A CA  1 
ATOM   311 C  C   . LEU A 1 41 ? -1.869  4.800   -8.247  1.00 12.17 ? 41  LEU A C   1 
ATOM   312 O  O   . LEU A 1 41 ? -2.005  4.425   -7.088  1.00 13.04 ? 41  LEU A O   1 
ATOM   313 C  CB  . LEU A 1 41 ? -1.746  2.483   -9.087  1.00 12.58 ? 41  LEU A CB  1 
ATOM   314 C  CG  . LEU A 1 41 ? -2.120  1.394   -10.098 1.00 13.14 ? 41  LEU A CG  1 
ATOM   315 C  CD1 . LEU A 1 41 ? -1.341  0.103   -9.771  1.00 17.68 ? 41  LEU A CD1 1 
ATOM   316 C  CD2 . LEU A 1 41 ? -3.630  1.175   -10.184 1.00 15.01 ? 41  LEU A CD2 1 
ATOM   317 N  N   . ASP A 1 42 ? -1.401  5.981   -8.595  1.00 13.21 ? 42  ASP A N   1 
ATOM   318 C  CA  . ASP A 1 42 ? -0.869  6.944   -7.615  1.00 11.65 ? 42  ASP A CA  1 
ATOM   319 C  C   . ASP A 1 42 ? -2.018  7.772   -7.001  1.00 13.26 ? 42  ASP A C   1 
ATOM   320 O  O   . ASP A 1 42 ? -2.062  8.980   -7.133  1.00 16.26 ? 42  ASP A O   1 
ATOM   321 C  CB  . ASP A 1 42 ? 0.212   7.863   -8.244  1.00 13.40 ? 42  ASP A CB  1 
ATOM   322 C  CG  . ASP A 1 42 ? -0.283  8.689   -9.430  1.00 16.17 ? 42  ASP A CG  1 
ATOM   323 O  OD1 . ASP A 1 42 ? -1.069  8.158   -10.240 1.00 15.23 ? 42  ASP A OD1 1 
ATOM   324 O  OD2 . ASP A 1 42 ? 0.186   9.855   -9.621  1.00 20.20 ? 42  ASP A OD2 1 
ATOM   325 N  N   . SER A 1 43 ? -2.921  7.078   -6.329  1.00 15.61 ? 43  SER A N   1 
ATOM   326 C  CA  . SER A 1 43 ? -4.012  7.725   -5.590  1.00 15.46 ? 43  SER A CA  1 
ATOM   327 C  C   . SER A 1 43 ? -4.404  6.836   -4.458  1.00 11.93 ? 43  SER A C   1 
ATOM   328 O  O   . SER A 1 43 ? -4.182  5.607   -4.482  1.00 13.45 ? 43  SER A O   1 
ATOM   329 C  CB  . SER A 1 43 ? -5.240  8.011   -6.474  1.00 18.25 ? 43  SER A CB  1 
ATOM   330 O  OG  . SER A 1 43 ? -5.898  6.798   -6.878  1.00 18.87 ? 43  SER A OG  1 
ATOM   331 N  N   . THR A 1 44 ? -4.929  7.471   -3.416  1.00 14.01 ? 44  THR A N   1 
ATOM   332 C  CA  . THR A 1 44 ? -5.436  6.713   -2.263  1.00 13.51 ? 44  THR A CA  1 
ATOM   333 C  C   . THR A 1 44 ? -6.507  5.683   -2.710  1.00 14.83 ? 44  THR A C   1 
ATOM   334 O  O   . THR A 1 44 ? -6.529  4.539   -2.325  1.00 15.07 ? 44  THR A O   1 
ATOM   335 C  CB  . THR A 1 44 ? -5.935  7.660   -1.125  1.00 16.03 ? 44  THR A CB  1 
ATOM   336 O  OG1 . THR A 1 44 ? -4.841  8.460   -0.668  1.00 20.31 ? 44  THR A OG1 1 
ATOM   337 C  CG2 . THR A 1 44 ? -6.444  6.823   0.056   1.00 18.59 ? 44  THR A CG2 1 
ATOM   338 N  N   . GLU A 1 45 ? -7.419  6.122   -3.547  1.00 17.32 ? 45  GLU A N   1 
ATOM   339 C  CA  . GLU A 1 45 ? -8.447  5.234   -4.069  1.00 15.87 ? 45  GLU A CA  1 
ATOM   340 C  C   . GLU A 1 45 ? -7.947  3.994   -4.819  1.00 15.21 ? 45  GLU A C   1 
ATOM   341 O  O   . GLU A 1 45 ? -8.495  2.886   -4.650  1.00 17.11 ? 45  GLU A O   1 
ATOM   342 C  CB  . GLU A 1 45 ? -9.372  6.086   -4.959  1.00 20.64 ? 45  GLU A CB  1 
ATOM   343 C  CG  . GLU A 1 45 ? -10.080 7.187   -4.231  0.75 18.73 ? 45  GLU A CG  1 
ATOM   344 C  CD  . GLU A 1 45 ? -9.396  8.598   -4.247  0.75 21.31 ? 45  GLU A CD  1 
ATOM   345 O  OE1 . GLU A 1 45 ? -8.145  8.719   -4.245  0.75 18.96 ? 45  GLU A OE1 1 
ATOM   346 O  OE2 . GLU A 1 45 ? -10.137 9.640   -4.228  0.75 28.76 ? 45  GLU A OE2 1 
ATOM   347 N  N   . ALA A 1 46 ? -6.969  4.177   -5.705  1.00 15.34 ? 46  ALA A N   1 
ATOM   348 C  CA  . ALA A 1 46 ? -6.486  3.022   -6.469  1.00 15.13 ? 46  ALA A CA  1 
ATOM   349 C  C   . ALA A 1 46 ? -5.778  2.014   -5.550  1.00 13.36 ? 46  ALA A C   1 
ATOM   350 O  O   . ALA A 1 46 ? -5.908  0.804   -5.688  1.00 13.02 ? 46  ALA A O   1 
ATOM   351 C  CB  . ALA A 1 46 ? -5.568  3.479   -7.580  1.00 15.91 ? 46  ALA A CB  1 
ATOM   352 N  N   . ILE A 1 47 ? -4.937  2.553   -4.681  1.00 11.46 ? 47  ILE A N   1 
ATOM   353 C  CA  . ILE A 1 47 ? -4.196  1.649   -3.770  1.00 10.61 ? 47  ILE A CA  1 
ATOM   354 C  C   . ILE A 1 47 ? -5.160  0.927   -2.848  1.00 11.99 ? 47  ILE A C   1 
ATOM   355 O  O   . ILE A 1 47 ? -4.969  -0.245  -2.540  1.00 11.60 ? 47  ILE A O   1 
ATOM   356 C  CB  . ILE A 1 47 ? -3.116  2.456   -3.000  1.00 10.03 ? 47  ILE A CB  1 
ATOM   357 C  CG1 . ILE A 1 47 ? -2.046  3.067   -3.944  1.00 11.39 ? 47  ILE A CG1 1 
ATOM   358 C  CG2 . ILE A 1 47 ? -2.499  1.604   -1.885  1.00 10.32 ? 47  ILE A CG2 1 
ATOM   359 C  CD1 . ILE A 1 47 ? -1.173  4.204   -3.339  1.00 14.22 ? 47  ILE A CD1 1 
ATOM   360 N  N   . ALA A 1 48 ? -6.205  1.646   -2.409  1.00 12.00 ? 48  ALA A N   1 
ATOM   361 C  CA  . ALA A 1 48 ? -7.212  1.058   -1.550  1.00 12.23 ? 48  ALA A CA  1 
ATOM   362 C  C   . ALA A 1 48 ? -7.928  -0.091  -2.250  1.00 11.79 ? 48  ALA A C   1 
ATOM   363 O  O   . ALA A 1 48 ? -8.256  -1.108  -1.622  1.00 12.92 ? 48  ALA A O   1 
ATOM   364 C  CB  . ALA A 1 48 ? -8.211  2.114   -1.070  1.00 13.12 ? 48  ALA A CB  1 
ATOM   365 N  N   . SER A 1 49 ? -8.248  0.093   -3.538  1.00 14.76 ? 49  SER A N   1 
ATOM   366 C  CA  . SER A 1 49 ? -8.881  -0.953  -4.315  1.00 15.53 ? 49  SER A CA  1 
ATOM   367 C  C   . SER A 1 49 ? -8.036  -2.222  -4.354  1.00 15.20 ? 49  SER A C   1 
ATOM   368 O  O   . SER A 1 49 ? -8.569  -3.303  -4.147  1.00 16.06 ? 49  SER A O   1 
ATOM   369 C  CB  . SER A 1 49 ? -9.160  -0.493  -5.756  1.00 22.57 ? 49  SER A CB  1 
ATOM   370 O  OG  . SER A 1 49 ? -9.700  -1.590  -6.443  1.00 27.48 ? 49  SER A OG  1 
ATOM   371 N  N   . ILE A 1 50 ? -6.711  -2.072  -4.598  1.00 13.05 ? 50  ILE A N   1 
ATOM   372 C  CA  . ILE A 1 50 ? -5.805  -3.226  -4.572  1.00 11.87 ? 50  ILE A CA  1 
ATOM   373 C  C   . ILE A 1 50 ? -5.736  -3.838  -3.168  1.00 11.92 ? 50  ILE A C   1 
ATOM   374 O  O   . ILE A 1 50 ? -5.731  -5.078  -2.997  1.00 13.66 ? 50  ILE A O   1 
ATOM   375 C  CB  . ILE A 1 50 ? -4.454  -2.837  -5.170  1.00 11.14 ? 50  ILE A CB  1 
ATOM   376 C  CG1 . ILE A 1 50 ? -4.658  -2.501  -6.647  1.00 13.48 ? 50  ILE A CG1 1 
ATOM   377 C  CG2 . ILE A 1 50 ? -3.430  -3.915  -4.909  1.00 12.68 ? 50  ILE A CG2 1 
ATOM   378 C  CD1 . ILE A 1 50 ? -3.480  -1.732  -7.184  1.00 14.51 ? 50  ILE A CD1 1 
ATOM   379 N  N   . ALA A 1 51 ? -5.635  -2.988  -2.138  1.00 12.00 ? 51  ALA A N   1 
ATOM   380 C  CA  . ALA A 1 51 ? -5.635  -3.516  -0.780  1.00 10.16 ? 51  ALA A CA  1 
ATOM   381 C  C   . ALA A 1 51 ? -6.799  -4.401  -0.478  1.00 11.21 ? 51  ALA A C   1 
ATOM   382 O  O   . ALA A 1 51 ? -6.654  -5.447  0.141   1.00 12.87 ? 51  ALA A O   1 
ATOM   383 C  CB  . ALA A 1 51 ? -5.602  -2.395  0.211   1.00 11.03 ? 51  ALA A CB  1 
ATOM   384 N  N   . ARG A 1 52 ? -7.961  -3.958  -0.963  1.00 13.05 ? 52  ARG A N   1 
ATOM   385 C  CA  . ARG A 1 52 ? -9.211  -4.652  -0.711  1.00 14.92 ? 52  ARG A CA  1 
ATOM   386 C  C   . ARG A 1 52 ? -9.285  -5.977  -1.481  1.00 13.91 ? 52  ARG A C   1 
ATOM   387 O  O   . ARG A 1 52 ? -9.497  -7.006  -0.858  1.00 15.80 ? 52  ARG A O   1 
ATOM   388 C  CB  . ARG A 1 52 ? -10.344 -3.704  -1.041  1.00 19.16 ? 52  ARG A CB  1 
ATOM   389 C  CG  . ARG A 1 52 ? -11.712 -4.149  -0.721  1.00 22.35 ? 52  ARG A CG  1 
ATOM   390 C  CD  . ARG A 1 52 ? -12.600 -2.905  -0.818  0.75 24.17 ? 52  ARG A CD  1 
ATOM   391 N  NE  . ARG A 1 52 ? -12.654 -2.399  -2.198  0.75 24.93 ? 52  ARG A NE  1 
ATOM   392 C  CZ  . ARG A 1 52 ? -12.325 -1.165  -2.699  0.75 27.30 ? 52  ARG A CZ  1 
ATOM   393 N  NH1 . ARG A 1 52 ? -12.522 -0.937  -3.990  0.75 30.03 ? 52  ARG A NH1 1 
ATOM   394 N  NH2 . ARG A 1 52 ? -11.762 -0.161  -1.933  0.75 16.38 ? 52  ARG A NH2 1 
ATOM   395 N  N   . LYS A 1 53 ? -9.053  -5.922  -2.796  1.00 17.42 ? 53  LYS A N   1 
ATOM   396 C  CA  . LYS A 1 53 ? -9.382  -7.015  -3.702  1.00 21.61 ? 53  LYS A CA  1 
ATOM   397 C  C   . LYS A 1 53 ? -8.199  -7.729  -4.360  1.00 18.77 ? 53  LYS A C   1 
ATOM   398 O  O   . LYS A 1 53 ? -8.362  -8.801  -4.982  1.00 23.36 ? 53  LYS A O   1 
ATOM   399 C  CB  . LYS A 1 53 ? -10.365 -6.547  -4.836  1.00 26.13 ? 53  LYS A CB  1 
ATOM   400 C  CG  . LYS A 1 53 ? -10.467 -7.255  -6.139  0.00 24.71 ? 53  LYS A CG  1 
ATOM   401 C  CD  . LYS A 1 53 ? -11.781 -7.056  -6.727  0.00 25.24 ? 53  LYS A CD  1 
ATOM   402 C  CE  . LYS A 1 53 ? -11.849 -5.848  -7.605  0.00 25.23 ? 53  LYS A CE  1 
ATOM   403 N  NZ  . LYS A 1 53 ? -12.007 -6.292  -9.038  0.00 25.27 ? 53  LYS A NZ  1 
ATOM   404 N  N   . GLY A 1 54 ? -7.012  -7.128  -4.280  1.00 17.36 ? 54  GLY A N   1 
ATOM   405 C  CA  . GLY A 1 54 ? -5.818  -7.635  -4.891  1.00 17.85 ? 54  GLY A CA  1 
ATOM   406 C  C   . GLY A 1 54 ? -5.828  -7.288  -6.372  1.00 16.24 ? 54  GLY A C   1 
ATOM   407 O  O   . GLY A 1 54 ? -6.713  -6.571  -6.866  1.00 17.49 ? 54  GLY A O   1 
ATOM   408 N  N   . ILE A 1 55 ? -4.832  -7.809  -7.063  1.00 14.32 ? 55  ILE A N   1 
ATOM   409 C  CA  . ILE A 1 55 ? -4.587  -7.581  -8.510  1.00 13.22 ? 55  ILE A CA  1 
ATOM   410 C  C   . ILE A 1 55 ? -3.542  -8.585  -8.952  1.00 13.12 ? 55  ILE A C   1 
ATOM   411 O  O   . ILE A 1 55 ? -2.529  -8.777  -8.308  1.00 12.41 ? 55  ILE A O   1 
ATOM   412 C  CB  . ILE A 1 55 ? -4.129  -6.152  -8.805  1.00 13.12 ? 55  ILE A CB  1 
ATOM   413 C  CG1 . ILE A 1 55 ? -4.277  -5.823  -10.317 1.00 15.65 ? 55  ILE A CG1 1 
ATOM   414 C  CG2 . ILE A 1 55 ? -2.779  -5.817  -8.193  1.00 13.82 ? 55  ILE A CG2 1 
ATOM   415 C  CD1 . ILE A 1 55 ? -4.424  -4.338  -10.547 1.00 19.78 ? 55  ILE A CD1 1 
ATOM   416 N  N   . GLY A 1 56 ? -3.779  -9.211  -10.087 1.00 14.75 ? 56  GLY A N   1 
ATOM   417 C  CA  . GLY A 1 56 ? -2.769  -10.097 -10.658 1.00 17.47 ? 56  GLY A CA  1 
ATOM   418 C  C   . GLY A 1 56 ? -2.378  -11.226 -9.716  1.00 14.33 ? 56  GLY A C   1 
ATOM   419 O  O   . GLY A 1 56 ? -3.206  -12.001 -9.252  1.00 17.07 ? 56  GLY A O   1 
ATOM   420 N  N   . GLN A 1 57 ? -1.094  -11.270 -9.413  1.00 15.44 ? 57  GLN A N   1 
ATOM   421 C  CA  . GLN A 1 57 ? -0.520  -12.266 -8.507  1.00 13.46 ? 57  GLN A CA  1 
ATOM   422 C  C   . GLN A 1 57 ? -0.845  -12.025 -7.024  1.00 14.95 ? 57  GLN A C   1 
ATOM   423 O  O   . GLN A 1 57 ? -0.633  -12.894 -6.230  1.00 19.12 ? 57  GLN A O   1 
ATOM   424 C  CB  . GLN A 1 57 ? 1.000   -12.383 -8.668  1.00 15.00 ? 57  GLN A CB  1 
ATOM   425 C  CG  . GLN A 1 57 ? 1.390   -12.773 -10.082 1.00 15.50 ? 57  GLN A CG  1 
ATOM   426 C  CD  . GLN A 1 57 ? 2.841   -13.128 -10.217 1.00 16.49 ? 57  GLN A CD  1 
ATOM   427 O  OE1 . GLN A 1 57 ? 3.552   -13.339 -9.211  1.00 20.62 ? 57  GLN A OE1 1 
ATOM   428 N  NE2 . GLN A 1 57 ? 3.313   -13.188 -11.460 1.00 20.80 ? 57  GLN A NE2 1 
ATOM   429 N  N   . MET A 1 58 ? -1.321  -10.829 -6.681  1.00 13.21 ? 58  MET A N   1 
ATOM   430 C  CA  . MET A 1 58 ? -1.643  -10.483 -5.308  1.00 12.17 ? 58  MET A CA  1 
ATOM   431 C  C   . MET A 1 58 ? -3.084  -10.753 -4.952  1.00 12.96 ? 58  MET A C   1 
ATOM   432 O  O   . MET A 1 58 ? -3.974  -10.322 -5.680  1.00 15.10 ? 58  MET A O   1 
ATOM   433 C  CB  . MET A 1 58 ? -1.314  -8.982  -5.072  1.00 11.49 ? 58  MET A CB  1 
ATOM   434 C  CG  . MET A 1 58 ? -1.439  -8.573  -3.629  1.00 10.88 ? 58  MET A CG  1 
ATOM   435 S  SD  . MET A 1 58 ? -1.385  -6.747  -3.473  1.00 9.93  ? 58  MET A SD  1 
ATOM   436 C  CE  . MET A 1 58 ? -2.582  -6.486  -2.151  1.00 9.31  ? 58  MET A CE  1 
ATOM   437 N  N   . SER A 1 59 ? -3.294  -11.401 -3.795  1.00 13.55 ? 59  SER A N   1 
ATOM   438 C  CA  . SER A 1 59 ? -4.669  -11.535 -3.255  1.00 16.65 ? 59  SER A CA  1 
ATOM   439 C  C   . SER A 1 59 ? -5.117  -10.265 -2.530  1.00 14.84 ? 59  SER A C   1 
ATOM   440 O  O   . SER A 1 59 ? -4.340  -9.389  -2.271  1.00 15.84 ? 59  SER A O   1 
ATOM   441 C  CB  . SER A 1 59 ? -4.848  -12.649 -2.232  1.00 23.97 ? 59  SER A CB  1 
ATOM   442 O  OG  . SER A 1 59 ? -3.991  -13.703 -2.468  1.00 30.77 ? 59  SER A OG  1 
ATOM   443 N  N   . GLY A 1 60 ? -6.406  -10.211 -2.201  1.00 16.62 ? 60  GLY A N   1 
ATOM   444 C  CA  . GLY A 1 60 ? -7.020  -9.130  -1.479  1.00 18.70 ? 60  GLY A CA  1 
ATOM   445 C  C   . GLY A 1 60 ? -6.833  -9.312  0.003   1.00 14.83 ? 60  GLY A C   1 
ATOM   446 O  O   . GLY A 1 60 ? -6.632  -10.402 0.502   1.00 18.69 ? 60  GLY A O   1 
ATOM   447 N  N   . TYR A 1 61 ? -6.957  -8.216  0.742   1.00 14.94 ? 61  TYR A N   1 
ATOM   448 C  CA  . TYR A 1 61 ? -6.864  -8.251  2.216   1.00 14.26 ? 61  TYR A CA  1 
ATOM   449 C  C   . TYR A 1 61 ? -8.039  -7.522  2.838   1.00 13.11 ? 61  TYR A C   1 
ATOM   450 O  O   . TYR A 1 61 ? -8.006  -7.285  4.043   1.00 14.61 ? 61  TYR A O   1 
ATOM   451 C  CB  . TYR A 1 61 ? -5.536  -7.596  2.689   1.00 14.52 ? 61  TYR A CB  1 
ATOM   452 C  CG  . TYR A 1 61 ? -4.358  -8.469  2.267   1.00 13.82 ? 61  TYR A CG  1 
ATOM   453 C  CD1 . TYR A 1 61 ? -3.941  -9.513  3.060   1.00 15.43 ? 61  TYR A CD1 1 
ATOM   454 C  CD2 . TYR A 1 61 ? -3.795  -8.352  1.011   1.00 12.09 ? 61  TYR A CD2 1 
ATOM   455 C  CE1 . TYR A 1 61 ? -2.954  -10.387 2.631   1.00 17.12 ? 61  TYR A CE1 1 
ATOM   456 C  CE2 . TYR A 1 61 ? -2.821  -9.238  0.555   1.00 15.36 ? 61  TYR A CE2 1 
ATOM   457 C  CZ  . TYR A 1 61 ? -2.414  -10.267 1.366   1.00 14.96 ? 61  TYR A CZ  1 
ATOM   458 O  OH  . TYR A 1 61 ? -1.458  -11.127 0.915   1.00 19.23 ? 61  TYR A OH  1 
ATOM   459 N  N   . GLY A 1 62 ? -9.089  -7.211  2.055   1.00 11.79 ? 62  GLY A N   1 
ATOM   460 C  CA  . GLY A 1 62 ? -10.203 -6.437  2.593   1.00 13.23 ? 62  GLY A CA  1 
ATOM   461 C  C   . GLY A 1 62 ? -10.966 -7.139  3.723   1.00 13.25 ? 62  GLY A C   1 
ATOM   462 O  O   . GLY A 1 62 ? -11.562 -6.457  4.575   1.00 14.97 ? 62  GLY A O   1 
ATOM   463 N  N   . ASP A 1 63 ? -10.917 -8.471  3.718   1.00 13.81 ? 63  ASP A N   1 
ATOM   464 C  CA  . ASP A 1 63 ? -11.504 -9.283  4.764   1.00 15.88 ? 63  ASP A CA  1 
ATOM   465 C  C   . ASP A 1 63 ? -10.818 -9.117  6.109   1.00 14.55 ? 63  ASP A C   1 
ATOM   466 O  O   . ASP A 1 63 ? -11.402 -9.393  7.129   1.00 19.20 ? 63  ASP A O   1 
ATOM   467 C  CB  . ASP A 1 63 ? -11.591 -10.738 4.338   1.00 18.47 ? 63  ASP A CB  1 
ATOM   468 C  CG  . ASP A 1 63 ? -10.294 -11.320 3.912   1.00 20.54 ? 63  ASP A CG  1 
ATOM   469 O  OD1 . ASP A 1 63 ? -9.600  -10.714 3.059   1.00 19.68 ? 63  ASP A OD1 1 
ATOM   470 O  OD2 . ASP A 1 63 ? -9.958  -12.378 4.460   1.00 24.40 ? 63  ASP A OD2 1 
ATOM   471 N  N   . LYS A 1 64 ? -9.561  -8.675  6.071   1.00 15.10 ? 64  LYS A N   1 
ATOM   472 C  CA  . LYS A 1 64 ? -8.774  -8.488  7.295   1.00 14.22 ? 64  LYS A CA  1 
ATOM   473 C  C   . LYS A 1 64 ? -8.489  -7.067  7.736   1.00 11.50 ? 64  LYS A C   1 
ATOM   474 O  O   . LYS A 1 64 ? -8.138  -6.823  8.887   1.00 15.16 ? 64  LYS A O   1 
ATOM   475 C  CB  . LYS A 1 64 ? -7.408  -9.175  7.130   1.00 19.06 ? 64  LYS A CB  1 
ATOM   476 C  CG  . LYS A 1 64 ? -7.439  -10.661 6.761   0.75 22.20 ? 64  LYS A CG  1 
ATOM   477 C  CD  . LYS A 1 64 ? -7.843  -11.510 7.948   0.50 24.26 ? 64  LYS A CD  1 
ATOM   478 C  CE  . LYS A 1 64 ? -7.852  -13.011 7.640   0.50 23.28 ? 64  LYS A CE  1 
ATOM   479 N  NZ  . LYS A 1 64 ? -8.865  -13.741 8.486   0.50 19.85 ? 64  LYS A NZ  1 
ATOM   480 N  N   . LEU A 1 65 ? -8.644  -6.123  6.825   1.00 11.65 ? 65  LEU A N   1 
ATOM   481 C  CA  . LEU A 1 65 ? -8.279  -4.776  7.116   1.00 13.04 ? 65  LEU A CA  1 
ATOM   482 C  C   . LEU A 1 65 ? -9.272  -3.987  8.022   1.00 12.92 ? 65  LEU A C   1 
ATOM   483 O  O   . LEU A 1 65 ? -8.959  -2.884  8.506   1.00 15.30 ? 65  LEU A O   1 
ATOM   484 C  CB  . LEU A 1 65 ? -8.069  -4.010  5.824   1.00 12.49 ? 65  LEU A CB  1 
ATOM   485 C  CG  . LEU A 1 65 ? -6.864  -4.445  5.005   1.00 11.92 ? 65  LEU A CG  1 
ATOM   486 C  CD1 . LEU A 1 65 ? -6.884  -3.880  3.587   1.00 13.07 ? 65  LEU A CD1 1 
ATOM   487 C  CD2 . LEU A 1 65 ? -5.610  -3.901  5.674   1.00 15.49 ? 65  LEU A CD2 1 
ATOM   488 N  N   . GLY A 1 66 ? -10.495 -4.489  8.210   1.00 14.46 ? 66  GLY A N   1 
ATOM   489 C  CA  . GLY A 1 66 ? -11.530 -3.717  8.887   1.00 16.10 ? 66  GLY A CA  1 
ATOM   490 C  C   . GLY A 1 66 ? -12.249 -2.786  7.904   1.00 13.92 ? 66  GLY A C   1 
ATOM   491 O  O   . GLY A 1 66 ? -11.707 -2.432  6.835   1.00 12.91 ? 66  GLY A O   1 
ATOM   492 N  N   . GLU A 1 67 ? -13.438 -2.325  8.286   1.00 14.63 ? 67  GLU A N   1 
ATOM   493 C  CA  . GLU A 1 67 ? -14.142 -1.318  7.555   1.00 16.58 ? 67  GLU A CA  1 
ATOM   494 C  C   . GLU A 1 67 ? -13.304 -0.086  7.440   1.00 14.50 ? 67  GLU A C   1 
ATOM   495 O  O   . GLU A 1 67 ? -12.832 0.492   8.423   1.00 17.24 ? 67  GLU A O   1 
ATOM   496 C  CB  . GLU A 1 67 ? -15.477 -1.009  8.244   1.00 17.00 ? 67  GLU A CB  1 
ATOM   497 C  CG  . GLU A 1 67 ? -16.322 -0.112  7.377   1.00 20.49 ? 67  GLU A CG  1 
ATOM   498 C  CD  . GLU A 1 67 ? -17.748 0.054   7.887   1.00 20.79 ? 67  GLU A CD  1 
ATOM   499 O  OE1 . GLU A 1 67 ? -18.658 -0.456  7.201   1.00 34.43 ? 67  GLU A OE1 1 
ATOM   500 O  OE2 . GLU A 1 67 ? -17.917 0.700   8.952   1.00 29.98 ? 67  GLU A OE2 1 
ATOM   501 N  N   . GLY A 1 68 ? -13.055 0.296   6.188   1.00 13.96 ? 68  GLY A N   1 
ATOM   502 C  CA  . GLY A 1 68 ? -12.251 1.480   5.930   1.00 15.00 ? 68  GLY A CA  1 
ATOM   503 C  C   . GLY A 1 68 ? -10.725 1.294   6.024   1.00 12.71 ? 68  GLY A C   1 
ATOM   504 O  O   . GLY A 1 68 ? -9.924  2.208   5.726   1.00 15.42 ? 68  GLY A O   1 
ATOM   505 N  N   . GLY A 1 69 ? -10.300 0.105   6.417   1.00 11.96 ? 69  GLY A N   1 
ATOM   506 C  CA  . GLY A 1 69 ? -8.852  -0.151  6.588   1.00 12.19 ? 69  GLY A CA  1 
ATOM   507 C  C   . GLY A 1 69 ? -8.076  -0.068  5.284   1.00 12.06 ? 69  GLY A C   1 
ATOM   508 O  O   . GLY A 1 69 ? -6.907  0.281   5.284   1.00 12.46 ? 69  GLY A O   1 
ATOM   509 N  N   . ASP A 1 70 ? -8.732  -0.448  4.198   1.00 11.36 ? 70  ASP A N   1 
ATOM   510 C  CA  . ASP A 1 70 ? -8.148  -0.320  2.863   1.00 11.75 ? 70  ASP A CA  1 
ATOM   511 C  C   . ASP A 1 70 ? -7.751  1.155   2.599   1.00 11.57 ? 70  ASP A C   1 
ATOM   512 O  O   . ASP A 1 70 ? -6.654  1.444   2.113   1.00 11.45 ? 70  ASP A O   1 
ATOM   513 C  CB  . ASP A 1 70 ? -9.110  -0.885  1.805   1.00 14.03 ? 70  ASP A CB  1 
ATOM   514 C  CG  . ASP A 1 70 ? -10.517 -0.200  1.816   1.00 17.30 ? 70  ASP A CG  1 
ATOM   515 O  OD1 . ASP A 1 70 ? -11.025 0.216   2.853   1.00 20.36 ? 70  ASP A OD1 1 
ATOM   516 O  OD2 . ASP A 1 70 ? -11.092 -0.090  0.713   1.00 26.55 ? 70  ASP A OD2 1 
ATOM   517 N  N   . GLN A 1 71 ? -8.643  2.084   2.921   1.00 12.18 ? 71  GLN A N   1 
ATOM   518 C  CA  . GLN A 1 71 ? -8.326  3.477   2.789   1.00 11.53 ? 71  GLN A CA  1 
ATOM   519 C  C   . GLN A 1 71 ? -7.256  3.988   3.714   1.00 12.77 ? 71  GLN A C   1 
ATOM   520 O  O   . GLN A 1 71 ? -6.375  4.758   3.311   1.00 13.21 ? 71  GLN A O   1 
ATOM   521 C  CB  . GLN A 1 71 ? -9.598  4.314   2.924   1.00 15.25 ? 71  GLN A CB  1 
ATOM   522 C  CG  . GLN A 1 71 ? -9.501  5.650   2.246   1.00 20.01 ? 71  GLN A CG  1 
ATOM   523 C  CD  . GLN A 1 71 ? -10.756 6.461   2.382   1.00 16.97 ? 71  GLN A CD  1 
ATOM   524 O  OE1 . GLN A 1 71 ? -10.737 7.469   3.024   1.00 25.57 ? 71  GLN A OE1 1 
ATOM   525 N  NE2 . GLN A 1 71 ? -11.858 5.959   1.852   1.00 26.34 ? 71  GLN A NE2 1 
ATOM   526 N  N   . LEU A 1 72 ? -7.270  3.500   4.934   1.00 12.58 ? 72  LEU A N   1 
ATOM   527 C  CA  . LEU A 1 72 ? -6.223  3.884   5.890   1.00 13.20 ? 72  LEU A CA  1 
ATOM   528 C  C   . LEU A 1 72 ? -4.842  3.411   5.444   1.00 13.31 ? 72  LEU A C   1 
ATOM   529 O  O   . LEU A 1 72 ? -3.875  4.196   5.435   1.00 13.13 ? 72  LEU A O   1 
ATOM   530 C  CB  . LEU A 1 72 ? -6.501  3.366   7.295   1.00 15.03 ? 72  LEU A CB  1 
ATOM   531 C  CG  . LEU A 1 72 ? -7.699  3.984   8.010   1.00 19.22 ? 72  LEU A CG  1 
ATOM   532 C  CD1 . LEU A 1 72 ? -7.930  3.223   9.297   1.00 23.18 ? 72  LEU A CD1 1 
ATOM   533 C  CD2 . LEU A 1 72 ? -7.331  5.452   8.269   1.00 25.64 ? 72  LEU A CD2 1 
ATOM   534 N  N   . VAL A 1 73 ? -4.729  2.157   5.040   1.00 11.18 ? 73  VAL A N   1 
ATOM   535 C  CA  . VAL A 1 73 ? -3.387  1.680   4.661   1.00 10.67 ? 73  VAL A CA  1 
ATOM   536 C  C   . VAL A 1 73 ? -2.950  2.381   3.364   1.00 11.71 ? 73  VAL A C   1 
ATOM   537 O  O   . VAL A 1 73 ? -1.805  2.695   3.162   1.00 10.98 ? 73  VAL A O   1 
ATOM   538 C  CB  . VAL A 1 73 ? -3.316  0.118   4.598   1.00 12.33 ? 73  VAL A CB  1 
ATOM   539 C  CG1 . VAL A 1 73 ? -4.095  -0.501  3.449   1.00 13.11 ? 73  VAL A CG1 1 
ATOM   540 C  CG2 . VAL A 1 73 ? -1.877  -0.332  4.568   1.00 13.59 ? 73  VAL A CG2 1 
ATOM   541 N  N   . ALA A 1 74 ? -3.913  2.613   2.467   1.00 10.93 ? 74  ALA A N   1 
ATOM   542 C  CA  . ALA A 1 74 ? -3.603  3.285   1.214   1.00 11.12 ? 74  ALA A CA  1 
ATOM   543 C  C   . ALA A 1 74 ? -3.080  4.687   1.407   1.00 10.70 ? 74  ALA A C   1 
ATOM   544 O  O   . ALA A 1 74 ? -2.163  5.123   0.710   1.00 10.87 ? 74  ALA A O   1 
ATOM   545 C  CB  . ALA A 1 74 ? -4.843  3.324   0.324   1.00 11.75 ? 74  ALA A CB  1 
ATOM   546 N  N   . GLY A 1 75 ? -3.690  5.457   2.302   1.00 11.05 ? 75  GLY A N   1 
ATOM   547 C  CA  . GLY A 1 75 ? -3.225  6.810   2.540   1.00 12.50 ? 75  GLY A CA  1 
ATOM   548 C  C   . GLY A 1 75 ? -1.798  6.825   3.081   1.00 11.56 ? 75  GLY A C   1 
ATOM   549 O  O   . GLY A 1 75 ? -0.989  7.679   2.690   1.00 14.25 ? 75  GLY A O   1 
ATOM   550 N  N   . TRP A 1 76 ? -1.473  5.851   3.973   1.00 11.61 ? 76  TRP A N   1 
ATOM   551 C  CA  . TRP A 1 76 ? -0.117  5.765   4.494   1.00 11.25 ? 76  TRP A CA  1 
ATOM   552 C  C   . TRP A 1 76 ? 0.865   5.452   3.333   1.00 10.76 ? 76  TRP A C   1 
ATOM   553 O  O   . TRP A 1 76 ? 1.959   6.033   3.211   1.00 11.02 ? 76  TRP A O   1 
ATOM   554 C  CB  . TRP A 1 76 ? -0.001  4.762   5.668   1.00 13.68 ? 76  TRP A CB  1 
ATOM   555 C  CG  . TRP A 1 76 ? 1.374   4.804   6.314   1.00 13.34 ? 76  TRP A CG  1 
ATOM   556 C  CD1 . TRP A 1 76 ? 1.864   5.748   7.157   1.00 15.02 ? 76  TRP A CD1 1 
ATOM   557 C  CD2 . TRP A 1 76 ? 2.449   3.896   6.075   1.00 11.01 ? 76  TRP A CD2 1 
ATOM   558 N  NE1 . TRP A 1 76 ? 3.155   5.470   7.474   1.00 14.72 ? 76  TRP A NE1 1 
ATOM   559 C  CE2 . TRP A 1 76 ? 3.546   4.341   6.845   1.00 10.88 ? 76  TRP A CE2 1 
ATOM   560 C  CE3 . TRP A 1 76 ? 2.605   2.762   5.284   1.00 10.89 ? 76  TRP A CE3 1 
ATOM   561 C  CZ2 . TRP A 1 76 ? 4.775   3.719   6.834   1.00 14.86 ? 76  TRP A CZ2 1 
ATOM   562 C  CZ3 . TRP A 1 76 ? 3.848   2.117   5.288   1.00 13.39 ? 76  TRP A CZ3 1 
ATOM   563 C  CH2 . TRP A 1 76 ? 4.910   2.583   6.076   1.00 15.19 ? 76  TRP A CH2 1 
ATOM   564 N  N   . ILE A 1 77 ? 0.544   4.452   2.522   1.00 10.21 ? 77  ILE A N   1 
ATOM   565 C  CA  . ILE A 1 77 ? 1.414   4.052   1.415   1.00 10.80 ? 77  ILE A CA  1 
ATOM   566 C  C   . ILE A 1 77 ? 1.631   5.252   0.487   1.00 10.68 ? 77  ILE A C   1 
ATOM   567 O  O   . ILE A 1 77 ? 2.765   5.479   0.049   1.00 10.27 ? 77  ILE A O   1 
ATOM   568 C  CB  . ILE A 1 77 ? 0.805   2.880   0.621   1.00 8.63  ? 77  ILE A CB  1 
ATOM   569 C  CG1 . ILE A 1 77 ? 0.880   1.575   1.456   1.00 8.79  ? 77  ILE A CG1 1 
ATOM   570 C  CG2 . ILE A 1 77 ? 1.461   2.714   -0.740  1.00 10.49 ? 77  ILE A CG2 1 
ATOM   571 C  CD1 . ILE A 1 77 ? 0.100   0.422   1.003   1.00 9.64  ? 77  ILE A CD1 1 
ATOM   572 N  N   . LEU A 1 78 ? 0.581   6.026   0.201   1.00 10.35 ? 78  LEU A N   1 
ATOM   573 C  CA  . LEU A 1 78 ? 0.766   7.136   -0.753  1.00 9.48  ? 78  LEU A CA  1 
ATOM   574 C  C   . LEU A 1 78 ? 1.708   8.183   -0.188  1.00 11.54 ? 78  LEU A C   1 
ATOM   575 O  O   . LEU A 1 78 ? 2.564   8.705   -0.930  1.00 12.37 ? 78  LEU A O   1 
ATOM   576 C  CB  . LEU A 1 78 ? -0.575  7.799   -1.156  1.00 12.44 ? 78  LEU A CB  1 
ATOM   577 C  CG  . LEU A 1 78 ? -0.494  8.846   -2.256  1.00 12.95 ? 78  LEU A CG  1 
ATOM   578 C  CD1 . LEU A 1 78 ? 0.026   8.284   -3.565  1.00 15.87 ? 78  LEU A CD1 1 
ATOM   579 C  CD2 . LEU A 1 78 ? -1.873  9.418   -2.437  1.00 17.19 ? 78  LEU A CD2 1 
ATOM   580 N  N   . GLU A 1 79 ? 1.573   8.488   1.106   1.00 12.67 ? 79  GLU A N   1 
ATOM   581 C  CA  . GLU A 1 79 ? 2.472   9.437   1.749   1.00 12.60 ? 79  GLU A CA  1 
ATOM   582 C  C   . GLU A 1 79 ? 3.904   8.954   1.672   1.00 11.55 ? 79  GLU A C   1 
ATOM   583 O  O   . GLU A 1 79 ? 4.816   9.691   1.370   1.00 12.85 ? 79  GLU A O   1 
ATOM   584 C  CB  . GLU A 1 79 ? 2.075   9.704   3.244   1.00 14.70 ? 79  GLU A CB  1 
ATOM   585 C  CG  . GLU A 1 79 ? 3.021   10.587  4.025   0.75 17.71 ? 79  GLU A CG  1 
ATOM   586 C  CD  . GLU A 1 79 ? 2.460   10.831  5.410   0.50 26.74 ? 79  GLU A CD  1 
ATOM   587 O  OE1 . GLU A 1 79 ? 3.124   10.529  6.416   0.50 31.25 ? 79  GLU A OE1 1 
ATOM   588 O  OE2 . GLU A 1 79 ? 1.303   11.264  5.484   0.50 30.19 ? 79  GLU A OE2 1 
ATOM   589 N  N   . GLN A 1 80 ? 4.112   7.682   1.955   1.00 10.60 ? 80  GLN A N   1 
ATOM   590 C  CA  . GLN A 1 80 ? 5.422   7.109   1.859   1.00 9.67  ? 80  GLN A CA  1 
ATOM   591 C  C   . GLN A 1 80 ? 5.965   7.193   0.454   1.00 9.50  ? 80  GLN A C   1 
ATOM   592 O  O   . GLN A 1 80 ? 7.103   7.525   0.255   1.00 10.32 ? 80  GLN A O   1 
ATOM   593 C  CB  . GLN A 1 80 ? 5.446   5.662   2.333   1.00 10.89 ? 80  GLN A CB  1 
ATOM   594 C  CG  . GLN A 1 80 ? 5.217   5.452   3.824   1.00 13.25 ? 80  GLN A CG  1 
ATOM   595 C  CD  . GLN A 1 80 ? 6.370   6.053   4.630   1.00 19.18 ? 80  GLN A CD  1 
ATOM   596 O  OE1 . GLN A 1 80 ? 6.222   7.082   5.213   1.00 23.67 ? 80  GLN A OE1 1 
ATOM   597 N  NE2 . GLN A 1 80 ? 7.576   5.464   4.493   1.00 24.34 ? 80  GLN A NE2 1 
ATOM   598 N  N   . ALA A 1 81 ? 5.172   6.836   -0.532  1.00 9.23  ? 81  ALA A N   1 
ATOM   599 C  CA  . ALA A 1 81 ? 5.584   6.942   -1.911  1.00 9.85  ? 81  ALA A CA  1 
ATOM   600 C  C   . ALA A 1 81 ? 5.984   8.366   -2.286  1.00 9.76  ? 81  ALA A C   1 
ATOM   601 O  O   . ALA A 1 81 ? 7.006   8.607   -2.959  1.00 9.68  ? 81  ALA A O   1 
ATOM   602 C  CB  . ALA A 1 81 ? 4.518   6.425   -2.834  1.00 10.04 ? 81  ALA A CB  1 
ATOM   603 N  N   . GLN A 1 82 ? 5.170   9.308   -1.834  1.00 11.08 ? 82  GLN A N   1 
ATOM   604 C  CA  . GLN A 1 82 ? 5.484   10.703  -2.084  1.00 11.76 ? 82  GLN A CA  1 
ATOM   605 C  C   . GLN A 1 82 ? 6.816   11.118  -1.451  1.00 12.83 ? 82  GLN A C   1 
ATOM   606 O  O   . GLN A 1 82 ? 7.515   11.987  -1.970  1.00 14.38 ? 82  GLN A O   1 
ATOM   607 C  CB  . GLN A 1 82 ? 4.341   11.578  -1.637  1.00 12.64 ? 82  GLN A CB  1 
ATOM   608 C  CG  . GLN A 1 82 ? 3.074   11.427  -2.527  1.00 16.42 ? 82  GLN A CG  1 
ATOM   609 C  CD  . GLN A 1 82 ? 1.831   12.106  -1.929  1.00 21.38 ? 82  GLN A CD  1 
ATOM   610 O  OE1 . GLN A 1 82 ? 1.803   12.412  -0.740  1.00 24.41 ? 82  GLN A OE1 1 
ATOM   611 N  NE2 . GLN A 1 82 ? 0.790   12.318  -2.746  1.00 24.55 ? 82  GLN A NE2 1 
ATOM   612 N  N   . ASN A 1 83 ? 7.165   10.504  -0.322  1.00 11.75 ? 83  ASN A N   1 
ATOM   613 C  CA  . ASN A 1 83 ? 8.418   10.767  0.366   1.00 12.46 ? 83  ASN A CA  1 
ATOM   614 C  C   . ASN A 1 83 ? 9.559   9.830   -0.037  1.00 11.35 ? 83  ASN A C   1 
ATOM   615 O  O   . ASN A 1 83 ? 10.649  9.825   0.562   1.00 12.06 ? 83  ASN A O   1 
ATOM   616 C  CB  . ASN A 1 83 ? 8.196   10.876  1.895   1.00 14.76 ? 83  ASN A CB  1 
ATOM   617 C  CG  . ASN A 1 83 ? 7.277   12.075  2.243   0.75 21.52 ? 83  ASN A CG  1 
ATOM   618 O  OD1 . ASN A 1 83 ? 7.354   13.135  1.598   0.75 31.50 ? 83  ASN A OD1 1 
ATOM   619 N  ND2 . ASN A 1 83 ? 6.370   11.883  3.162   0.75 27.06 ? 83  ASN A ND2 1 
ATOM   620 N  N   . ALA A 1 84 ? 9.347   9.070   -1.117  1.00 11.84 ? 84  ALA A N   1 
ATOM   621 C  CA  . ALA A 1 84 ? 10.339  8.123   -1.570  1.00 10.87 ? 84  ALA A CA  1 
ATOM   622 C  C   . ALA A 1 84 ? 10.783  7.175   -0.486  1.00 10.40 ? 84  ALA A C   1 
ATOM   623 O  O   . ALA A 1 84 ? 11.942  6.725   -0.472  1.00 11.65 ? 84  ALA A O   1 
ATOM   624 C  CB  . ALA A 1 84 ? 11.557  8.806   -2.219  1.00 12.43 ? 84  ALA A CB  1 
ATOM   625 N  N   . TRP A 1 85 ? 9.850   6.868   0.406   1.00 10.08 ? 85  TRP A N   1 
ATOM   626 C  CA  . TRP A 1 85 ? 10.053  5.811   1.412   1.00 9.86  ? 85  TRP A CA  1 
ATOM   627 C  C   . TRP A 1 85 ? 11.212  6.107   2.366   1.00 10.43 ? 85  TRP A C   1 
ATOM   628 O  O   . TRP A 1 85 ? 11.809  5.181   2.951   1.00 13.79 ? 85  TRP A O   1 
ATOM   629 C  CB  . TRP A 1 85 ? 10.146  4.398   0.779   1.00 10.11 ? 85  TRP A CB  1 
ATOM   630 C  CG  . TRP A 1 85 ? 8.847   3.975   0.142   1.00 9.26  ? 85  TRP A CG  1 
ATOM   631 C  CD1 . TRP A 1 85 ? 8.393   4.288   -1.102  1.00 10.60 ? 85  TRP A CD1 1 
ATOM   632 C  CD2 . TRP A 1 85 ? 7.775   3.302   0.785   1.00 10.16 ? 85  TRP A CD2 1 
ATOM   633 N  NE1 . TRP A 1 85 ? 7.103   3.823   -1.287  1.00 10.25 ? 85  TRP A NE1 1 
ATOM   634 C  CE2 . TRP A 1 85 ? 6.718   3.199   -0.140  1.00 9.60  ? 85  TRP A CE2 1 
ATOM   635 C  CE3 . TRP A 1 85 ? 7.608   2.755   2.056   1.00 10.08 ? 85  TRP A CE3 1 
ATOM   636 C  CZ2 . TRP A 1 85 ? 5.513   2.566   0.167   1.00 10.40 ? 85  TRP A CZ2 1 
ATOM   637 C  CZ3 . TRP A 1 85 ? 6.417   2.119   2.362   1.00 11.60 ? 85  TRP A CZ3 1 
ATOM   638 C  CH2 . TRP A 1 85 ? 5.366   2.050   1.410   1.00 12.05 ? 85  TRP A CH2 1 
ATOM   639 N  N   . THR A 1 86 ? 11.524  7.383   2.549   1.00 10.44 ? 86  THR A N   1 
ATOM   640 C  CA  . THR A 1 86 ? 12.567  7.775   3.545   1.00 10.70 ? 86  THR A CA  1 
ATOM   641 C  C   . THR A 1 86 ? 12.089  9.062   4.228   1.00 11.95 ? 86  THR A C   1 
ATOM   642 O  O   . THR A 1 86 ? 11.473  9.949   3.591   1.00 11.31 ? 86  THR A O   1 
ATOM   643 C  CB  . THR A 1 86 ? 13.954  7.969   2.952   1.00 12.06 ? 86  THR A CB  1 
ATOM   644 O  OG1 . THR A 1 86 ? 13.906  9.119   2.083   1.00 12.82 ? 86  THR A OG1 1 
ATOM   645 C  CG2 . THR A 1 86 ? 14.568  6.717   2.305   1.00 13.77 ? 86  THR A CG2 1 
ATOM   646 N  N   . GLN A 1 87 ? 12.409  9.190   5.525   1.00 12.35 ? 87  GLN A N   1 
ATOM   647 C  CA  . GLN A 1 87 ? 12.167  10.355  6.304   1.00 14.42 ? 87  GLN A CA  1 
ATOM   648 C  C   . GLN A 1 87 ? 13.408  10.688  7.112   1.00 13.95 ? 87  GLN A C   1 
ATOM   649 O  O   . GLN A 1 87 ? 14.263  9.841   7.374   1.00 12.50 ? 87  GLN A O   1 
ATOM   650 C  CB  . GLN A 1 87 ? 11.018  10.092  7.264   1.00 16.61 ? 87  GLN A CB  1 
ATOM   651 C  CG  . GLN A 1 87 ? 9.720   9.826   6.583   0.75 17.47 ? 87  GLN A CG  1 
ATOM   652 C  CD  . GLN A 1 87 ? 8.691   9.437   7.581   0.75 20.90 ? 87  GLN A CD  1 
ATOM   653 O  OE1 . GLN A 1 87 ? 8.299   10.269  8.413   0.75 27.16 ? 87  GLN A OE1 1 
ATOM   654 N  NE2 . GLN A 1 87 ? 8.291   8.136   7.566   0.75 23.17 ? 87  GLN A NE2 1 
ATOM   655 N  N   . GLY A 1 88 ? 13.519  11.949  7.495   1.00 12.70 ? 88  GLY A N   1 
ATOM   656 C  CA  . GLY A 1 88 ? 14.680  12.358  8.264   1.00 11.85 ? 88  GLY A CA  1 
ATOM   657 C  C   . GLY A 1 88 ? 14.682  11.976  9.716   1.00 15.28 ? 88  GLY A C   1 
ATOM   658 O  O   . GLY A 1 88 ? 13.622  11.693  10.245  1.00 19.29 ? 88  GLY A O   1 
ATOM   659 O  OXT . GLY A 1 88 ? 15.774  12.044  10.362  1.00 18.86 ? 88  GLY A OXT 1 
HETATM 660 FE FE  . HEC B 2 .  ? 0.712   -6.085  -2.751  1.00 9.10  ? 101 HEC A FE  1 
HETATM 661 C  CHA . HEC B 2 .  ? 1.089   -5.368  -6.049  1.00 7.94  ? 101 HEC A CHA 1 
HETATM 662 C  CHB . HEC B 2 .  ? -0.576  -2.974  -2.163  1.00 8.03  ? 101 HEC A CHB 1 
HETATM 663 C  CHC . HEC B 2 .  ? 0.058   -6.927  0.444   1.00 10.11 ? 101 HEC A CHC 1 
HETATM 664 C  CHD . HEC B 2 .  ? 2.227   -9.089  -3.233  1.00 9.52  ? 101 HEC A CHD 1 
HETATM 665 N  NA  . HEC B 2 .  ? 0.434   -4.486  -3.845  1.00 8.05  ? 101 HEC A NA  1 
HETATM 666 C  C1A . HEC B 2 .  ? 0.646   -4.325  -5.189  1.00 7.57  ? 101 HEC A C1A 1 
HETATM 667 C  C2A . HEC B 2 .  ? 0.322   -2.983  -5.636  1.00 8.89  ? 101 HEC A C2A 1 
HETATM 668 C  C3A . HEC B 2 .  ? -0.173  -2.337  -4.535  1.00 7.56  ? 101 HEC A C3A 1 
HETATM 669 C  C4A . HEC B 2 .  ? -0.090  -3.246  -3.426  1.00 7.52  ? 101 HEC A C4A 1 
HETATM 670 C  CMA . HEC B 2 .  ? -0.733  -0.920  -4.503  1.00 9.34  ? 101 HEC A CMA 1 
HETATM 671 C  CAA . HEC B 2 .  ? 0.561   -2.490  -7.049  1.00 8.17  ? 101 HEC A CAA 1 
HETATM 672 C  CBA . HEC B 2 .  ? 2.040   -2.160  -7.239  1.00 9.68  ? 101 HEC A CBA 1 
HETATM 673 C  CGA . HEC B 2 .  ? 2.475   -1.879  -8.673  1.00 11.91 ? 101 HEC A CGA 1 
HETATM 674 O  O1A . HEC B 2 .  ? 1.662   -2.041  -9.574  1.00 15.91 ? 101 HEC A O1A 1 
HETATM 675 O  O2A . HEC B 2 .  ? 3.620   -1.350  -8.845  1.00 12.17 ? 101 HEC A O2A 1 
HETATM 676 N  NB  . HEC B 2 .  ? -0.109  -5.150  -1.168  1.00 8.21  ? 101 HEC A NB  1 
HETATM 677 C  C1B . HEC B 2 .  ? -0.611  -3.861  -1.105  1.00 7.37  ? 101 HEC A C1B 1 
HETATM 678 C  C2B . HEC B 2 .  ? -1.209  -3.625  0.206   1.00 7.61  ? 101 HEC A C2B 1 
HETATM 679 C  C3B . HEC B 2 .  ? -1.076  -4.727  0.915   1.00 8.27  ? 101 HEC A C3B 1 
HETATM 680 C  C4B . HEC B 2 .  ? -0.385  -5.672  0.071   1.00 9.85  ? 101 HEC A C4B 1 
HETATM 681 C  CMB . HEC B 2 .  ? -1.843  -2.335  0.535   1.00 9.32  ? 101 HEC A CMB 1 
HETATM 682 C  CAB . HEC B 2 .  ? -1.489  -5.030  2.301   1.00 8.96  ? 101 HEC A CAB 1 
HETATM 683 C  CBB . HEC B 2 .  ? -2.982  -4.751  2.502   1.00 9.48  ? 101 HEC A CBB 1 
HETATM 684 N  NC  . HEC B 2 .  ? 1.033   -7.689  -1.634  1.00 8.90  ? 101 HEC A NC  1 
HETATM 685 C  C1C . HEC B 2 .  ? 0.742   -7.860  -0.306  1.00 8.85  ? 101 HEC A C1C 1 
HETATM 686 C  C2C . HEC B 2 .  ? 1.326   -9.091  0.229   1.00 10.99 ? 101 HEC A C2C 1 
HETATM 687 C  C3C . HEC B 2 .  ? 2.045   -9.643  -0.791  1.00 10.76 ? 101 HEC A C3C 1 
HETATM 688 C  C4C . HEC B 2 .  ? 1.822   -8.804  -1.960  1.00 9.61  ? 101 HEC A C4C 1 
HETATM 689 C  CMC . HEC B 2 .  ? 1.244   -9.514  1.652   1.00 12.78 ? 101 HEC A CMC 1 
HETATM 690 C  CAC . HEC B 2 .  ? 2.935   -10.857 -0.809  1.00 13.96 ? 101 HEC A CAC 1 
HETATM 691 C  CBC . HEC B 2 .  ? 2.260   -12.160 -0.423  1.00 16.03 ? 101 HEC A CBC 1 
HETATM 692 N  ND  . HEC B 2 .  ? 1.491   -7.031  -4.341  1.00 9.51  ? 101 HEC A ND  1 
HETATM 693 C  C1D . HEC B 2 .  ? 2.011   -8.309  -4.369  1.00 8.66  ? 101 HEC A C1D 1 
HETATM 694 C  C2D . HEC B 2 .  ? 2.312   -8.682  -5.745  1.00 10.57 ? 101 HEC A C2D 1 
HETATM 695 C  C3D . HEC B 2 .  ? 1.926   -7.641  -6.604  1.00 11.09 ? 101 HEC A C3D 1 
HETATM 696 C  C4D . HEC B 2 .  ? 1.426   -6.622  -5.666  1.00 9.11  ? 101 HEC A C4D 1 
HETATM 697 C  CMD . HEC B 2 .  ? 2.851   -10.015 -6.159  1.00 11.40 ? 101 HEC A CMD 1 
HETATM 698 C  CAD . HEC B 2 .  ? 1.983   -7.617  -8.078  1.00 10.00 ? 101 HEC A CAD 1 
HETATM 699 C  CBD . HEC B 2 .  ? 0.644   -8.196  -8.581  1.00 13.23 ? 101 HEC A CBD 1 
HETATM 700 C  CGD . HEC B 2 .  ? 0.745   -8.322  -10.101 1.00 14.80 ? 101 HEC A CGD 1 
HETATM 701 O  O1D . HEC B 2 .  ? 0.590   -9.370  -10.661 1.00 17.72 ? 101 HEC A O1D 1 
HETATM 702 O  O2D . HEC B 2 .  ? 0.791   -7.292  -10.777 1.00 19.10 ? 101 HEC A O2D 1 
HETATM 703 NA NA  . NA  C 3 .  ? 12.477  10.855  1.334   0.50 12.80 ? 102 NA  A NA  1 
HETATM 704 O  O   . HOH D 4 .  ? 8.408   6.444   -4.048  1.00 11.96 ? 201 HOH A O   1 
HETATM 705 O  O   . HOH D 4 .  ? 9.357   7.314   -7.525  1.00 14.03 ? 202 HOH A O   1 
HETATM 706 O  O   . HOH D 4 .  ? 16.615  9.738   1.664   1.00 15.82 ? 203 HOH A O   1 
HETATM 707 O  O   . HOH D 4 .  ? -0.407  -10.430 4.968   1.00 15.21 ? 204 HOH A O   1 
HETATM 708 O  O   . HOH D 4 .  ? -13.929 -2.745  11.206  1.00 14.58 ? 205 HOH A O   1 
HETATM 709 O  O   . HOH D 4 .  ? 10.832  6.975   -5.199  1.00 17.34 ? 206 HOH A O   1 
HETATM 710 O  O   . HOH D 4 .  ? 5.353   6.756   -16.653 1.00 17.13 ? 207 HOH A O   1 
HETATM 711 O  O   . HOH D 4 .  ? -1.874  10.171  1.955   1.00 20.15 ? 208 HOH A O   1 
HETATM 712 O  O   . HOH D 4 .  ? 5.851   7.199   -13.890 1.00 24.61 ? 209 HOH A O   1 
HETATM 713 O  O   . HOH D 4 .  ? 9.720   -5.155  -0.002  1.00 19.60 ? 210 HOH A O   1 
HETATM 714 O  O   . HOH D 4 .  ? 11.582  -5.425  -3.803  1.00 19.32 ? 211 HOH A O   1 
HETATM 715 O  O   . HOH D 4 .  ? -5.779  -12.238 -9.857  1.00 21.54 ? 212 HOH A O   1 
HETATM 716 O  O   . HOH D 4 .  ? -3.729  6.607   6.848   1.00 19.47 ? 213 HOH A O   1 
HETATM 717 O  O   . HOH D 4 .  ? -1.090  -11.841 -1.974  1.00 21.68 ? 214 HOH A O   1 
HETATM 718 O  O   . HOH D 4 .  ? 8.044   0.015   5.207   1.00 19.88 ? 215 HOH A O   1 
HETATM 719 O  O   . HOH D 4 .  ? -4.389  -0.625  12.711  0.75 26.88 ? 216 HOH A O   1 
HETATM 720 O  O   . HOH D 4 .  ? 16.111  13.055  12.842  1.00 21.04 ? 217 HOH A O   1 
HETATM 721 O  O   A HOH D 4 .  ? -0.758  -3.160  -10.678 0.50 18.42 ? 218 HOH A O   1 
HETATM 722 O  O   B HOH D 4 .  ? 0.501   -4.687  -9.817  0.50 17.38 ? 218 HOH A O   1 
HETATM 723 O  O   . HOH D 4 .  ? -0.633  5.754   9.826   1.00 19.81 ? 219 HOH A O   1 
HETATM 724 O  O   . HOH D 4 .  ? 4.403   -0.242  9.433   1.00 22.56 ? 220 HOH A O   1 
HETATM 725 O  O   . HOH D 4 .  ? -5.958  -11.669 -7.151  1.00 25.18 ? 221 HOH A O   1 
HETATM 726 O  O   . HOH D 4 .  ? -11.041 2.335   -3.467  1.00 28.00 ? 222 HOH A O   1 
HETATM 727 O  O   . HOH D 4 .  ? 3.850   -11.466 3.555   0.75 24.95 ? 223 HOH A O   1 
HETATM 728 O  O   . HOH D 4 .  ? 2.058   6.702   10.602  1.00 19.56 ? 224 HOH A O   1 
HETATM 729 O  O   . HOH D 4 .  ? -0.993  8.395   -12.980 1.00 19.77 ? 225 HOH A O   1 
HETATM 730 O  O   . HOH D 4 .  ? -5.023  6.759   -9.375  1.00 20.73 ? 226 HOH A O   1 
HETATM 731 O  O   A HOH D 4 .  ? -5.642  -6.128  11.460  0.60 15.40 ? 227 HOH A O   1 
HETATM 732 O  O   B HOH D 4 .  ? -7.415  -7.309  11.544  0.40 19.10 ? 227 HOH A O   1 
HETATM 733 O  O   . HOH D 4 .  ? 2.276   -10.367 5.606   0.75 25.22 ? 228 HOH A O   1 
HETATM 734 O  O   . HOH D 4 .  ? 11.089  2.709   3.961   1.00 24.37 ? 229 HOH A O   1 
HETATM 735 O  O   . HOH D 4 .  ? 10.057  6.465   6.019   1.00 22.15 ? 230 HOH A O   1 
HETATM 736 O  O   . HOH D 4 .  ? 17.794  8.727   3.983   1.00 22.84 ? 231 HOH A O   1 
HETATM 737 O  O   . HOH D 4 .  ? 15.341  5.439   5.985   0.75 23.46 ? 232 HOH A O   1 
HETATM 738 O  O   . HOH D 4 .  ? 1.733   11.465  -8.106  0.75 22.30 ? 233 HOH A O   1 
HETATM 739 O  O   . HOH D 4 .  ? -5.005  9.679   1.624   0.50 24.06 ? 234 HOH A O   1 
HETATM 740 O  O   A HOH D 4 .  ? 7.222   9.440   -12.172 0.60 16.32 ? 235 HOH A O   1 
HETATM 741 O  O   B HOH D 4 .  ? 9.008   9.910   -11.982 0.40 15.86 ? 235 HOH A O   1 
HETATM 742 O  O   . HOH D 4 .  ? 3.254   -8.100  6.879   1.00 26.27 ? 236 HOH A O   1 
HETATM 743 O  O   . HOH D 4 .  ? -10.073 3.180   -7.629  1.00 29.09 ? 237 HOH A O   1 
HETATM 744 O  O   . HOH D 4 .  ? -3.120  6.083   9.462   0.75 21.27 ? 238 HOH A O   1 
HETATM 745 O  O   . HOH D 4 .  ? -0.326  -12.548 3.240   1.00 27.52 ? 239 HOH A O   1 
HETATM 746 O  O   A HOH D 4 .  ? -1.460  -2.042  -14.844 0.60 16.11 ? 240 HOH A O   1 
HETATM 747 O  O   B HOH D 4 .  ? -0.958  -1.084  -16.307 0.40 11.28 ? 240 HOH A O   1 
HETATM 748 O  O   . HOH D 4 .  ? 8.717   2.591   5.128   1.00 23.48 ? 241 HOH A O   1 
HETATM 749 O  O   . HOH D 4 .  ? 2.527   -11.359 8.768   0.75 28.39 ? 242 HOH A O   1 
HETATM 750 O  O   . HOH D 4 .  ? -0.455  11.572  -11.386 1.00 27.62 ? 243 HOH A O   1 
HETATM 751 O  O   . HOH D 4 .  ? 13.239  4.473   -1.477  0.50 20.93 ? 244 HOH A O   1 
HETATM 752 O  O   A HOH D 4 .  ? -11.750 -3.853  4.252   0.65 20.18 ? 245 HOH A O   1 
HETATM 753 O  O   B HOH D 4 .  ? -11.000 -2.528  4.067   0.35 15.98 ? 245 HOH A O   1 
HETATM 754 O  O   . HOH D 4 .  ? -7.348  -0.554  12.378  0.75 24.17 ? 246 HOH A O   1 
HETATM 755 O  O   . HOH D 4 .  ? 5.426   -15.009 -8.818  0.75 21.28 ? 247 HOH A O   1 
HETATM 756 O  O   . HOH D 4 .  ? 11.542  6.846   -9.220  0.75 25.37 ? 248 HOH A O   1 
HETATM 757 O  O   . HOH D 4 .  ? -3.495  9.302   -10.466 0.50 21.69 ? 249 HOH A O   1 
HETATM 758 O  O   . HOH D 4 .  ? -14.309 -0.918  3.941   0.75 28.07 ? 250 HOH A O   1 
HETATM 759 O  O   . HOH D 4 .  ? 11.215  -3.561  -5.674  0.75 23.11 ? 251 HOH A O   1 
HETATM 760 O  O   . HOH D 4 .  ? 13.139  2.093   0.165   0.50 25.23 ? 252 HOH A O   1 
HETATM 761 O  O   . HOH D 4 .  ? 12.996  5.438   -4.769  0.50 25.52 ? 253 HOH A O   1 
HETATM 762 O  O   . HOH D 4 .  ? 12.013  -10.894 2.671   0.50 24.44 ? 254 HOH A O   1 
HETATM 763 O  O   . HOH D 4 .  ? 9.193   -7.721  -11.732 0.50 23.38 ? 255 HOH A O   1 
HETATM 764 O  O   . HOH D 4 .  ? 8.840   -1.100  -12.269 0.75 28.91 ? 256 HOH A O   1 
HETATM 765 O  O   . HOH D 4 .  ? -3.248  8.054   -14.519 0.50 29.99 ? 257 HOH A O   1 
HETATM 766 O  O   . HOH D 4 .  ? -8.308  -4.267  -7.455  0.50 21.73 ? 258 HOH A O   1 
HETATM 767 O  O   . HOH D 4 .  ? -9.274  -1.213  10.587  0.50 22.50 ? 259 HOH A O   1 
HETATM 768 O  O   . HOH D 4 .  ? -0.188  12.106  0.836   0.50 24.75 ? 260 HOH A O   1 
HETATM 769 O  O   . HOH D 4 .  ? -1.463  8.519   10.970  0.50 28.20 ? 261 HOH A O   1 
HETATM 770 O  O   . HOH D 4 .  ? 9.249   -7.158  2.246   0.50 20.16 ? 262 HOH A O   1 
HETATM 771 O  O   . HOH D 4 .  ? 7.196   -7.034  -13.468 0.50 23.63 ? 263 HOH A O   1 
HETATM 772 O  O   . HOH D 4 .  ? -6.059  9.173   -10.411 0.50 26.27 ? 264 HOH A O   1 
HETATM 773 O  O   . HOH D 4 .  ? 3.246   13.979  -13.799 0.40 21.40 ? 265 HOH A O   1 
HETATM 774 O  O   . HOH D 4 .  ? -11.043 -13.365 6.722   0.50 23.56 ? 266 HOH A O   1 
HETATM 775 O  O   . HOH D 4 .  ? 1.307   -12.541 -3.742  0.50 17.21 ? 267 HOH A O   1 
HETATM 776 O  O   . HOH D 4 .  ? 6.316   10.810  9.690   0.50 20.42 ? 268 HOH A O   1 
HETATM 777 O  O   A HOH D 4 .  ? 16.955  9.656   7.125   0.50 17.27 ? 269 HOH A O   1 
HETATM 778 O  O   B HOH D 4 .  ? 16.278  8.071   6.035   0.50 23.38 ? 269 HOH A O   1 
HETATM 779 O  O   . HOH D 4 .  ? -7.394  6.477   11.857  0.50 23.15 ? 270 HOH A O   1 
HETATM 780 O  O   . HOH D 4 .  ? -2.585  8.734   5.648   0.50 21.87 ? 271 HOH A O   1 
HETATM 781 O  O   . HOH D 4 .  ? 3.793   -8.687  10.189  0.50 22.72 ? 272 HOH A O   1 
HETATM 782 O  O   . HOH D 4 .  ? 6.651   -7.277  10.347  0.50 24.30 ? 273 HOH A O   1 
HETATM 783 O  O   . HOH D 4 .  ? 12.407  -0.784  -1.839  0.50 27.71 ? 274 HOH A O   1 
HETATM 784 O  O   . HOH D 4 .  ? 10.696  -9.800  -10.273 0.50 24.92 ? 275 HOH A O   1 
HETATM 785 O  O   . HOH D 4 .  ? 11.150  -5.993  -13.463 0.50 23.93 ? 276 HOH A O   1 
HETATM 786 O  O   . HOH D 4 .  ? 10.962  8.909   -23.573 0.50 18.82 ? 277 HOH A O   1 
HETATM 787 O  O   . HOH D 4 .  ? -6.936  -11.806 3.120   0.50 19.87 ? 278 HOH A O   1 
HETATM 788 O  O   . HOH D 4 .  ? -5.076  10.492  -3.426  1.00 27.32 ? 279 HOH A O   1 
HETATM 789 O  O   . HOH D 4 .  ? -6.421  7.621   3.593   0.50 20.29 ? 280 HOH A O   1 
HETATM 790 O  O   . HOH D 4 .  ? -3.884  -4.285  12.553  0.50 18.04 ? 281 HOH A O   1 
HETATM 791 O  O   . HOH D 4 .  ? -13.171 -4.527  -4.024  0.75 26.40 ? 282 HOH A O   1 
HETATM 792 O  O   . HOH D 4 .  ? -11.546 3.956   0.069   0.50 36.63 ? 283 HOH A O   1 
HETATM 793 O  O   . HOH D 4 .  ? 11.160  9.317   -11.208 0.25 31.67 ? 284 HOH A O   1 
HETATM 794 O  O   . HOH D 4 .  ? 1.366   -10.057 12.260  0.50 25.03 ? 285 HOH A O   1 
HETATM 795 O  O   . HOH D 4 .  ? -3.580  0.440   15.285  0.50 25.13 ? 286 HOH A O   1 
HETATM 796 O  O   . HOH D 4 .  ? 12.180  -5.407  -1.284  0.50 23.21 ? 287 HOH A O   1 
HETATM 797 O  O   . HOH D 4 .  ? 9.513   2.438   -11.449 0.50 24.20 ? 288 HOH A O   1 
HETATM 798 O  O   . HOH D 4 .  ? 9.856   -14.286 -5.461  0.50 21.18 ? 289 HOH A O   1 
HETATM 799 O  O   . HOH D 4 .  ? 10.927  0.334   -10.274 0.50 26.45 ? 290 HOH A O   1 
HETATM 800 O  O   . HOH D 4 .  ? 7.157   1.970   -18.577 0.50 26.45 ? 291 HOH A O   1 
HETATM 801 O  O   . HOH D 4 .  ? 16.721  4.214   0.917   0.50 23.24 ? 292 HOH A O   1 
HETATM 802 O  O   . HOH D 4 .  ? 8.359   5.381   -14.617 0.50 30.53 ? 293 HOH A O   1 
HETATM 803 O  O   . HOH D 4 .  ? -1.453  -4.619  -12.952 0.50 20.23 ? 294 HOH A O   1 
HETATM 804 O  O   . HOH D 4 .  ? 13.767  3.167   2.466   0.40 21.70 ? 295 HOH A O   1 
# 
loop_
_atom_site_anisotrop.id 
_atom_site_anisotrop.type_symbol 
_atom_site_anisotrop.pdbx_label_atom_id 
_atom_site_anisotrop.pdbx_label_alt_id 
_atom_site_anisotrop.pdbx_label_comp_id 
_atom_site_anisotrop.pdbx_label_asym_id 
_atom_site_anisotrop.pdbx_label_seq_id 
_atom_site_anisotrop.pdbx_PDB_ins_code 
_atom_site_anisotrop.U[1][1] 
_atom_site_anisotrop.U[2][2] 
_atom_site_anisotrop.U[3][3] 
_atom_site_anisotrop.U[1][2] 
_atom_site_anisotrop.U[1][3] 
_atom_site_anisotrop.U[2][3] 
_atom_site_anisotrop.pdbx_auth_seq_id 
_atom_site_anisotrop.pdbx_auth_comp_id 
_atom_site_anisotrop.pdbx_auth_asym_id 
_atom_site_anisotrop.pdbx_auth_atom_id 
1   N  N   . GLU A 1  ? 0.4808 0.0921 0.4722 0.0668  -0.0931 -0.0464 1   GLU A N   
2   C  CA  . GLU A 1  ? 0.3381 0.3274 0.3667 0.0710  -0.0590 0.0034  1   GLU A CA  
3   C  C   . GLU A 1  ? 0.2333 0.4208 0.4388 -0.0101 -0.1506 -0.0387 1   GLU A C   
4   O  O   . GLU A 1  ? 0.5730 0.4270 0.3150 0.0338  -0.0930 -0.1267 1   GLU A O   
5   C  CB  . GLU A 1  ? 0.2979 0.3123 0.3829 0.0647  -0.1103 0.0184  1   GLU A CB  
6   C  CG  . GLU A 1  ? 0.1936 0.3209 0.3964 0.0724  -0.0964 -0.0035 1   GLU A CG  
7   C  CD  . GLU A 1  ? 0.2849 0.4415 0.3788 -0.0346 0.0270  0.0689  1   GLU A CD  
8   O  OE1 . GLU A 1  ? 0.2981 0.3995 0.3522 -0.0695 -0.1054 0.1259  1   GLU A OE1 
9   O  OE2 . GLU A 1  ? 0.2529 0.4348 0.5047 -0.0063 -0.1069 0.1835  1   GLU A OE2 
10  N  N   . THR A 2  ? 0.2613 0.4602 0.3705 0.1014  -0.1413 -0.0419 2   THR A N   
11  C  CA  . THR A 2  ? 0.2603 0.3443 0.2613 0.0411  -0.0722 -0.0170 2   THR A CA  
12  C  C   . THR A 2  ? 0.2875 0.4156 0.3226 0.0376  -0.0610 -0.1026 2   THR A C   
13  O  O   . THR A 2  ? 0.2602 0.3303 0.3108 0.0115  0.0281  -0.0543 2   THR A O   
14  C  CB  . THR A 2  ? 0.2461 0.4146 0.2061 0.0155  0.0578  -0.0149 2   THR A CB  
15  O  OG1 . THR A 2  ? 0.2447 0.5035 0.1903 0.0901  0.0256  -0.1275 2   THR A OG1 
16  C  CG2 . THR A 2  ? 0.3079 0.3606 0.1611 0.0265  0.0948  -0.0138 2   THR A CG2 
17  N  N   . SER A 3  ? 0.2479 0.3695 0.3535 -0.0175 -0.0238 -0.0536 3   SER A N   
18  C  CA  . SER A 3  ? 0.2753 0.3225 0.2673 0.0130  0.0264  -0.0565 3   SER A CA  
19  C  C   . SER A 3  ? 0.2380 0.3098 0.2498 -0.0197 0.0198  -0.0037 3   SER A C   
20  O  O   . SER A 3  ? 0.3342 0.3176 0.2344 0.0222  0.0724  -0.0097 3   SER A O   
21  C  CB  . SER A 3  ? 0.3361 0.3404 0.2551 -0.0155 0.0463  -0.0815 3   SER A CB  
22  O  OG  . SER A 3  ? 0.3399 0.3939 0.3625 0.0542  -0.0711 -0.0289 3   SER A OG  
23  N  N   . GLY A 4  ? 0.2654 0.2802 0.2186 0.0190  -0.0229 0.0066  4   GLY A N   
24  C  CA  . GLY A 4  ? 0.2550 0.2602 0.1376 -0.0144 -0.0080 -0.0128 4   GLY A CA  
25  C  C   . GLY A 4  ? 0.2344 0.2540 0.1596 0.0060  -0.0167 -0.0220 4   GLY A C   
26  O  O   . GLY A 4  ? 0.2005 0.2416 0.1523 0.0045  -0.0279 -0.0282 4   GLY A O   
27  N  N   . GLU A 5  ? 0.2283 0.2678 0.1584 0.0170  -0.0080 -0.0063 5   GLU A N   
28  C  CA  . GLU A 5  ? 0.2051 0.2513 0.1505 0.0147  0.0158  -0.0112 5   GLU A CA  
29  C  C   . GLU A 5  ? 0.1458 0.1943 0.1525 0.0259  -0.0115 -0.0066 5   GLU A C   
30  O  O   . GLU A 5  ? 0.1540 0.2162 0.1673 -0.0034 -0.0090 0.0142  5   GLU A O   
31  C  CB  . GLU A 5  ? 0.1959 0.2501 0.2288 0.0080  0.0085  -0.0054 5   GLU A CB  
32  C  CG  . GLU A 5  ? 0.1883 0.2711 0.2829 0.0069  0.0027  0.0223  5   GLU A CG  
33  C  CD  . GLU A 5  ? 0.2058 0.4734 0.2386 0.0125  0.1006  0.0784  5   GLU A CD  
34  O  OE1 . GLU A 5  ? 0.2428 0.5340 0.2539 0.0192  0.0899  -0.0476 5   GLU A OE1 
35  O  OE2 . GLU A 5  ? 0.2229 0.5383 0.3652 -0.0394 0.0012  0.0859  5   GLU A OE2 
36  N  N   . GLY A 6  ? 0.1588 0.1869 0.1612 -0.0028 0.0069  -0.0126 6   GLY A N   
37  C  CA  . GLY A 6  ? 0.1385 0.1741 0.1373 0.0273  -0.0169 0.0007  6   GLY A CA  
38  C  C   . GLY A 6  ? 0.1270 0.1597 0.1412 0.0026  0.0002  0.0198  6   GLY A C   
39  O  O   . GLY A 6  ? 0.1281 0.1647 0.1264 -0.0001 -0.0059 0.0147  6   GLY A O   
40  N  N   . ALA A 7  ? 0.1382 0.1825 0.1198 -0.0108 0.0197  -0.0067 7   ALA A N   
41  C  CA  . ALA A 7  ? 0.1466 0.1970 0.1055 0.0048  0.0097  -0.0114 7   ALA A CA  
42  C  C   . ALA A 7  ? 0.1315 0.1735 0.1252 -0.0273 0.0008  -0.0181 7   ALA A C   
43  O  O   . ALA A 7  ? 0.1083 0.1709 0.1275 -0.0143 -0.0181 0.0137  7   ALA A O   
44  C  CB  . ALA A 7  ? 0.1410 0.1481 0.1617 0.0016  -0.0156 0.0149  7   ALA A CB  
45  N  N   . VAL A 8  ? 0.1244 0.1881 0.1356 -0.0146 0.0061  -0.0156 8   VAL A N   
46  C  CA  . VAL A 8  ? 0.1023 0.1749 0.1512 -0.0205 -0.0013 -0.0125 8   VAL A CA  
47  C  C   . VAL A 8  ? 0.1190 0.1655 0.1228 -0.0166 -0.0068 0.0041  8   VAL A C   
48  O  O   . VAL A 8  ? 0.1315 0.1897 0.1830 0.0135  -0.0003 0.0452  8   VAL A O   
49  C  CB  . VAL A 8  ? 0.1745 0.2450 0.1292 -0.0162 0.0039  0.0305  8   VAL A CB  
50  C  CG1 . VAL A 8  ? 0.2337 0.2535 0.2058 -0.0574 0.0505  0.0288  8   VAL A CG1 
51  C  CG2 . VAL A 8  ? 0.1882 0.2619 0.1502 -0.0213 0.0031  0.0349  8   VAL A CG2 
52  N  N   . LEU A 9  ? 0.1245 0.1668 0.1486 0.0053  0.0008  0.0082  9   LEU A N   
53  C  CA  . LEU A 9  ? 0.1365 0.1255 0.1728 0.0042  -0.0001 0.0144  9   LEU A CA  
54  C  C   . LEU A 9  ? 0.1454 0.1621 0.1501 -0.0275 -0.0029 0.0236  9   LEU A C   
55  O  O   . LEU A 9  ? 0.1100 0.1724 0.1297 -0.0165 -0.0077 0.0337  9   LEU A O   
56  C  CB  . LEU A 9  ? 0.1392 0.1468 0.1832 0.0036  -0.0186 0.0087  9   LEU A CB  
57  C  CG  . LEU A 9  ? 0.1558 0.1934 0.2254 0.0184  0.0162  0.0184  9   LEU A CG  
58  C  CD1 . LEU A 9  ? 0.1990 0.2507 0.2732 0.0469  -0.0475 -0.0136 9   LEU A CD1 
59  C  CD2 . LEU A 9  ? 0.1021 0.2341 0.2967 -0.0114 0.0046  0.0143  9   LEU A CD2 
60  N  N   . PHE A 10 ? 0.1112 0.1601 0.1313 -0.0208 0.0012  0.0147  10  PHE A N   
61  C  CA  . PHE A 10 ? 0.1257 0.1374 0.1232 -0.0125 -0.0003 0.0312  10  PHE A CA  
62  C  C   . PHE A 10 ? 0.1322 0.1487 0.1051 -0.0055 -0.0018 0.0317  10  PHE A C   
63  O  O   . PHE A 10 ? 0.1252 0.1622 0.1452 -0.0138 -0.0086 0.0133  10  PHE A O   
64  C  CB  . PHE A 10 ? 0.0995 0.1334 0.1394 -0.0105 -0.0060 0.0298  10  PHE A CB  
65  C  CG  . PHE A 10 ? 0.0938 0.1972 0.1347 -0.0087 -0.0061 0.0194  10  PHE A CG  
66  C  CD1 . PHE A 10 ? 0.1170 0.2464 0.1200 0.0332  -0.0124 0.0365  10  PHE A CD1 
67  C  CD2 . PHE A 10 ? 0.1065 0.1827 0.1331 -0.0144 -0.0017 0.0108  10  PHE A CD2 
68  C  CE1 . PHE A 10 ? 0.1272 0.1706 0.1838 0.0105  0.0104  -0.0276 10  PHE A CE1 
69  C  CE2 . PHE A 10 ? 0.1414 0.1287 0.1147 0.0005  0.0107  0.0180  10  PHE A CE2 
70  C  CZ  . PHE A 10 ? 0.1241 0.1773 0.1818 0.0151  0.0225  -0.0067 10  PHE A CZ  
71  N  N   . GLY A 11 ? 0.1479 0.1347 0.1304 0.0056  -0.0137 -0.0039 11  GLY A N   
72  C  CA  . GLY A 11 ? 0.1284 0.2341 0.1309 0.0396  -0.0599 -0.0194 11  GLY A CA  
73  C  C   . GLY A 11 ? 0.1973 0.2355 0.1461 0.0523  -0.0198 0.0216  11  GLY A C   
74  O  O   . GLY A 11 ? 0.2135 0.2061 0.2280 0.0528  0.0137  0.0309  11  GLY A O   
75  N  N   . GLN A 12 ? 0.1704 0.1841 0.1548 0.0369  -0.0243 0.0201  12  GLN A N   
76  C  CA  . GLN A 12 ? 0.1870 0.2194 0.1728 0.0114  -0.0083 0.0353  12  GLN A CA  
77  C  C   . GLN A 12 ? 0.2246 0.1852 0.1456 0.0754  -0.0050 0.0335  12  GLN A C   
78  O  O   . GLN A 12 ? 0.3161 0.1653 0.1897 0.0325  -0.0500 0.0185  12  GLN A O   
79  C  CB  . GLN A 12 ? 0.1952 0.2304 0.2280 -0.0335 0.0369  0.0699  12  GLN A CB  
80  C  CG  . GLN A 12 ? 0.2121 0.2824 0.2460 0.0122  0.0015  0.0577  12  GLN A CG  
81  C  CD  . GLN A 12 ? 0.2728 0.2694 0.2488 0.0267  -0.0041 0.0530  12  GLN A CD  
82  O  OE1 . GLN A 12 ? 0.4036 0.3002 0.2600 0.0330  0.0122  0.0627  12  GLN A OE1 
83  N  NE2 . GLN A 12 ? 0.3497 0.4634 0.2397 0.0176  -0.0138 0.0473  12  GLN A NE2 
84  N  N   . HIS A 13 ? 0.1646 0.1565 0.1439 -0.0213 0.0110  0.0589  13  HIS A N   
85  C  CA  . HIS A 13 ? 0.1412 0.1764 0.1509 0.0070  0.0341  0.0204  13  HIS A CA  
86  C  C   . HIS A 13 ? 0.1741 0.1348 0.1356 0.0054  0.0263  0.0321  13  HIS A C   
87  O  O   . HIS A 13 ? 0.1769 0.1299 0.1897 -0.0280 0.0312  0.0178  13  HIS A O   
88  C  CB  . HIS A 13 ? 0.1728 0.1447 0.1525 0.0137  0.0076  0.0174  13  HIS A CB  
89  C  CG  . HIS A 13 ? 0.1490 0.1284 0.1653 0.0147  0.0051  0.0111  13  HIS A CG  
90  N  ND1 . HIS A 13 ? 0.1272 0.1435 0.2065 0.0006  -0.0037 0.0191  13  HIS A ND1 
91  C  CD2 . HIS A 13 ? 0.1494 0.0912 0.1601 0.0031  -0.0114 0.0181  13  HIS A CD2 
92  C  CE1 . HIS A 13 ? 0.1487 0.1533 0.1795 -0.0079 0.0108  0.0557  13  HIS A CE1 
93  N  NE2 . HIS A 13 ? 0.1356 0.1754 0.1876 -0.0173 0.0181  0.0211  13  HIS A NE2 
94  N  N   . CYS A 14 ? 0.1421 0.1641 0.1296 -0.0044 0.0241  0.0043  14  CYS A N   
95  C  CA  . CYS A 14 ? 0.1511 0.1708 0.1403 -0.0108 0.0176  0.0307  14  CYS A CA  
96  C  C   . CYS A 14 ? 0.1475 0.1596 0.1341 -0.0091 -0.0030 0.0035  14  CYS A C   
97  O  O   . CYS A 14 ? 0.1427 0.1832 0.1378 0.0114  0.0024  0.0057  14  CYS A O   
98  C  CB  . CYS A 14 ? 0.0988 0.1388 0.1377 -0.0216 0.0180  -0.0072 14  CYS A CB  
99  S  SG  . CYS A 14 ? 0.1163 0.1492 0.1395 0.0008  0.0077  -0.0023 14  CYS A SG  
100 N  N   . ALA A 15 ? 0.1323 0.1677 0.1233 -0.0156 0.0037  0.0116  15  ALA A N   
101 C  CA  . ALA A 15 ? 0.1361 0.2036 0.1697 0.0093  0.0052  -0.0192 15  ALA A CA  
102 C  C   . ALA A 15 ? 0.1578 0.1770 0.1777 0.0096  0.0177  -0.0002 15  ALA A C   
103 O  O   . ALA A 15 ? 0.1519 0.2084 0.1883 0.0257  0.0036  0.0138  15  ALA A O   
104 C  CB  . ALA A 15 ? 0.1381 0.1818 0.1859 0.0147  -0.0204 -0.0114 15  ALA A CB  
105 N  N   . GLY A 16 ? 0.1418 0.1655 0.1780 0.0032  -0.0238 -0.0073 16  GLY A N   
106 C  CA  . GLY A 16 ? 0.1887 0.1746 0.1919 0.0461  -0.0234 0.0678  16  GLY A CA  
107 C  C   . GLY A 16 ? 0.1874 0.2025 0.1991 0.0296  -0.0312 0.0175  16  GLY A C   
108 O  O   . GLY A 16 ? 0.2208 0.2392 0.1736 0.0582  -0.0121 0.0495  16  GLY A O   
109 N  N   . CYS A 17 ? 0.1713 0.1374 0.1550 0.0127  -0.0104 0.0157  17  CYS A N   
110 C  CA  . CYS A 17 ? 0.1551 0.1275 0.1600 0.0282  -0.0007 0.0103  17  CYS A CA  
111 C  C   . CYS A 17 ? 0.1622 0.1293 0.1547 0.0355  -0.0109 -0.0015 17  CYS A C   
112 O  O   . CYS A 17 ? 0.1828 0.1669 0.1871 0.0570  0.0228  0.0105  17  CYS A O   
113 C  CB  . CYS A 17 ? 0.1767 0.1276 0.1564 -0.0028 0.0176  -0.0049 17  CYS A CB  
114 S  SG  . CYS A 17 ? 0.2001 0.1271 0.1947 0.0299  0.0151  0.0200  17  CYS A SG  
115 N  N   . HIS A 18 ? 0.1423 0.1114 0.1530 0.0216  0.0020  0.0017  18  HIS A N   
116 C  CA  . HIS A 18 ? 0.1015 0.1221 0.1566 -0.0050 -0.0129 0.0040  18  HIS A CA  
117 C  C   . HIS A 18 ? 0.0612 0.1452 0.1731 -0.0087 -0.0092 -0.0022 18  HIS A C   
118 O  O   . HIS A 18 ? 0.1299 0.1557 0.1742 -0.0152 0.0126  -0.0029 18  HIS A O   
119 C  CB  . HIS A 18 ? 0.1042 0.1005 0.1286 0.0011  0.0147  0.0113  18  HIS A CB  
120 C  CG  . HIS A 18 ? 0.0961 0.1115 0.1223 0.0056  0.0013  0.0225  18  HIS A CG  
121 N  ND1 . HIS A 18 ? 0.1206 0.1142 0.1165 -0.0071 0.0010  -0.0150 18  HIS A ND1 
122 C  CD2 . HIS A 18 ? 0.1003 0.1375 0.0972 -0.0049 0.0039  0.0084  18  HIS A CD2 
123 C  CE1 . HIS A 18 ? 0.1128 0.0756 0.1138 -0.0071 0.0196  -0.0325 18  HIS A CE1 
124 N  NE2 . HIS A 18 ? 0.0976 0.1125 0.1139 0.0070  0.0076  -0.0259 18  HIS A NE2 
125 N  N   . VAL A 19 ? 0.1609 0.1803 0.2197 0.0372  -0.0367 -0.0023 19  VAL A N   
126 C  CA  . VAL A 19 ? 0.1872 0.1896 0.1790 -0.0067 -0.0378 0.0338  19  VAL A CA  
127 C  C   . VAL A 19 ? 0.1294 0.2034 0.1585 -0.0090 -0.0180 -0.0153 19  VAL A C   
128 O  O   . VAL A 19 ? 0.0912 0.2070 0.1913 -0.0163 -0.0015 -0.0131 19  VAL A O   
129 C  CB  . VAL A 19 ? 0.2359 0.1869 0.2273 0.0320  -0.0550 0.0267  19  VAL A CB  
130 C  CG1 . VAL A 19 ? 0.1845 0.2527 0.3162 0.0669  -0.0068 0.1026  19  VAL A CG1 
131 C  CG2 . VAL A 19 ? 0.2855 0.2812 0.2974 -0.0003 -0.1382 -0.0240 19  VAL A CG2 
132 N  N   . ASN A 20 ? 0.1831 0.1834 0.1659 0.0036  -0.0252 0.0104  20  ASN A N   
133 C  CA  . ASN A 20 ? 0.1534 0.2374 0.1717 -0.0228 -0.0115 -0.0003 20  ASN A CA  
134 C  C   . ASN A 20 ? 0.1327 0.2042 0.1575 -0.0167 0.0030  -0.0163 20  ASN A C   
135 O  O   . ASN A 20 ? 0.1220 0.1923 0.2072 -0.0348 0.0131  -0.0161 20  ASN A O   
136 C  CB  . ASN A 20 ? 0.1772 0.2798 0.2505 0.0095  -0.0583 -0.0189 20  ASN A CB  
137 C  CG  . ASN A 20 ? 0.2653 0.2920 0.2610 0.0338  -0.0917 0.0488  20  ASN A CG  
138 O  OD1 . ASN A 20 ? 0.4154 0.4013 0.3005 -0.0164 -0.1877 -0.1347 20  ASN A OD1 
139 N  ND2 . ASN A 20 ? 0.3053 0.2746 0.4405 0.0190  -0.1075 0.0596  20  ASN A ND2 
140 N  N   . GLY A 21 ? 0.1437 0.1676 0.1658 -0.0073 -0.0245 -0.0384 21  GLY A N   
141 C  CA  . GLY A 21 ? 0.1499 0.1178 0.1572 -0.0135 0.0019  -0.0177 21  GLY A CA  
142 C  C   . GLY A 21 ? 0.1190 0.1524 0.1571 0.0168  0.0113  -0.0059 21  GLY A C   
143 O  O   . GLY A 21 ? 0.1464 0.1955 0.1591 0.0030  -0.0003 0.0058  21  GLY A O   
144 N  N   . GLY A 22 ? 0.1320 0.1511 0.1573 0.0177  -0.0179 -0.0040 22  GLY A N   
145 C  CA  . GLY A 22 ? 0.1291 0.1596 0.1618 -0.0033 0.0069  0.0052  22  GLY A CA  
146 C  C   . GLY A 22 ? 0.1076 0.1242 0.1897 0.0051  0.0203  0.0121  22  GLY A C   
147 O  O   . GLY A 22 ? 0.0982 0.1151 0.1584 -0.0157 0.0094  -0.0101 22  GLY A O   
148 N  N   . ASN A 23 ? 0.1096 0.1607 0.1669 0.0082  0.0252  -0.0101 23  ASN A N   
149 C  CA  . ASN A 23 ? 0.1342 0.0947 0.1535 0.0188  0.0289  -0.0035 23  ASN A CA  
150 C  C   . ASN A 23 ? 0.1853 0.1217 0.1800 0.0482  0.0341  -0.0002 23  ASN A C   
151 O  O   . ASN A 23 ? 0.1274 0.2145 0.2025 0.0386  0.0409  0.0148  23  ASN A O   
152 C  CB  . ASN A 23 ? 0.1317 0.1212 0.1729 0.0073  0.0247  0.0075  23  ASN A CB  
153 C  CG  . ASN A 23 ? 0.1502 0.1295 0.1491 0.0139  0.0204  -0.0158 23  ASN A CG  
154 O  OD1 . ASN A 23 ? 0.1317 0.1231 0.1971 0.0151  0.0278  0.0107  23  ASN A OD1 
155 N  ND2 . ASN A 23 ? 0.1530 0.0944 0.1535 0.0204  0.0294  -0.0278 23  ASN A ND2 
156 N  N   . ILE A 24 ? 0.2240 0.1384 0.2228 0.0650  0.0288  0.0370  24  ILE A N   
157 C  CA  . ILE A 24 ? 0.2106 0.1570 0.2537 0.0772  0.0604  0.0201  24  ILE A CA  
158 C  C   . ILE A 24 ? 0.2616 0.1675 0.2196 0.0775  0.0434  0.0512  24  ILE A C   
159 O  O   . ILE A 24 ? 0.2632 0.1936 0.2655 0.1023  0.0481  0.0137  24  ILE A O   
160 C  CB  . ILE A 24 ? 0.2019 0.1912 0.2767 0.0895  -0.0806 -0.0102 24  ILE A CB  
161 C  CG1 . ILE A 24 ? 0.2605 0.1751 0.2357 0.1136  0.0285  -0.0072 24  ILE A CG1 
162 C  CG2 . ILE A 24 ? 0.2442 0.2302 0.3269 0.0327  -0.0706 -0.0236 24  ILE A CG2 
163 C  CD1 . ILE A 24 ? 0.3021 0.2744 0.3069 0.1009  -0.0202 0.0364  24  ILE A CD1 
164 N  N   . ILE A 25 ? 0.2640 0.1687 0.2314 0.0733  0.0025  0.0184  25  ILE A N   
165 C  CA  . ILE A 25 ? 0.2350 0.1630 0.3001 0.0466  -0.0008 -0.0013 25  ILE A CA  
166 C  C   . ILE A 25 ? 0.2774 0.2378 0.2665 0.0907  0.0309  -0.0144 25  ILE A C   
167 O  O   . ILE A 25 ? 0.3473 0.2355 0.3332 0.0681  0.0956  -0.0536 25  ILE A O   
168 C  CB  . ILE A 25 ? 0.2349 0.1553 0.2868 0.0280  -0.0270 0.0159  25  ILE A CB  
169 C  CG1 . ILE A 25 ? 0.2566 0.1755 0.3325 0.0812  0.0282  0.0256  25  ILE A CG1 
170 C  CG2 . ILE A 25 ? 0.2333 0.1523 0.3263 0.0740  -0.0175 -0.0536 25  ILE A CG2 
171 C  CD1 . ILE A 25 ? 0.3160 0.2140 0.3813 0.1236  0.0222  0.0339  25  ILE A CD1 
172 N  N   . ARG A 26 ? 0.2772 0.2047 0.2093 0.0661  0.1037  -0.0365 26  ARG A N   
173 C  CA  . ARG A 26 ? 0.2556 0.1802 0.1991 0.0559  0.0521  -0.0177 26  ARG A CA  
174 C  C   . ARG A 26 ? 0.2535 0.1582 0.2398 0.0775  0.0257  0.0014  26  ARG A C   
175 O  O   . ARG A 26 ? 0.2807 0.1213 0.2315 0.0509  0.0841  0.0237  26  ARG A O   
176 C  CB  . ARG A 26 ? 0.3030 0.2841 0.2678 -0.0057 -0.0032 -0.0532 26  ARG A CB  
177 C  CG  . ARG A 26 ? 0.2953 0.1928 0.3066 0.0240  0.0201  -0.0114 26  ARG A CG  
178 C  CD  . ARG A 26 ? 0.3335 0.3001 0.3112 -0.0421 -0.0330 -0.0192 26  ARG A CD  
179 N  NE  . ARG A 26 ? 0.3152 0.3443 0.3345 -0.0630 0.0497  -0.0774 26  ARG A NE  
180 C  CZ  . ARG A 26 ? 0.3146 0.2842 0.3003 -0.0459 0.0606  -0.0722 26  ARG A CZ  
181 N  NH1 . ARG A 26 ? 0.3534 0.3779 0.3126 -0.0473 0.0221  -0.0765 26  ARG A NH1 
182 N  NH2 . ARG A 26 ? 0.3738 0.4838 0.3709 -0.0202 0.0884  0.0199  26  ARG A NH2 
183 N  N   . ARG A 27 ? 0.2497 0.2408 0.2968 0.0389  0.0322  -0.0191 27  ARG A N   
184 C  CA  . ARG A 27 ? 0.2204 0.2648 0.2212 0.0187  0.0412  0.0084  27  ARG A CA  
185 C  C   . ARG A 27 ? 0.1900 0.2098 0.2311 -0.0303 -0.0138 -0.0170 27  ARG A C   
186 O  O   . ARG A 27 ? 0.2381 0.2652 0.2471 -0.0021 0.0515  -0.0244 27  ARG A O   
187 C  CB  . ARG A 27 ? 0.2006 0.3335 0.2460 0.0823  -0.0299 0.0239  27  ARG A CB  
188 C  CG  . ARG A 27 ? 0.1917 0.2813 0.3410 0.0739  0.0087  0.0080  27  ARG A CG  
189 C  CD  . ARG A 27 ? 0.2113 0.3668 0.3741 0.1044  -0.0080 -0.0785 27  ARG A CD  
190 N  NE  A ARG A 27 ? 0.2246 0.2478 0.3361 0.0667  0.0058  -0.0119 27  ARG A NE  
191 N  NE  B ARG A 27 ? 0.2124 0.3194 0.3459 0.0455  0.0361  -0.0152 27  ARG A NE  
192 C  CZ  A ARG A 27 ? 0.3174 0.2239 0.3399 0.0458  -0.0456 0.0026  27  ARG A CZ  
193 C  CZ  B ARG A 27 ? 0.3052 0.3635 0.3663 0.0063  0.0011  -0.0281 27  ARG A CZ  
194 N  NH1 A ARG A 27 ? 0.3111 0.3636 0.3416 0.0773  -0.0638 0.0059  27  ARG A NH1 
195 N  NH1 B ARG A 27 ? 0.0997 0.4055 0.3538 0.0589  0.0386  -0.0530 27  ARG A NH1 
196 N  NH2 A ARG A 27 ? 0.3097 0.3528 0.4251 -0.0046 -0.0801 -0.0341 27  ARG A NH2 
197 N  NH2 B ARG A 27 ? 0.3244 0.3578 0.3251 0.0167  -0.0227 -0.0631 27  ARG A NH2 
198 N  N   . GLY A 28 ? 0.2128 0.2625 0.2052 0.0537  0.0379  0.0446  28  GLY A N   
199 C  CA  . GLY A 28 ? 0.2286 0.1860 0.1963 0.0173  0.0727  0.0084  28  GLY A CA  
200 C  C   . GLY A 28 ? 0.2121 0.1689 0.2268 0.0007  0.0810  0.0133  28  GLY A C   
201 O  O   . GLY A 28 ? 0.2967 0.1538 0.3076 -0.0090 0.0961  0.0509  28  GLY A O   
202 N  N   . LYS A 29 ? 0.1851 0.1481 0.1950 -0.0404 0.0212  0.0029  29  LYS A N   
203 C  CA  . LYS A 29 ? 0.2064 0.1228 0.1722 -0.0291 0.0200  -0.0094 29  LYS A CA  
204 C  C   . LYS A 29 ? 0.1466 0.1071 0.1535 0.0053  0.0162  -0.0055 29  LYS A C   
205 O  O   . LYS A 29 ? 0.1516 0.1354 0.1657 -0.0282 0.0178  -0.0081 29  LYS A O   
206 C  CB  . LYS A 29 ? 0.2301 0.1036 0.1560 -0.0335 0.0361  -0.0078 29  LYS A CB  
207 C  CG  . LYS A 29 ? 0.2250 0.1645 0.1764 -0.0278 0.0152  -0.0446 29  LYS A CG  
208 C  CD  . LYS A 29 ? 0.3023 0.2178 0.1875 -0.1174 -0.0116 0.0190  29  LYS A CD  
209 C  CE  . LYS A 29 ? 0.3188 0.2806 0.2665 -0.0543 -0.0116 0.0443  29  LYS A CE  
210 N  NZ  . LYS A 29 ? 0.2782 0.3600 0.2400 -0.0131 0.0426  0.0303  29  LYS A NZ  
211 N  N   . ASN A 30 ? 0.1826 0.1559 0.1736 -0.0283 0.0337  -0.0330 30  ASN A N   
212 C  CA  . ASN A 30 ? 0.1293 0.1431 0.1635 -0.0051 0.0150  -0.0135 30  ASN A CA  
213 C  C   . ASN A 30 ? 0.1322 0.0986 0.1315 -0.0297 0.0067  0.0025  30  ASN A C   
214 O  O   . ASN A 30 ? 0.1395 0.1042 0.1458 -0.0222 -0.0107 -0.0149 30  ASN A O   
215 C  CB  . ASN A 30 ? 0.1307 0.1338 0.1406 0.0075  0.0215  -0.0011 30  ASN A CB  
216 C  CG  . ASN A 30 ? 0.1623 0.0959 0.1733 0.0191  0.0068  0.0189  30  ASN A CG  
217 O  OD1 . ASN A 30 ? 0.1313 0.1018 0.1429 0.0183  0.0291  0.0039  30  ASN A OD1 
218 N  ND2 . ASN A 30 ? 0.1963 0.3132 0.3028 0.0795  0.0808  0.0773  30  ASN A ND2 
219 N  N   . LEU A 31 ? 0.1075 0.1288 0.1313 0.0020  0.0053  -0.0098 31  LEU A N   
220 C  CA  . LEU A 31 ? 0.0899 0.1037 0.1291 -0.0179 0.0010  -0.0178 31  LEU A CA  
221 C  C   . LEU A 31 ? 0.1081 0.1104 0.1094 -0.0250 -0.0094 -0.0285 31  LEU A C   
222 O  O   . LEU A 31 ? 0.1271 0.1003 0.1325 -0.0119 0.0136  -0.0189 31  LEU A O   
223 C  CB  . LEU A 31 ? 0.0917 0.1211 0.1378 0.0016  -0.0029 0.0164  31  LEU A CB  
224 C  CG  . LEU A 31 ? 0.1152 0.1210 0.1355 -0.0120 0.0087  -0.0119 31  LEU A CG  
225 C  CD1 . LEU A 31 ? 0.0822 0.1097 0.1320 0.0171  0.0035  0.0308  31  LEU A CD1 
226 C  CD2 . LEU A 31 ? 0.1450 0.1780 0.1557 -0.0226 -0.0201 -0.0015 31  LEU A CD2 
227 N  N   . LYS A 32 ? 0.1283 0.1089 0.1057 -0.0081 0.0062  0.0118  32  LYS A N   
228 C  CA  . LYS A 32 ? 0.1224 0.1071 0.1034 -0.0171 -0.0014 -0.0014 32  LYS A CA  
229 C  C   . LYS A 32 ? 0.1022 0.1075 0.1234 -0.0023 0.0174  -0.0105 32  LYS A C   
230 O  O   . LYS A 32 ? 0.1344 0.1027 0.1165 -0.0150 -0.0121 0.0115  32  LYS A O   
231 C  CB  . LYS A 32 ? 0.1196 0.1252 0.1332 -0.0472 0.0107  -0.0140 32  LYS A CB  
232 C  CG  . LYS A 32 ? 0.1876 0.1529 0.2133 -0.0117 -0.0013 -0.0026 32  LYS A CG  
233 C  CD  . LYS A 32 ? 0.1965 0.2265 0.2093 0.0161  0.0226  -0.0254 32  LYS A CD  
234 C  CE  . LYS A 32 ? 0.2315 0.2398 0.2785 0.0438  0.0532  0.0118  32  LYS A CE  
235 N  NZ  . LYS A 32 ? 0.2426 0.2602 0.5118 0.0644  -0.0846 -0.0399 32  LYS A NZ  
236 N  N   . LEU A 33 ? 0.1071 0.1037 0.1336 -0.0105 -0.0005 -0.0082 33  LEU A N   
237 C  CA  . LEU A 33 ? 0.1181 0.1230 0.1140 -0.0195 -0.0017 0.0103  33  LEU A CA  
238 C  C   . LEU A 33 ? 0.1117 0.1300 0.1229 -0.0076 -0.0060 0.0028  33  LEU A C   
239 O  O   . LEU A 33 ? 0.1452 0.1383 0.1197 -0.0251 -0.0289 0.0087  33  LEU A O   
240 C  CB  . LEU A 33 ? 0.1263 0.1303 0.1331 -0.0175 -0.0215 0.0042  33  LEU A CB  
241 C  CG  . LEU A 33 ? 0.1588 0.1311 0.1335 0.0213  0.0018  -0.0004 33  LEU A CG  
242 C  CD1 . LEU A 33 ? 0.1430 0.1608 0.2091 -0.0115 -0.0014 -0.0279 33  LEU A CD1 
243 C  CD2 . LEU A 33 ? 0.2338 0.1435 0.1669 0.0197  -0.0374 0.0128  33  LEU A CD2 
244 N  N   . ALA A 34 ? 0.1063 0.1305 0.1212 -0.0054 -0.0148 0.0179  34  ALA A N   
245 C  CA  . ALA A 34 ? 0.1715 0.1436 0.1307 -0.0439 0.0063  -0.0075 34  ALA A CA  
246 C  C   . ALA A 34 ? 0.1385 0.1234 0.1159 -0.0238 -0.0118 0.0012  34  ALA A C   
247 O  O   . ALA A 34 ? 0.1578 0.1730 0.1137 -0.0182 -0.0145 0.0023  34  ALA A O   
248 C  CB  . ALA A 34 ? 0.1848 0.1832 0.1171 -0.0318 0.0139  0.0018  34  ALA A CB  
249 N  N   . THR A 35 ? 0.1234 0.1329 0.1165 -0.0130 -0.0124 0.0024  35  THR A N   
250 C  CA  . THR A 35 ? 0.1043 0.1454 0.0947 -0.0219 0.0073  -0.0150 35  THR A CA  
251 C  C   . THR A 35 ? 0.1087 0.1350 0.1166 0.0028  0.0088  -0.0288 35  THR A C   
252 O  O   . THR A 35 ? 0.1329 0.1412 0.1208 -0.0233 -0.0089 -0.0169 35  THR A O   
253 C  CB  . THR A 35 ? 0.1491 0.1347 0.1501 -0.0366 0.0025  0.0010  35  THR A CB  
254 O  OG1 . THR A 35 ? 0.1507 0.1636 0.2134 -0.0484 0.0045  0.0164  35  THR A OG1 
255 C  CG2 . THR A 35 ? 0.1344 0.1327 0.1321 -0.0194 -0.0090 0.0007  35  THR A CG2 
256 N  N   . LEU A 36 ? 0.1195 0.1631 0.1000 0.0011  0.0160  -0.0124 36  LEU A N   
257 C  CA  . LEU A 36 ? 0.1199 0.1708 0.1211 0.0041  -0.0048 -0.0097 36  LEU A CA  
258 C  C   . LEU A 36 ? 0.0864 0.1696 0.1419 -0.0055 0.0195  0.0012  36  LEU A C   
259 O  O   . LEU A 36 ? 0.1047 0.1971 0.1347 -0.0230 -0.0105 0.0184  36  LEU A O   
260 C  CB  . LEU A 36 ? 0.1116 0.1679 0.1209 -0.0097 -0.0038 0.0202  36  LEU A CB  
261 C  CG  . LEU A 36 ? 0.1449 0.1425 0.1310 0.0130  -0.0090 0.0159  36  LEU A CG  
262 C  CD1 . LEU A 36 ? 0.1728 0.1387 0.1536 0.0144  0.0356  0.0073  36  LEU A CD1 
263 C  CD2 . LEU A 36 ? 0.2112 0.1202 0.1607 0.0007  0.0040  0.0072  36  LEU A CD2 
264 N  N   . LYS A 37 ? 0.1506 0.1541 0.1588 -0.0124 -0.0303 0.0059  37  LYS A N   
265 C  CA  . LYS A 37 ? 0.1056 0.1723 0.1473 -0.0217 -0.0135 -0.0024 37  LYS A CA  
266 C  C   . LYS A 37 ? 0.1169 0.1779 0.1439 -0.0286 -0.0014 0.0018  37  LYS A C   
267 O  O   . LYS A 37 ? 0.1788 0.1986 0.1523 -0.0004 -0.0253 0.0399  37  LYS A O   
268 C  CB  . LYS A 37 ? 0.1339 0.2230 0.2011 -0.0734 0.0018  0.0268  37  LYS A CB  
269 C  CG  . LYS A 37 ? 0.2882 0.2260 0.2053 -0.0647 -0.0287 0.0096  37  LYS A CG  
270 C  CD  A LYS A 37 ? 0.2211 0.1727 0.2375 -0.0305 -0.0233 0.0204  37  LYS A CD  
271 C  CD  B LYS A 37 ? 0.2444 0.1473 0.2327 -0.0135 -0.0171 -0.0016 37  LYS A CD  
272 C  CE  A LYS A 37 ? 0.1761 0.1882 0.2330 0.0045  -0.0607 -0.0088 37  LYS A CE  
273 C  CE  B LYS A 37 ? 0.2460 0.0735 0.2452 0.0227  0.0173  -0.0151 37  LYS A CE  
274 N  NZ  A LYS A 37 ? 0.1727 0.1608 0.2642 0.0054  0.0032  -0.0176 37  LYS A NZ  
275 N  NZ  B LYS A 37 ? 0.2563 0.0662 0.2850 0.0127  -0.0825 0.0916  37  LYS A NZ  
276 N  N   . ARG A 38 ? 0.1487 0.2117 0.1275 -0.0198 -0.0050 -0.0045 38  ARG A N   
277 C  CA  . ARG A 38 ? 0.1894 0.1789 0.1231 -0.0328 -0.0051 -0.0034 38  ARG A CA  
278 C  C   . ARG A 38 ? 0.1786 0.2243 0.1512 -0.0220 -0.0244 -0.0027 38  ARG A C   
279 O  O   . ARG A 38 ? 0.1965 0.3530 0.1619 0.0072  -0.0489 0.0070  38  ARG A O   
280 C  CB  . ARG A 38 ? 0.2286 0.2065 0.1783 -0.0191 -0.0025 -0.0129 38  ARG A CB  
281 C  CG  . ARG A 38 ? 0.2764 0.2771 0.1985 0.0163  0.0040  -0.0306 38  ARG A CG  
282 C  CD  A ARG A 38 ? 0.2920 0.2160 0.1039 0.0369  0.0340  -0.0936 38  ARG A CD  
283 C  CD  B ARG A 38 ? 0.2614 0.2643 0.2356 0.0091  0.0015  -0.0212 38  ARG A CD  
284 N  NE  A ARG A 38 ? 0.3929 0.2250 0.2286 0.0237  -0.0295 -0.0301 38  ARG A NE  
285 N  NE  B ARG A 38 ? 0.2866 0.2649 0.2317 -0.0281 -0.0432 -0.0183 38  ARG A NE  
286 C  CZ  A ARG A 38 ? 0.1170 0.4015 0.2055 -0.0112 0.1118  0.0507  38  ARG A CZ  
287 C  CZ  B ARG A 38 ? 0.1854 0.2621 0.2012 -0.0328 0.0221  -0.0807 38  ARG A CZ  
288 N  NH1 A ARG A 38 ? 0.1800 0.3914 0.3477 0.1248  0.0339  0.0761  38  ARG A NH1 
289 N  NH1 B ARG A 38 ? 0.2690 0.2474 0.2324 -0.0335 0.0676  -0.0669 38  ARG A NH1 
290 N  NH2 A ARG A 38 ? 0.1484 0.4884 0.4066 -0.0332 -0.1094 0.0431  38  ARG A NH2 
291 N  NH2 B ARG A 38 ? 0.2249 0.2059 0.1055 -0.0156 -0.0830 -0.0839 38  ARG A NH2 
292 N  N   . GLN A 39 ? 0.1288 0.1675 0.1644 -0.0316 -0.0180 -0.0148 39  GLN A N   
293 C  CA  . GLN A 39 ? 0.1120 0.1905 0.1478 -0.0171 -0.0041 -0.0572 39  GLN A CA  
294 C  C   . GLN A 39 ? 0.1211 0.1682 0.1294 0.0067  -0.0064 -0.0103 39  GLN A C   
295 O  O   . GLN A 39 ? 0.1475 0.1950 0.1794 -0.0221 -0.0079 -0.0088 39  GLN A O   
296 C  CB  . GLN A 39 ? 0.1612 0.2249 0.1748 -0.0173 0.0040  -0.0299 39  GLN A CB  
297 C  CG  A GLN A 39 ? 0.1449 0.2026 0.1922 -0.0184 -0.0238 -0.0206 39  GLN A CG  
298 C  CG  B GLN A 39 ? 0.1457 0.1997 0.1805 -0.0222 -0.0213 -0.0338 39  GLN A CG  
299 C  CD  A GLN A 39 ? 0.2336 0.1659 0.1701 -0.0529 -0.0465 -0.0285 39  GLN A CD  
300 C  CD  B GLN A 39 ? 0.1337 0.1447 0.1916 0.0473  0.0035  -0.0320 39  GLN A CD  
301 O  OE1 A GLN A 39 ? 0.3481 0.1639 0.2587 -0.0755 -0.0392 -0.0450 39  GLN A OE1 
302 O  OE1 B GLN A 39 ? 0.0999 0.1714 0.2195 0.0050  0.0338  0.0052  39  GLN A OE1 
303 N  NE2 A GLN A 39 ? 0.1583 0.2023 0.1779 -0.0590 -0.0404 0.0056  39  GLN A NE2 
304 N  NE2 B GLN A 39 ? 0.0983 0.2012 0.2200 -0.0306 -0.0397 -0.0731 39  GLN A NE2 
305 N  N   . GLY A 40 ? 0.1103 0.1926 0.1435 -0.0284 -0.0337 -0.0139 40  GLY A N   
306 C  CA  . GLY A 40 ? 0.1180 0.1827 0.1378 -0.0147 -0.0403 -0.0169 40  GLY A CA  
307 C  C   . GLY A 40 ? 0.1226 0.2091 0.1460 -0.0200 -0.0123 -0.0008 40  GLY A C   
308 O  O   . GLY A 40 ? 0.1413 0.2277 0.1423 0.0075  -0.0213 0.0121  40  GLY A O   
309 N  N   . LEU A 41 ? 0.1378 0.1720 0.1254 -0.0444 -0.0156 0.0012  41  LEU A N   
310 C  CA  . LEU A 41 ? 0.1196 0.1718 0.1437 -0.0363 -0.0146 0.0165  41  LEU A CA  
311 C  C   . LEU A 41 ? 0.1583 0.1963 0.1079 0.0105  -0.0082 0.0062  41  LEU A C   
312 O  O   . LEU A 41 ? 0.1669 0.2137 0.1146 -0.0164 0.0082  0.0169  41  LEU A O   
313 C  CB  . LEU A 41 ? 0.1453 0.1797 0.1529 -0.0232 0.0015  0.0202  41  LEU A CB  
314 C  CG  . LEU A 41 ? 0.1629 0.1462 0.1898 -0.0259 0.0359  -0.0040 41  LEU A CG  
315 C  CD1 . LEU A 41 ? 0.2183 0.1950 0.2583 0.0005  0.0408  -0.0052 41  LEU A CD1 
316 C  CD2 . LEU A 41 ? 0.1703 0.1704 0.2297 0.0296  -0.0207 0.0020  41  LEU A CD2 
317 N  N   . ASP A 42 ? 0.1836 0.1862 0.1321 -0.0093 -0.0231 -0.0114 42  ASP A N   
318 C  CA  . ASP A 42 ? 0.1157 0.1561 0.1706 -0.0166 -0.0260 0.0113  42  ASP A CA  
319 C  C   . ASP A 42 ? 0.1641 0.2156 0.1238 0.0186  -0.0119 0.0203  42  ASP A C   
320 O  O   . ASP A 42 ? 0.2172 0.2288 0.1716 0.0175  0.0203  0.0307  42  ASP A O   
321 C  CB  . ASP A 42 ? 0.1259 0.2390 0.1442 -0.0295 0.0192  0.0189  42  ASP A CB  
322 C  CG  . ASP A 42 ? 0.2214 0.2424 0.1504 0.0022  0.0153  0.0027  42  ASP A CG  
323 O  OD1 . ASP A 42 ? 0.1949 0.2207 0.1629 -0.0227 -0.0126 0.0431  42  ASP A OD1 
324 O  OD2 . ASP A 42 ? 0.2692 0.2529 0.2450 -0.0157 0.0106  -0.0405 42  ASP A OD2 
325 N  N   . SER A 43 ? 0.2100 0.2233 0.1595 0.0098  0.0270  0.0398  43  SER A N   
326 C  CA  . SER A 43 ? 0.1896 0.2526 0.1451 0.0112  -0.0094 0.0506  43  SER A CA  
327 C  C   . SER A 43 ? 0.1306 0.1848 0.1378 0.0337  -0.0161 0.0280  43  SER A C   
328 O  O   . SER A 43 ? 0.1666 0.1932 0.1510 0.0355  0.0079  0.0093  43  SER A O   
329 C  CB  . SER A 43 ? 0.2070 0.2610 0.2254 0.0758  -0.0228 0.0777  43  SER A CB  
330 O  OG  . SER A 43 ? 0.2442 0.3129 0.1595 0.0228  -0.0037 0.0768  43  SER A OG  
331 N  N   . THR A 44 ? 0.1946 0.1741 0.1635 0.0521  0.0239  0.0243  44  THR A N   
332 C  CA  . THR A 44 ? 0.1821 0.1630 0.1680 0.0481  0.0292  0.0289  44  THR A CA  
333 C  C   . THR A 44 ? 0.1890 0.2332 0.1410 0.0328  0.0088  -0.0004 44  THR A C   
334 O  O   . THR A 44 ? 0.1604 0.2498 0.1623 0.0533  0.0451  0.0214  44  THR A O   
335 C  CB  . THR A 44 ? 0.2391 0.2015 0.1681 0.0492  0.0225  -0.0001 44  THR A CB  
336 O  OG1 . THR A 44 ? 0.3203 0.2311 0.2201 -0.0097 0.0611  0.0039  44  THR A OG1 
337 C  CG2 . THR A 44 ? 0.2875 0.2434 0.1755 0.0715  0.0595  -0.0120 44  THR A CG2 
338 N  N   . GLU A 45 ? 0.2014 0.2643 0.1925 0.0378  0.0139  0.0543  45  GLU A N   
339 C  CA  . GLU A 45 ? 0.1787 0.2651 0.1590 0.0442  0.0125  0.0358  45  GLU A CA  
340 C  C   . GLU A 45 ? 0.1416 0.2838 0.1523 0.0138  0.0018  0.0390  45  GLU A C   
341 O  O   . GLU A 45 ? 0.1500 0.3336 0.1665 0.0148  0.0180  0.0646  45  GLU A O   
342 C  CB  . GLU A 45 ? 0.2417 0.2785 0.2640 0.1191  -0.0184 0.0125  45  GLU A CB  
343 C  CG  . GLU A 45 ? 0.1994 0.2651 0.2469 0.0871  0.0126  0.0123  45  GLU A CG  
344 C  CD  . GLU A 45 ? 0.2019 0.2405 0.3670 0.0574  0.0167  0.0929  45  GLU A CD  
345 O  OE1 . GLU A 45 ? 0.1872 0.2730 0.2600 0.0837  0.0300  0.0539  45  GLU A OE1 
346 O  OE2 . GLU A 45 ? 0.3070 0.3894 0.3961 0.1927  -0.0594 0.0032  45  GLU A OE2 
347 N  N   . ALA A 46 ? 0.1340 0.2871 0.1615 0.0393  -0.0028 0.0457  46  ALA A N   
348 C  CA  . ALA A 46 ? 0.1485 0.2638 0.1625 -0.0051 0.0255  0.0455  46  ALA A CA  
349 C  C   . ALA A 46 ? 0.1510 0.2189 0.1375 -0.0227 -0.0153 0.0051  46  ALA A C   
350 O  O   . ALA A 46 ? 0.1278 0.2389 0.1280 0.0113  0.0179  0.0150  46  ALA A O   
351 C  CB  . ALA A 46 ? 0.1686 0.2978 0.1380 -0.0563 0.0093  0.0318  46  ALA A CB  
352 N  N   . ILE A 47 ? 0.1125 0.2034 0.1194 0.0018  -0.0165 0.0170  47  ILE A N   
353 C  CA  . ILE A 47 ? 0.1283 0.1462 0.1283 0.0007  -0.0163 0.0117  47  ILE A CA  
354 C  C   . ILE A 47 ? 0.1253 0.1822 0.1478 -0.0028 -0.0124 -0.0105 47  ILE A C   
355 O  O   . ILE A 47 ? 0.1120 0.2061 0.1225 -0.0235 0.0018  -0.0115 47  ILE A O   
356 C  CB  . ILE A 47 ? 0.0943 0.1419 0.1449 0.0022  0.0176  0.0018  47  ILE A CB  
357 C  CG1 . ILE A 47 ? 0.1076 0.1748 0.1504 0.0073  0.0221  0.0356  47  ILE A CG1 
358 C  CG2 . ILE A 47 ? 0.1073 0.1528 0.1320 0.0179  -0.0046 -0.0248 47  ILE A CG2 
359 C  CD1 . ILE A 47 ? 0.1303 0.2345 0.1755 0.0121  -0.0506 0.0370  47  ILE A CD1 
360 N  N   . ALA A 48 ? 0.1307 0.1977 0.1274 0.0099  -0.0185 0.0209  48  ALA A N   
361 C  CA  . ALA A 48 ? 0.1287 0.1976 0.1384 0.0180  0.0076  0.0246  48  ALA A CA  
362 C  C   . ALA A 48 ? 0.1051 0.2223 0.1204 0.0115  -0.0042 0.0387  48  ALA A C   
363 O  O   . ALA A 48 ? 0.1089 0.2321 0.1499 0.0332  -0.0007 0.0476  48  ALA A O   
364 C  CB  . ALA A 48 ? 0.1720 0.1851 0.1414 0.0207  0.0381  0.0466  48  ALA A CB  
365 N  N   . SER A 49 ? 0.1615 0.2885 0.1107 0.0209  0.0018  0.0491  49  SER A N   
366 C  CA  . SER A 49 ? 0.1546 0.2603 0.1749 -0.0029 0.0414  0.0723  49  SER A CA  
367 C  C   . SER A 49 ? 0.1733 0.2726 0.1314 -0.0108 0.0105  0.0211  49  SER A C   
368 O  O   . SER A 49 ? 0.1262 0.3315 0.1523 -0.0285 0.0273  -0.0098 49  SER A O   
369 C  CB  . SER A 49 ? 0.2734 0.4311 0.1528 0.0239  -0.0234 0.0248  49  SER A CB  
370 O  OG  . SER A 49 ? 0.2989 0.5264 0.2187 0.0359  -0.0035 0.0367  49  SER A OG  
371 N  N   . ILE A 50 ? 0.1536 0.2149 0.1272 -0.0033 -0.0004 -0.0216 50  ILE A N   
372 C  CA  . ILE A 50 ? 0.1285 0.1995 0.1229 -0.0314 0.0393  -0.0242 50  ILE A CA  
373 C  C   . ILE A 50 ? 0.1187 0.1952 0.1389 0.0078  0.0178  -0.0041 50  ILE A C   
374 O  O   . ILE A 50 ? 0.1527 0.2148 0.1517 -0.0027 0.0295  -0.0079 50  ILE A O   
375 C  CB  . ILE A 50 ? 0.1405 0.1580 0.1244 -0.0352 0.0354  -0.0321 50  ILE A CB  
376 C  CG1 . ILE A 50 ? 0.1558 0.2080 0.1483 -0.0015 0.0195  -0.0170 50  ILE A CG1 
377 C  CG2 . ILE A 50 ? 0.1698 0.1492 0.1626 -0.0358 0.0089  -0.0257 50  ILE A CG2 
378 C  CD1 . ILE A 50 ? 0.1974 0.1554 0.1985 -0.0064 0.0160  -0.0065 50  ILE A CD1 
379 N  N   . ALA A 51 ? 0.1176 0.1949 0.1432 0.0134  0.0137  0.0050  51  ALA A N   
380 C  CA  . ALA A 51 ? 0.1010 0.1427 0.1424 0.0100  0.0045  0.0023  51  ALA A CA  
381 C  C   . ALA A 51 ? 0.1013 0.1531 0.1716 0.0118  0.0000  -0.0268 51  ALA A C   
382 O  O   . ALA A 51 ? 0.1415 0.2053 0.1420 -0.0258 0.0013  -0.0066 51  ALA A O   
383 C  CB  . ALA A 51 ? 0.1414 0.1679 0.1095 0.0380  -0.0112 0.0045  51  ALA A CB  
384 N  N   . ARG A 52 ? 0.1178 0.2377 0.1400 -0.0085 -0.0199 0.0433  52  ARG A N   
385 C  CA  . ARG A 52 ? 0.1716 0.1791 0.2158 -0.0254 0.0153  0.0186  52  ARG A CA  
386 C  C   . ARG A 52 ? 0.1059 0.2374 0.1851 -0.0021 0.0026  -0.0027 52  ARG A C   
387 O  O   . ARG A 52 ? 0.1294 0.2610 0.2099 -0.0375 -0.0179 -0.0001 52  ARG A O   
388 C  CB  . ARG A 52 ? 0.1913 0.2975 0.2391 -0.0062 -0.0364 0.0995  52  ARG A CB  
389 C  CG  . ARG A 52 ? 0.2297 0.2795 0.3401 -0.0197 -0.0229 0.0793  52  ARG A CG  
390 C  CD  . ARG A 52 ? 0.1685 0.3369 0.4127 0.0224  0.0042  0.0856  52  ARG A CD  
391 N  NE  . ARG A 52 ? 0.1603 0.3807 0.4061 0.0032  -0.0900 0.0707  52  ARG A NE  
392 C  CZ  . ARG A 52 ? 0.3134 0.3921 0.3316 -0.0549 -0.0470 0.0203  52  ARG A CZ  
393 N  NH1 . ARG A 52 ? 0.2151 0.5447 0.3811 -0.0293 -0.0653 0.1370  52  ARG A NH1 
394 N  NH2 . ARG A 52 ? 0.1504 0.3145 0.1572 -0.0083 -0.0508 0.0833  52  ARG A NH2 
395 N  N   . LYS A 53 ? 0.1792 0.2969 0.1856 -0.0466 0.0554  -0.0260 53  LYS A N   
396 C  CA  . LYS A 53 ? 0.1716 0.3953 0.2541 -0.0707 -0.0230 -0.0855 53  LYS A CA  
397 C  C   . LYS A 53 ? 0.1705 0.3003 0.2424 -0.0774 0.0103  -0.0384 53  LYS A C   
398 O  O   . LYS A 53 ? 0.2541 0.3607 0.2727 -0.1099 -0.0005 -0.0407 53  LYS A O   
399 C  CB  . LYS A 53 ? 0.1314 0.5003 0.3610 0.0254  -0.0565 -0.1097 53  LYS A CB  
400 C  CG  . LYS A 53 ? 0.3129 0.3129 0.3129 0.0000  0.0000  0.0000  53  LYS A CG  
401 C  CD  . LYS A 53 ? 0.3196 0.3196 0.3196 0.0000  0.0000  0.0000  53  LYS A CD  
402 C  CE  . LYS A 53 ? 0.3195 0.3195 0.3195 0.0000  0.0000  0.0000  53  LYS A CE  
403 N  NZ  . LYS A 53 ? 0.3200 0.3200 0.3200 0.0000  0.0000  0.0000  53  LYS A NZ  
404 N  N   . GLY A 54 ? 0.1983 0.2696 0.1915 -0.0916 0.0032  -0.0329 54  GLY A N   
405 C  CA  . GLY A 54 ? 0.2472 0.2577 0.1733 -0.0242 -0.0271 -0.0128 54  GLY A CA  
406 C  C   . GLY A 54 ? 0.2428 0.1991 0.1752 -0.0228 0.0038  -0.0230 54  GLY A C   
407 O  O   . GLY A 54 ? 0.2267 0.2407 0.1970 0.0227  0.0403  -0.0190 54  GLY A O   
408 N  N   . ILE A 55 ? 0.2214 0.1635 0.1589 -0.0369 0.0063  0.0097  55  ILE A N   
409 C  CA  . ILE A 55 ? 0.1882 0.1517 0.1620 -0.0305 -0.0068 0.0036  55  ILE A CA  
410 C  C   . ILE A 55 ? 0.1922 0.1435 0.1625 -0.0526 0.0145  -0.0269 55  ILE A C   
411 O  O   . ILE A 55 ? 0.2007 0.1211 0.1495 -0.0306 0.0144  -0.0382 55  ILE A O   
412 C  CB  . ILE A 55 ? 0.2090 0.1308 0.1586 -0.0098 0.0040  -0.0165 55  ILE A CB  
413 C  CG1 . ILE A 55 ? 0.2149 0.1896 0.1900 -0.0449 -0.0284 0.0235  55  ILE A CG1 
414 C  CG2 . ILE A 55 ? 0.2398 0.0924 0.1925 -0.0288 -0.0135 0.0005  55  ILE A CG2 
415 C  CD1 . ILE A 55 ? 0.3060 0.2238 0.2217 -0.0192 -0.0170 0.0349  55  ILE A CD1 
416 N  N   . GLY A 56 ? 0.1956 0.2015 0.1629 -0.0542 -0.0355 -0.0320 56  GLY A N   
417 C  CA  . GLY A 56 ? 0.2470 0.1840 0.2328 -0.0176 -0.0329 -0.0100 56  GLY A CA  
418 C  C   . GLY A 56 ? 0.2360 0.1158 0.1925 -0.0094 0.0279  -0.0301 56  GLY A C   
419 O  O   . GLY A 56 ? 0.2556 0.1575 0.2354 -0.0614 -0.0071 -0.0405 56  GLY A O   
420 N  N   . GLN A 57 ? 0.2790 0.1269 0.1804 -0.0023 0.0025  -0.0279 57  GLN A N   
421 C  CA  . GLN A 57 ? 0.2324 0.0962 0.1828 -0.0214 -0.0074 -0.0370 57  GLN A CA  
422 C  C   . GLN A 57 ? 0.2789 0.1197 0.1693 -0.0218 -0.0068 -0.0230 57  GLN A C   
423 O  O   . GLN A 57 ? 0.4024 0.1161 0.2079 -0.0193 -0.0446 -0.0085 57  GLN A O   
424 C  CB  . GLN A 57 ? 0.2392 0.1311 0.1993 -0.0328 -0.0204 -0.0149 57  GLN A CB  
425 C  CG  . GLN A 57 ? 0.2352 0.0997 0.2537 -0.0131 0.0132  -0.0557 57  GLN A CG  
426 C  CD  . GLN A 57 ? 0.2395 0.1153 0.2716 0.0018  -0.0031 -0.0329 57  GLN A CD  
427 O  OE1 . GLN A 57 ? 0.2829 0.2279 0.2727 -0.0049 -0.0083 -0.0221 57  GLN A OE1 
428 N  NE2 . GLN A 57 ? 0.3066 0.1715 0.3119 -0.0435 0.0121  -0.0685 57  GLN A NE2 
429 N  N   . MET A 58 ? 0.1929 0.1457 0.1632 -0.0200 0.0334  -0.0126 58  MET A N   
430 C  CA  . MET A 58 ? 0.2073 0.0875 0.1674 -0.0264 0.0284  -0.0050 58  MET A CA  
431 C  C   . MET A 58 ? 0.1772 0.1210 0.1940 -0.0164 -0.0032 -0.0050 58  MET A C   
432 O  O   . MET A 58 ? 0.1916 0.1710 0.2110 -0.0541 -0.0140 0.0205  58  MET A O   
433 C  CB  . MET A 58 ? 0.1673 0.0910 0.1780 -0.0249 0.0017  -0.0155 58  MET A CB  
434 C  CG  . MET A 58 ? 0.1381 0.1088 0.1664 -0.0427 -0.0038 -0.0060 58  MET A CG  
435 S  SD  . MET A 58 ? 0.1280 0.1106 0.1387 -0.0259 0.0059  -0.0099 58  MET A SD  
436 C  CE  . MET A 58 ? 0.0843 0.1186 0.1507 -0.0320 -0.0062 -0.0073 58  MET A CE  
437 N  N   . SER A 59 ? 0.1900 0.1373 0.1873 -0.0126 -0.0114 0.0140  59  SER A N   
438 C  CA  . SER A 59 ? 0.2051 0.1660 0.2612 -0.0225 0.0467  0.0060  59  SER A CA  
439 C  C   . SER A 59 ? 0.1680 0.1945 0.2010 -0.0428 0.0094  -0.0282 59  SER A C   
440 O  O   . SER A 59 ? 0.2162 0.1799 0.2055 -0.0617 0.0693  -0.0341 59  SER A O   
441 C  CB  . SER A 59 ? 0.3638 0.2497 0.2970 0.0266  -0.0585 0.0803  59  SER A CB  
442 O  OG  . SER A 59 ? 0.4521 0.2586 0.4583 -0.0038 0.0746  0.1034  59  SER A OG  
443 N  N   . GLY A 60 ? 0.1666 0.2166 0.2482 -0.0584 0.0241  -0.0311 60  GLY A N   
444 C  CA  . GLY A 60 ? 0.2243 0.2325 0.2535 -0.0791 0.0475  -0.0268 60  GLY A CA  
445 C  C   . GLY A 60 ? 0.1203 0.1984 0.2444 -0.0409 0.0253  -0.0303 60  GLY A C   
446 O  O   . GLY A 60 ? 0.1959 0.2028 0.3111 -0.0945 0.0435  0.0113  60  GLY A O   
447 N  N   . TYR A 61 ? 0.2055 0.1413 0.2209 -0.0489 0.0164  -0.0033 61  TYR A N   
448 C  CA  . TYR A 61 ? 0.1504 0.1728 0.2183 -0.0298 0.0103  -0.0122 61  TYR A CA  
449 C  C   . TYR A 61 ? 0.0944 0.1888 0.2148 -0.0345 -0.0337 -0.0395 61  TYR A C   
450 O  O   . TYR A 61 ? 0.1039 0.2542 0.1967 -0.0161 -0.0115 -0.0135 61  TYR A O   
451 C  CB  . TYR A 61 ? 0.1497 0.1992 0.2026 -0.0232 -0.0185 -0.0042 61  TYR A CB  
452 C  CG  . TYR A 61 ? 0.1444 0.2122 0.1684 -0.0156 0.0072  0.0287  61  TYR A CG  
453 C  CD1 . TYR A 61 ? 0.1856 0.2175 0.1832 -0.0007 -0.0425 0.0210  61  TYR A CD1 
454 C  CD2 . TYR A 61 ? 0.1339 0.1403 0.1851 -0.0357 0.0158  0.0194  61  TYR A CD2 
455 C  CE1 . TYR A 61 ? 0.1857 0.2461 0.2184 0.0100  -0.0190 0.0602  61  TYR A CE1 
456 C  CE2 . TYR A 61 ? 0.1378 0.2039 0.2417 0.0085  0.0345  0.0554  61  TYR A CE2 
457 C  CZ  . TYR A 61 ? 0.1475 0.1890 0.2320 -0.0076 0.0069  0.0334  61  TYR A CZ  
458 O  OH  . TYR A 61 ? 0.2227 0.1917 0.3162 0.0254  0.0310  0.0215  61  TYR A OH  
459 N  N   . GLY A 62 ? 0.0884 0.2033 0.1563 -0.0300 0.0102  0.0130  62  GLY A N   
460 C  CA  . GLY A 62 ? 0.1061 0.2316 0.1651 -0.0202 0.0039  -0.0193 62  GLY A CA  
461 C  C   . GLY A 62 ? 0.1138 0.2010 0.1885 -0.0147 -0.0243 0.0241  62  GLY A C   
462 O  O   . GLY A 62 ? 0.1804 0.1887 0.1995 -0.0346 -0.0105 -0.0127 62  GLY A O   
463 N  N   . ASP A 63 ? 0.1307 0.2212 0.1726 -0.0057 -0.0225 0.0047  63  ASP A N   
464 C  CA  . ASP A 63 ? 0.1550 0.2314 0.2166 -0.0179 -0.0278 0.0093  63  ASP A CA  
465 C  C   . ASP A 63 ? 0.1239 0.2114 0.2176 -0.0136 -0.0247 0.0252  63  ASP A C   
466 O  O   . ASP A 63 ? 0.1744 0.3181 0.2366 -0.0492 -0.0102 0.0443  63  ASP A O   
467 C  CB  . ASP A 63 ? 0.2006 0.2043 0.2969 -0.0331 -0.0402 0.0414  63  ASP A CB  
468 C  CG  . ASP A 63 ? 0.3018 0.2398 0.2385 0.0091  -0.0028 -0.0368 63  ASP A CG  
469 O  OD1 . ASP A 63 ? 0.2019 0.2146 0.3311 -0.0183 0.0046  -0.0018 63  ASP A OD1 
470 O  OD2 . ASP A 63 ? 0.3813 0.1823 0.3632 -0.0431 0.0145  0.0131  63  ASP A OD2 
471 N  N   . LYS A 64 ? 0.1212 0.2280 0.2245 -0.0273 -0.0170 0.0434  64  LYS A N   
472 C  CA  . LYS A 64 ? 0.1797 0.1433 0.2172 -0.0140 -0.0501 0.0358  64  LYS A CA  
473 C  C   . LYS A 64 ? 0.1187 0.1579 0.1600 -0.0194 -0.0259 0.0187  64  LYS A C   
474 O  O   . LYS A 64 ? 0.2077 0.2011 0.1669 -0.0339 -0.0352 0.0141  64  LYS A O   
475 C  CB  . LYS A 64 ? 0.2034 0.2301 0.2906 0.0470  -0.0701 0.0787  64  LYS A CB  
476 C  CG  . LYS A 64 ? 0.2460 0.2632 0.3343 0.0451  -0.0676 0.0140  64  LYS A CG  
477 C  CD  . LYS A 64 ? 0.3779 0.2184 0.3253 -0.0381 -0.0252 -0.0243 64  LYS A CD  
478 C  CE  . LYS A 64 ? 0.3114 0.2126 0.3605 -0.0220 0.0116  -0.0400 64  LYS A CE  
479 N  NZ  . LYS A 64 ? 0.3125 0.2071 0.2344 0.1113  0.0884  -0.0690 64  LYS A NZ  
480 N  N   . LEU A 65 ? 0.0993 0.1824 0.1608 -0.0005 -0.0101 0.0267  65  LEU A N   
481 C  CA  . LEU A 65 ? 0.1554 0.1919 0.1478 0.0066  -0.0069 -0.0160 65  LEU A CA  
482 C  C   . LEU A 65 ? 0.1677 0.1790 0.1440 0.0114  0.0217  0.0084  65  LEU A C   
483 O  O   . LEU A 65 ? 0.2137 0.1914 0.1761 -0.0083 0.0270  0.0164  65  LEU A O   
484 C  CB  . LEU A 65 ? 0.1281 0.1894 0.1567 0.0063  0.0094  -0.0022 65  LEU A CB  
485 C  CG  . LEU A 65 ? 0.1293 0.1789 0.1446 0.0011  0.0102  0.0077  65  LEU A CG  
486 C  CD1 . LEU A 65 ? 0.1654 0.1699 0.1611 0.0243  0.0342  0.0095  65  LEU A CD1 
487 C  CD2 . LEU A 65 ? 0.1233 0.2643 0.2009 -0.0179 0.0319  0.0077  65  LEU A CD2 
488 N  N   . GLY A 66 ? 0.1655 0.1945 0.1893 0.0321  0.0288  0.0464  66  GLY A N   
489 C  CA  . GLY A 66 ? 0.2367 0.1969 0.1779 0.0458  0.0666  0.0495  66  GLY A CA  
490 C  C   . GLY A 66 ? 0.1348 0.2108 0.1830 0.0108  0.0570  0.0563  66  GLY A C   
491 O  O   . GLY A 66 ? 0.1417 0.1812 0.1672 0.0206  0.0428  0.0513  66  GLY A O   
492 N  N   . GLU A 67 ? 0.1892 0.1718 0.1946 0.0507  0.0705  0.0665  67  GLU A N   
493 C  CA  . GLU A 67 ? 0.1839 0.2044 0.2414 0.0510  0.0593  0.0834  67  GLU A CA  
494 C  C   . GLU A 67 ? 0.1456 0.2344 0.1706 0.0411  0.0307  0.0503  67  GLU A C   
495 O  O   . GLU A 67 ? 0.2424 0.1979 0.2146 0.0294  0.0830  0.0405  67  GLU A O   
496 C  CB  . GLU A 67 ? 0.1629 0.2086 0.2742 -0.0031 0.0620  0.0652  67  GLU A CB  
497 C  CG  . GLU A 67 ? 0.1733 0.2929 0.3123 0.0400  0.0159  0.0536  67  GLU A CG  
498 C  CD  . GLU A 67 ? 0.1919 0.2560 0.3420 0.0266  0.0495  0.1035  67  GLU A CD  
499 O  OE1 . GLU A 67 ? 0.2032 0.4929 0.6121 -0.0487 0.0489  0.0081  67  GLU A OE1 
500 O  OE2 . GLU A 67 ? 0.4174 0.3433 0.3782 0.1319  0.2030  0.1517  67  GLU A OE2 
501 N  N   . GLY A 68 ? 0.1543 0.1863 0.1896 0.0581  0.0255  0.0877  68  GLY A N   
502 C  CA  . GLY A 68 ? 0.1601 0.1911 0.2185 0.0263  0.0765  0.0471  68  GLY A CA  
503 C  C   . GLY A 68 ? 0.1599 0.1699 0.1529 0.0203  0.0320  0.0464  68  GLY A C   
504 O  O   . GLY A 68 ? 0.1973 0.1863 0.2020 0.0341  0.0976  0.0592  68  GLY A O   
505 N  N   . GLY A 69 ? 0.1347 0.1654 0.1542 0.0223  0.0393  0.0452  69  GLY A N   
506 C  CA  . GLY A 69 ? 0.1437 0.1720 0.1473 0.0282  0.0274  0.0090  69  GLY A CA  
507 C  C   . GLY A 69 ? 0.1314 0.1817 0.1449 -0.0164 0.0192  0.0068  69  GLY A C   
508 O  O   . GLY A 69 ? 0.1062 0.2140 0.1530 0.0157  0.0258  0.0491  69  GLY A O   
509 N  N   . ASP A 70 ? 0.1021 0.1788 0.1507 -0.0208 0.0229  0.0012  70  ASP A N   
510 C  CA  . ASP A 70 ? 0.1076 0.1842 0.1547 -0.0015 0.0301  -0.0094 70  ASP A CA  
511 C  C   . ASP A 70 ? 0.1136 0.1849 0.1411 0.0199  0.0146  0.0235  70  ASP A C   
512 O  O   . ASP A 70 ? 0.1038 0.1727 0.1584 0.0162  0.0259  0.0354  70  ASP A O   
513 C  CB  . ASP A 70 ? 0.1363 0.2274 0.1693 0.0071  0.0085  -0.0203 70  ASP A CB  
514 C  CG  . ASP A 70 ? 0.1332 0.3305 0.1934 0.0248  0.0291  0.0175  70  ASP A CG  
515 O  OD1 . ASP A 70 ? 0.1445 0.3970 0.2320 0.0559  0.0059  -0.0546 70  ASP A OD1 
516 O  OD2 . ASP A 70 ? 0.2327 0.5474 0.2283 0.1350  -0.0062 0.0388  70  ASP A OD2 
517 N  N   . GLN A 71 ? 0.1199 0.1900 0.1528 0.0261  0.0498  0.0383  71  GLN A N   
518 C  CA  . GLN A 71 ? 0.1242 0.1824 0.1314 0.0340  0.0284  0.0322  71  GLN A CA  
519 C  C   . GLN A 71 ? 0.1555 0.1768 0.1527 0.0485  0.0247  0.0021  71  GLN A C   
520 O  O   . GLN A 71 ? 0.1793 0.1632 0.1593 0.0444  0.0063  0.0049  71  GLN A O   
521 C  CB  . GLN A 71 ? 0.1291 0.2580 0.1923 0.0582  0.0453  0.0145  71  GLN A CB  
522 C  CG  . GLN A 71 ? 0.1352 0.3016 0.3235 0.0493  0.0603  0.0374  71  GLN A CG  
523 C  CD  . GLN A 71 ? 0.1675 0.2947 0.1824 0.0676  0.1013  0.0065  71  GLN A CD  
524 O  OE1 . GLN A 71 ? 0.1843 0.2977 0.4894 0.0860  -0.0262 -0.0597 71  GLN A OE1 
525 N  NE2 . GLN A 71 ? 0.2626 0.3232 0.4148 0.0907  0.0096  -0.0521 71  GLN A NE2 
526 N  N   . LEU A 72 ? 0.1387 0.1841 0.1552 0.0437  0.0275  0.0169  72  LEU A N   
527 C  CA  . LEU A 72 ? 0.1803 0.1810 0.1402 0.0411  0.0049  0.0165  72  LEU A CA  
528 C  C   . LEU A 72 ? 0.1794 0.2044 0.1216 0.0144  0.0278  -0.0013 72  LEU A C   
529 O  O   . LEU A 72 ? 0.1809 0.1906 0.1273 0.0062  0.0191  0.0009  72  LEU A O   
530 C  CB  . LEU A 72 ? 0.1643 0.2317 0.1748 0.0138  0.0246  0.0540  72  LEU A CB  
531 C  CG  . LEU A 72 ? 0.1778 0.3192 0.2332 0.0681  0.0287  0.0389  72  LEU A CG  
532 C  CD1 . LEU A 72 ? 0.2939 0.3703 0.2165 -0.0196 0.0903  -0.0060 72  LEU A CD1 
533 C  CD2 . LEU A 72 ? 0.3389 0.3349 0.3001 0.0318  0.0586  0.0268  72  LEU A CD2 
534 N  N   . VAL A 73 ? 0.1162 0.1925 0.1159 -0.0010 -0.0014 -0.0171 73  VAL A N   
535 C  CA  . VAL A 73 ? 0.1048 0.1724 0.1281 -0.0113 -0.0039 0.0095  73  VAL A CA  
536 C  C   . VAL A 73 ? 0.1327 0.1772 0.1350 -0.0064 0.0027  0.0066  73  VAL A C   
537 O  O   . VAL A 73 ? 0.1162 0.1571 0.1438 0.0033  -0.0189 0.0198  73  VAL A O   
538 C  CB  . VAL A 73 ? 0.1160 0.1581 0.1942 0.0071  0.0051  0.0123  73  VAL A CB  
539 C  CG1 . VAL A 73 ? 0.1505 0.1937 0.1538 0.0222  0.0117  0.0358  73  VAL A CG1 
540 C  CG2 . VAL A 73 ? 0.1381 0.1616 0.2165 0.0205  0.0305  -0.0154 73  VAL A CG2 
541 N  N   . ALA A 74 ? 0.1324 0.1516 0.1311 0.0100  0.0045  0.0275  74  ALA A N   
542 C  CA  . ALA A 74 ? 0.1188 0.1757 0.1278 0.0183  0.0186  0.0313  74  ALA A CA  
543 C  C   . ALA A 74 ? 0.1157 0.1710 0.1196 0.0275  0.0248  -0.0046 74  ALA A C   
544 O  O   . ALA A 74 ? 0.1024 0.1873 0.1233 0.0174  0.0037  0.0258  74  ALA A O   
545 C  CB  . ALA A 74 ? 0.1158 0.2086 0.1220 0.0182  0.0250  -0.0034 74  ALA A CB  
546 N  N   . GLY A 75 ? 0.1218 0.1496 0.1482 0.0223  0.0469  -0.0077 75  GLY A N   
547 C  CA  . GLY A 75 ? 0.1728 0.1314 0.1707 0.0475  0.0196  -0.0242 75  GLY A CA  
548 C  C   . GLY A 75 ? 0.1915 0.1290 0.1184 0.0263  0.0183  0.0023  75  GLY A C   
549 O  O   . GLY A 75 ? 0.2300 0.1345 0.1769 -0.0068 -0.0016 -0.0064 75  GLY A O   
550 N  N   . TRP A 76 ? 0.1861 0.1387 0.1162 0.0105  0.0008  0.0185  76  TRP A N   
551 C  CA  . TRP A 76 ? 0.1846 0.1545 0.0880 -0.0093 0.0137  -0.0169 76  TRP A CA  
552 C  C   . TRP A 76 ? 0.1423 0.1596 0.1066 -0.0169 0.0164  -0.0070 76  TRP A C   
553 O  O   . TRP A 76 ? 0.1530 0.1398 0.1257 -0.0126 -0.0050 0.0175  76  TRP A O   
554 C  CB  . TRP A 76 ? 0.1743 0.2001 0.1453 -0.0245 0.0191  0.0340  76  TRP A CB  
555 C  CG  . TRP A 76 ? 0.1987 0.1830 0.1251 -0.0059 0.0099  0.0188  76  TRP A CG  
556 C  CD1 . TRP A 76 ? 0.2353 0.1617 0.1736 0.0156  -0.0067 -0.0161 76  TRP A CD1 
557 C  CD2 . TRP A 76 ? 0.1722 0.1280 0.1180 -0.0299 0.0374  0.0129  76  TRP A CD2 
558 N  NE1 . TRP A 76 ? 0.2128 0.1808 0.1654 -0.0427 0.0028  -0.0461 76  TRP A NE1 
559 C  CE2 . TRP A 76 ? 0.1446 0.1669 0.1017 0.0019  0.0127  0.0259  76  TRP A CE2 
560 C  CE3 . TRP A 76 ? 0.1724 0.1118 0.1295 -0.0032 0.0213  0.0125  76  TRP A CE3 
561 C  CZ2 . TRP A 76 ? 0.1911 0.2110 0.1624 0.0295  -0.0340 0.0064  76  TRP A CZ2 
562 C  CZ3 . TRP A 76 ? 0.1633 0.1786 0.1667 0.0037  0.0183  0.0159  76  TRP A CZ3 
563 C  CH2 . TRP A 76 ? 0.2371 0.1878 0.1520 0.0140  -0.0086 0.0175  76  TRP A CH2 
564 N  N   . ILE A 77 ? 0.1270 0.1454 0.1152 -0.0083 0.0114  -0.0011 77  ILE A N   
565 C  CA  . ILE A 77 ? 0.1356 0.1477 0.1268 -0.0009 0.0032  -0.0248 77  ILE A CA  
566 C  C   . ILE A 77 ? 0.1441 0.1356 0.1261 0.0009  0.0155  -0.0210 77  ILE A C   
567 O  O   . ILE A 77 ? 0.1326 0.1119 0.1457 0.0095  0.0206  -0.0198 77  ILE A O   
568 C  CB  . ILE A 77 ? 0.0708 0.1367 0.1204 0.0013  -0.0204 -0.0002 77  ILE A CB  
569 C  CG1 . ILE A 77 ? 0.1026 0.1325 0.0986 -0.0170 -0.0120 -0.0039 77  ILE A CG1 
570 C  CG2 . ILE A 77 ? 0.0920 0.1812 0.1251 -0.0139 -0.0082 -0.0063 77  ILE A CG2 
571 C  CD1 . ILE A 77 ? 0.1274 0.1106 0.1280 -0.0078 0.0091  -0.0148 77  ILE A CD1 
572 N  N   . LEU A 78 ? 0.1406 0.1258 0.1268 -0.0072 0.0159  0.0206  78  LEU A N   
573 C  CA  . LEU A 78 ? 0.1329 0.1240 0.1030 0.0130  0.0271  0.0089  78  LEU A CA  
574 C  C   . LEU A 78 ? 0.1717 0.1244 0.1423 0.0091  0.0026  -0.0007 78  LEU A C   
575 O  O   . LEU A 78 ? 0.1753 0.1284 0.1662 0.0253  -0.0046 0.0169  78  LEU A O   
576 C  CB  . LEU A 78 ? 0.1383 0.1713 0.1631 -0.0063 -0.0099 0.0313  78  LEU A CB  
577 C  CG  . LEU A 78 ? 0.1943 0.1182 0.1795 0.0078  -0.0019 0.0183  78  LEU A CG  
578 C  CD1 . LEU A 78 ? 0.2026 0.2104 0.1898 0.0292  0.0363  0.0445  78  LEU A CD1 
579 C  CD2 . LEU A 78 ? 0.2201 0.1793 0.2535 0.0287  -0.0059 0.0659  78  LEU A CD2 
580 N  N   . GLU A 79 ? 0.1657 0.1721 0.1433 0.0249  0.0207  -0.0076 79  GLU A N   
581 C  CA  . GLU A 79 ? 0.1526 0.1497 0.1763 -0.0050 0.0299  0.0235  79  GLU A CA  
582 C  C   . GLU A 79 ? 0.1618 0.1319 0.1452 0.0063  -0.0116 -0.0022 79  GLU A C   
583 O  O   . GLU A 79 ? 0.2183 0.1366 0.1332 -0.0220 0.0032  0.0090  79  GLU A O   
584 C  CB  . GLU A 79 ? 0.1836 0.1862 0.1884 -0.0469 -0.0113 -0.0307 79  GLU A CB  
585 C  CG  . GLU A 79 ? 0.2142 0.2234 0.2350 -0.0859 0.0208  -0.0826 79  GLU A CG  
586 C  CD  . GLU A 79 ? 0.3676 0.4024 0.2459 -0.0344 0.0195  -0.1831 79  GLU A CD  
587 O  OE1 . GLU A 79 ? 0.4962 0.4543 0.2368 -0.0366 0.0456  -0.1651 79  GLU A OE1 
588 O  OE2 . GLU A 79 ? 0.3642 0.5081 0.2748 -0.0320 0.0701  -0.2165 79  GLU A OE2 
589 N  N   . GLN A 80 ? 0.1459 0.1234 0.1332 -0.0096 -0.0111 0.0022  80  GLN A N   
590 C  CA  . GLN A 80 ? 0.1346 0.1134 0.1192 -0.0250 -0.0165 -0.0196 80  GLN A CA  
591 C  C   . GLN A 80 ? 0.1069 0.1158 0.1381 -0.0232 -0.0142 0.0175  80  GLN A C   
592 O  O   . GLN A 80 ? 0.1013 0.1517 0.1390 -0.0259 0.0031  0.0352  80  GLN A O   
593 C  CB  . GLN A 80 ? 0.1301 0.1456 0.1378 -0.0022 0.0006  0.0296  80  GLN A CB  
594 C  CG  . GLN A 80 ? 0.1827 0.1808 0.1398 0.0114  -0.0091 0.0488  80  GLN A CG  
595 C  CD  . GLN A 80 ? 0.2885 0.2670 0.1731 -0.0302 -0.0318 -0.0091 80  GLN A CD  
596 O  OE1 . GLN A 80 ? 0.3461 0.2716 0.2816 -0.0093 -0.0802 -0.0610 80  GLN A OE1 
597 N  NE2 . GLN A 80 ? 0.2613 0.3807 0.2825 -0.0601 -0.0373 -0.0842 80  GLN A NE2 
598 N  N   . ALA A 81 ? 0.1158 0.1037 0.1311 -0.0107 -0.0141 0.0000  81  ALA A N   
599 C  CA  . ALA A 81 ? 0.1063 0.1404 0.1275 -0.0076 0.0028  -0.0028 81  ALA A CA  
600 C  C   . ALA A 81 ? 0.1067 0.1357 0.1285 -0.0031 -0.0075 -0.0114 81  ALA A C   
601 O  O   . ALA A 81 ? 0.1439 0.1174 0.1061 -0.0284 -0.0109 -0.0050 81  ALA A O   
602 C  CB  . ALA A 81 ? 0.1483 0.1229 0.1103 -0.0106 0.0010  -0.0244 81  ALA A CB  
603 N  N   . GLN A 82 ? 0.1770 0.0900 0.1539 -0.0051 0.0013  -0.0010 82  GLN A N   
604 C  CA  . GLN A 82 ? 0.2011 0.1001 0.1454 -0.0262 0.0241  -0.0025 82  GLN A CA  
605 C  C   . GLN A 82 ? 0.1739 0.1285 0.1848 -0.0007 0.0187  -0.0001 82  GLN A C   
606 O  O   . GLN A 82 ? 0.2250 0.1561 0.1651 -0.0276 -0.0072 0.0003  82  GLN A O   
607 C  CB  . GLN A 82 ? 0.2253 0.0965 0.1584 0.0303  -0.0203 0.0004  82  GLN A CB  
608 C  CG  . GLN A 82 ? 0.2193 0.1653 0.2392 0.0269  -0.0569 0.0570  82  GLN A CG  
609 C  CD  . GLN A 82 ? 0.3289 0.1873 0.2957 0.0612  -0.0176 0.0328  82  GLN A CD  
610 O  OE1 . GLN A 82 ? 0.3012 0.3276 0.2984 0.0520  -0.0170 -0.0093 82  GLN A OE1 
611 N  NE2 . GLN A 82 ? 0.3676 0.2655 0.2994 0.1073  -0.0109 0.0246  82  GLN A NE2 
612 N  N   . ASN A 83 ? 0.1772 0.1248 0.1442 -0.0321 0.0155  -0.0152 83  ASN A N   
613 C  CA  . ASN A 83 ? 0.1922 0.1323 0.1488 -0.0542 0.0180  -0.0044 83  ASN A CA  
614 C  C   . ASN A 83 ? 0.1729 0.1424 0.1158 -0.0302 -0.0091 0.0184  83  ASN A C   
615 O  O   . ASN A 83 ? 0.1924 0.1494 0.1163 -0.0596 -0.0175 0.0010  83  ASN A O   
616 C  CB  . ASN A 83 ? 0.1556 0.2544 0.1506 -0.0435 -0.0173 -0.0735 83  ASN A CB  
617 C  CG  . ASN A 83 ? 0.3581 0.1780 0.2814 -0.0591 0.1058  -0.0811 83  ASN A CG  
618 O  OD1 . ASN A 83 ? 0.4883 0.2857 0.4226 -0.0657 0.1268  -0.2344 83  ASN A OD1 
619 N  ND2 . ASN A 83 ? 0.3224 0.3787 0.3267 -0.1260 0.1092  -0.1313 83  ASN A ND2 
620 N  N   . ALA A 84 ? 0.1954 0.1386 0.1156 -0.0325 -0.0272 0.0222  84  ALA A N   
621 C  CA  . ALA A 84 ? 0.1391 0.1437 0.1300 -0.0542 -0.0356 -0.0161 84  ALA A CA  
622 C  C   . ALA A 84 ? 0.1352 0.1458 0.1141 -0.0473 -0.0337 -0.0343 84  ALA A C   
623 O  O   . ALA A 84 ? 0.1373 0.1534 0.1518 -0.0471 -0.0107 0.0061  84  ALA A O   
624 C  CB  . ALA A 84 ? 0.1608 0.1652 0.1460 -0.0363 -0.0107 0.0044  84  ALA A CB  
625 N  N   . TRP A 85 ? 0.0937 0.1507 0.1385 -0.0084 -0.0319 0.0003  85  TRP A N   
626 C  CA  . TRP A 85 ? 0.1085 0.1297 0.1362 -0.0275 -0.0109 0.0080  85  TRP A CA  
627 C  C   . TRP A 85 ? 0.1136 0.1126 0.1701 -0.0154 -0.0242 -0.0001 85  TRP A C   
628 O  O   . TRP A 85 ? 0.1923 0.1171 0.2143 0.0006  -0.0659 -0.0134 85  TRP A O   
629 C  CB  . TRP A 85 ? 0.1204 0.1318 0.1317 -0.0442 0.0024  0.0118  85  TRP A CB  
630 C  CG  . TRP A 85 ? 0.1034 0.1202 0.1282 -0.0075 0.0062  -0.0206 85  TRP A CG  
631 C  CD1 . TRP A 85 ? 0.1125 0.1446 0.1456 -0.0023 0.0063  0.0081  85  TRP A CD1 
632 C  CD2 . TRP A 85 ? 0.1153 0.1468 0.1239 -0.0126 0.0195  -0.0127 85  TRP A CD2 
633 N  NE1 . TRP A 85 ? 0.1395 0.1219 0.1278 -0.0176 -0.0131 -0.0080 85  TRP A NE1 
634 C  CE2 . TRP A 85 ? 0.1336 0.1234 0.1073 -0.0282 0.0073  -0.0218 85  TRP A CE2 
635 C  CE3 . TRP A 85 ? 0.1494 0.1168 0.1167 -0.0318 -0.0406 -0.0095 85  TRP A CE3 
636 C  CZ2 . TRP A 85 ? 0.1357 0.1302 0.1290 -0.0397 -0.0210 -0.0140 85  TRP A CZ2 
637 C  CZ3 . TRP A 85 ? 0.1845 0.1282 0.1281 -0.0429 -0.0037 0.0069  85  TRP A CZ3 
638 C  CH2 . TRP A 85 ? 0.1682 0.1353 0.1540 -0.0308 -0.0068 0.0052  85  TRP A CH2 
639 N  N   . THR A 86 ? 0.1590 0.1208 0.1168 -0.0297 -0.0343 0.0101  86  THR A N   
640 C  CA  . THR A 86 ? 0.1687 0.1043 0.1334 -0.0352 -0.0429 0.0300  86  THR A CA  
641 C  C   . THR A 86 ? 0.1621 0.1648 0.1268 -0.0061 -0.0140 0.0204  86  THR A C   
642 O  O   . THR A 86 ? 0.1815 0.1238 0.1241 -0.0039 -0.0307 -0.0012 86  THR A O   
643 C  CB  . THR A 86 ? 0.1597 0.1307 0.1677 -0.0264 -0.0495 0.0050  86  THR A CB  
644 O  OG1 . THR A 86 ? 0.1695 0.1437 0.1737 -0.0146 -0.0224 0.0125  86  THR A OG1 
645 C  CG2 . THR A 86 ? 0.1755 0.1635 0.1839 -0.0328 -0.0451 -0.0117 86  THR A CG2 
646 N  N   . GLN A 87 ? 0.2042 0.1480 0.1167 -0.0128 -0.0244 0.0384  87  GLN A N   
647 C  CA  . GLN A 87 ? 0.1635 0.2024 0.1818 0.0086  -0.0155 0.0058  87  GLN A CA  
648 C  C   . GLN A 87 ? 0.1936 0.1587 0.1775 -0.0132 -0.0322 -0.0226 87  GLN A C   
649 O  O   . GLN A 87 ? 0.1847 0.1268 0.1634 -0.0270 -0.0324 -0.0035 87  GLN A O   
650 C  CB  . GLN A 87 ? 0.2001 0.2255 0.2052 -0.0136 -0.0040 -0.0125 87  GLN A CB  
651 C  CG  . GLN A 87 ? 0.2111 0.2677 0.1851 -0.0107 -0.0130 -0.0143 87  GLN A CG  
652 C  CD  . GLN A 87 ? 0.2108 0.3507 0.2325 -0.0561 0.0149  -0.0539 87  GLN A CD  
653 O  OE1 . GLN A 87 ? 0.2197 0.3720 0.4403 -0.0415 0.1568  -0.1080 87  GLN A OE1 
654 N  NE2 . GLN A 87 ? 0.3610 0.2988 0.2204 -0.0176 0.0323  0.0570  87  GLN A NE2 
655 N  N   . GLY A 88 ? 0.1842 0.1619 0.1363 -0.0217 -0.0286 -0.0051 88  GLY A N   
656 C  CA  . GLY A 88 ? 0.1604 0.1676 0.1221 -0.0584 0.0002  -0.0117 88  GLY A CA  
657 C  C   . GLY A 88 ? 0.2239 0.1933 0.1631 -0.0100 0.0038  0.0641  88  GLY A C   
658 O  O   . GLY A 88 ? 0.2151 0.2850 0.2327 -0.0813 -0.0114 0.0021  88  GLY A O   
659 O  OXT . GLY A 88 ? 0.2859 0.2148 0.2159 -0.0473 -0.0239 -0.0026 88  GLY A OXT 
660 FE FE  . HEC B .  ? 0.1150 0.0934 0.1373 -0.0090 0.0066  -0.0079 101 HEC A FE  
661 C  CHA . HEC B .  ? 0.1079 0.0693 0.1244 0.0035  -0.0073 -0.0176 101 HEC A CHA 
662 C  CHB . HEC B .  ? 0.1301 0.0592 0.1156 -0.0029 0.0058  -0.0156 101 HEC A CHB 
663 C  CHC . HEC B .  ? 0.1195 0.1205 0.1440 0.0026  0.0098  -0.0165 101 HEC A CHC 
664 C  CHD . HEC B .  ? 0.1445 0.0897 0.1274 -0.0093 -0.0018 -0.0001 101 HEC A CHD 
665 N  NA  . HEC B .  ? 0.1177 0.0815 0.1064 0.0009  0.0118  -0.0128 101 HEC A NA  
666 C  C1A . HEC B .  ? 0.0960 0.0807 0.1109 0.0087  0.0043  -0.0081 101 HEC A C1A 
667 C  C2A . HEC B .  ? 0.1502 0.0696 0.1179 -0.0011 0.0053  -0.0084 101 HEC A C2A 
668 C  C3A . HEC B .  ? 0.0982 0.0920 0.0970 -0.0115 -0.0048 0.0022  101 HEC A C3A 
669 C  C4A . HEC B .  ? 0.0981 0.0798 0.1077 -0.0052 0.0026  -0.0047 101 HEC A C4A 
670 C  CMA . HEC B .  ? 0.1148 0.1038 0.1361 0.0026  -0.0174 0.0127  101 HEC A CMA 
671 C  CAA . HEC B .  ? 0.1122 0.0666 0.1315 -0.0150 0.0006  0.0215  101 HEC A CAA 
672 C  CBA . HEC B .  ? 0.1219 0.1006 0.1452 -0.0327 0.0034  -0.0076 101 HEC A CBA 
673 C  CGA . HEC B .  ? 0.1140 0.1702 0.1682 -0.0080 0.0219  0.0155  101 HEC A CGA 
674 O  O1A . HEC B .  ? 0.1823 0.2716 0.1505 -0.0623 0.0048  -0.0254 101 HEC A O1A 
675 O  O2A . HEC B .  ? 0.1323 0.1847 0.1454 -0.0514 0.0210  -0.0091 101 HEC A O2A 
676 N  NB  . HEC B .  ? 0.0744 0.0926 0.1450 -0.0073 0.0082  -0.0202 101 HEC A NB  
677 C  C1B . HEC B .  ? 0.0759 0.0937 0.1101 0.0026  -0.0030 -0.0009 101 HEC A C1B 
678 C  C2B . HEC B .  ? 0.0641 0.1029 0.1220 -0.0032 0.0136  0.0039  101 HEC A C2B 
679 C  C3B . HEC B .  ? 0.1126 0.0999 0.1017 -0.0091 0.0005  -0.0054 101 HEC A C3B 
680 C  C4B . HEC B .  ? 0.1212 0.1223 0.1306 0.0083  0.0041  -0.0122 101 HEC A C4B 
681 C  CMB . HEC B .  ? 0.1007 0.1212 0.1323 0.0058  0.0219  -0.0279 101 HEC A CMB 
682 C  CAB . HEC B .  ? 0.0967 0.1183 0.1251 -0.0125 0.0308  0.0196  101 HEC A CAB 
683 C  CBB . HEC B .  ? 0.1036 0.1252 0.1313 0.0031  0.0244  -0.0074 101 HEC A CBB 
684 N  NC  . HEC B .  ? 0.1411 0.0695 0.1275 -0.0252 0.0077  -0.0202 101 HEC A NC  
685 C  C1C . HEC B .  ? 0.1082 0.0975 0.1304 -0.0113 -0.0085 -0.0192 101 HEC A C1C 
686 C  C2C . HEC B .  ? 0.1556 0.1062 0.1558 -0.0164 0.0190  0.0284  101 HEC A C2C 
687 C  C3C . HEC B .  ? 0.1671 0.1012 0.1405 -0.0048 0.0157  0.0182  101 HEC A C3C 
688 C  C4C . HEC B .  ? 0.1541 0.0839 0.1271 0.0032  -0.0010 -0.0066 101 HEC A C4C 
689 C  CMC . HEC B .  ? 0.1863 0.1288 0.1701 0.0186  0.0386  0.0438  101 HEC A CMC 
690 C  CAC . HEC B .  ? 0.2237 0.1239 0.1827 0.0194  0.0068  0.0339  101 HEC A CAC 
691 C  CBC . HEC B .  ? 0.3015 0.0764 0.2309 0.0418  0.0508  0.0302  101 HEC A CBC 
692 N  ND  . HEC B .  ? 0.1282 0.0967 0.1364 0.0046  0.0190  0.0085  101 HEC A ND  
693 C  C1D . HEC B .  ? 0.1226 0.0909 0.1156 -0.0020 0.0238  0.0004  101 HEC A C1D 
694 C  C2D . HEC B .  ? 0.1447 0.1268 0.1300 0.0043  0.0220  -0.0162 101 HEC A C2D 
695 C  C3D . HEC B .  ? 0.1390 0.1386 0.1437 -0.0059 0.0147  -0.0111 101 HEC A C3D 
696 C  C4D . HEC B .  ? 0.1197 0.0811 0.1451 -0.0008 -0.0006 0.0055  101 HEC A C4D 
697 C  CMD . HEC B .  ? 0.1514 0.1161 0.1655 -0.0041 0.0321  -0.0133 101 HEC A CMD 
698 C  CAD . HEC B .  ? 0.1302 0.1043 0.1454 -0.0108 0.0247  -0.0197 101 HEC A CAD 
699 C  CBD . HEC B .  ? 0.1772 0.1559 0.1696 -0.0490 0.0081  0.0158  101 HEC A CBD 
700 C  CGD . HEC B .  ? 0.2297 0.1790 0.1533 -0.0331 -0.0396 0.0262  101 HEC A CGD 
701 O  O1D . HEC B .  ? 0.2864 0.1945 0.1920 -0.0291 0.0514  -0.0071 101 HEC A O1D 
702 O  O2D . HEC B .  ? 0.3556 0.1596 0.2105 -0.0560 -0.0342 0.0179  101 HEC A O2D 
703 NA NA  . NA  C .  ? 0.2000 0.1525 0.1336 -0.0502 -0.0335 0.0091  102 NA  A NA  
704 O  O   . HOH D .  ? 0.1539 0.1699 0.1306 -0.0265 -0.0205 0.0035  201 HOH A O   
705 O  O   . HOH D .  ? 0.1730 0.1768 0.1832 -0.0663 -0.0308 -0.0012 202 HOH A O   
706 O  O   . HOH D .  ? 0.2003 0.1971 0.2034 -0.0432 -0.0174 0.0120  203 HOH A O   
707 O  O   . HOH D .  ? 0.1819 0.1676 0.2284 0.0018  0.0092  0.0345  204 HOH A O   
708 O  O   . HOH D .  ? 0.2006 0.1499 0.2034 0.0053  0.0255  0.0126  205 HOH A O   
709 O  O   . HOH D .  ? 0.2555 0.1946 0.2086 -0.0384 -0.0183 -0.0314 206 HOH A O   
710 O  O   . HOH D .  ? 0.2622 0.1972 0.1914 -0.0411 -0.0339 0.0466  207 HOH A O   
711 O  O   . HOH D .  ? 0.2350 0.2344 0.2961 0.0720  0.0088  0.0180  208 HOH A O   
712 O  O   . HOH D .  ? 0.4432 0.2801 0.2118 -0.0738 -0.0225 0.0671  209 HOH A O   
713 O  O   . HOH D .  ? 0.1966 0.2808 0.2670 -0.0003 0.0117  -0.0066 210 HOH A O   
714 O  O   . HOH D .  ? 0.1785 0.2664 0.2892 0.0132  0.0155  -0.0597 211 HOH A O   
715 O  O   . HOH D .  ? 0.2402 0.2020 0.3760 0.0344  0.0327  -0.0012 212 HOH A O   
716 O  O   . HOH D .  ? 0.3453 0.2094 0.1847 0.0615  0.0270  -0.0084 213 HOH A O   
717 O  O   . HOH D .  ? 0.2997 0.2380 0.2858 -0.0415 -0.0207 0.0699  214 HOH A O   
718 O  O   . HOH D .  ? 0.2174 0.2818 0.2560 -0.0792 0.0150  -0.0500 215 HOH A O   
719 O  O   . HOH D .  ? 0.2832 0.5959 0.1419 -0.0336 -0.0637 -0.0660 216 HOH A O   
720 O  O   . HOH D .  ? 0.2523 0.3123 0.2347 -0.0968 0.0170  0.0626  217 HOH A O   
721 O  O   A HOH D .  ? 0.1773 0.3093 0.2132 -0.1125 -0.0125 -0.0191 218 HOH A O   
722 O  O   B HOH D .  ? 0.2433 0.1471 0.2697 -0.0736 0.1689  -0.0256 218 HOH A O   
723 O  O   . HOH D .  ? 0.2475 0.2668 0.2384 -0.0954 0.0329  -0.0724 219 HOH A O   
724 O  O   . HOH D .  ? 0.1132 0.2528 0.4908 0.0447  -0.0801 -0.1146 220 HOH A O   
725 O  O   . HOH D .  ? 0.1415 0.3817 0.4333 -0.0608 -0.0143 -0.0712 221 HOH A O   
726 O  O   . HOH D .  ? 0.2412 0.4392 0.3834 -0.0104 0.0044  0.2017  222 HOH A O   
727 O  O   . HOH D .  ? 0.2670 0.3986 0.2821 0.0517  -0.0755 0.0469  223 HOH A O   
728 O  O   . HOH D .  ? 0.3029 0.2367 0.2033 0.0268  -0.0432 -0.0075 224 HOH A O   
729 O  O   . HOH D .  ? 0.2357 0.2639 0.2513 -0.0283 -0.0130 -0.0157 225 HOH A O   
730 O  O   . HOH D .  ? 0.3309 0.3309 0.1260 0.0079  0.0062  0.0167  226 HOH A O   
731 O  O   A HOH D .  ? 0.2024 0.1581 0.2244 0.0064  0.1125  -0.0401 227 HOH A O   
732 O  O   B HOH D .  ? 0.1798 0.3807 0.1650 0.1280  0.1010  0.0093  227 HOH A O   
733 O  O   . HOH D .  ? 0.1489 0.4905 0.3187 -0.0476 -0.0466 0.0441  228 HOH A O   
734 O  O   . HOH D .  ? 0.4526 0.2198 0.2536 -0.0289 -0.1067 -0.0076 229 HOH A O   
735 O  O   . HOH D .  ? 0.2705 0.3603 0.2104 -0.0610 -0.0300 0.0180  230 HOH A O   
736 O  O   . HOH D .  ? 0.3483 0.2389 0.2805 0.0781  -0.0827 -0.0412 231 HOH A O   
737 O  O   . HOH D .  ? 0.2843 0.3207 0.2862 0.1129  0.0280  0.0172  232 HOH A O   
738 O  O   . HOH D .  ? 0.3293 0.2375 0.2805 0.0011  -0.1105 -0.0296 233 HOH A O   
739 O  O   . HOH D .  ? 0.4131 0.2756 0.2254 0.1956  -0.1381 -0.0127 234 HOH A O   
740 O  O   A HOH D .  ? 0.2239 0.1356 0.2605 -0.0111 -0.0127 0.0949  235 HOH A O   
741 O  O   B HOH D .  ? 0.2978 0.1042 0.2004 -0.0457 -0.0104 0.0386  235 HOH A O   
742 O  O   . HOH D .  ? 0.3404 0.3492 0.3084 0.0480  0.0733  0.0628  236 HOH A O   
743 O  O   . HOH D .  ? 0.4429 0.4280 0.2344 -0.0302 -0.0494 0.0466  237 HOH A O   
744 O  O   . HOH D .  ? 0.4359 0.1679 0.2042 -0.0135 -0.0197 0.0064  238 HOH A O   
745 O  O   . HOH D .  ? 0.3733 0.3082 0.3640 -0.0164 0.0974  0.0698  239 HOH A O   
746 O  O   A HOH D .  ? 0.1263 0.1666 0.3190 0.0083  -0.0506 -0.0083 240 HOH A O   
747 O  O   B HOH D .  ? 0.1226 0.1834 0.1224 -0.0616 -0.0069 -0.0401 240 HOH A O   
748 O  O   . HOH D .  ? 0.3390 0.2776 0.2754 -0.0464 -0.0780 -0.0101 241 HOH A O   
749 O  O   . HOH D .  ? 0.3923 0.1734 0.5127 -0.0358 -0.1684 0.0980  242 HOH A O   
750 O  O   . HOH D .  ? 0.4258 0.2873 0.3362 0.0105  -0.0069 0.0100  243 HOH A O   
751 O  O   . HOH D .  ? 0.1940 0.1005 0.5007 -0.0254 0.1568  -0.0720 244 HOH A O   
752 O  O   A HOH D .  ? 0.3133 0.1917 0.2615 0.0084  0.0477  -0.0221 245 HOH A O   
753 O  O   B HOH D .  ? 0.0778 0.2245 0.3049 -0.0329 -0.0045 -0.0455 245 HOH A O   
754 O  O   . HOH D .  ? 0.2353 0.3707 0.3121 -0.0087 0.0619  -0.0512 246 HOH A O   
755 O  O   . HOH D .  ? 0.2171 0.2003 0.3911 -0.0114 -0.0591 -0.1386 247 HOH A O   
756 O  O   . HOH D .  ? 0.1717 0.5141 0.2780 -0.0565 -0.0224 -0.0811 248 HOH A O   
757 O  O   . HOH D .  ? 0.3074 0.2641 0.2525 0.0801  -0.0815 -0.0136 249 HOH A O   
758 O  O   . HOH D .  ? 0.4666 0.2845 0.3152 -0.0522 -0.1269 0.1439  250 HOH A O   
759 O  O   . HOH D .  ? 0.1996 0.2992 0.3792 0.0692  0.0191  -0.0993 251 HOH A O   
760 O  O   . HOH D .  ? 0.1088 0.2716 0.5784 -0.0805 -0.0243 0.0937  252 HOH A O   
761 O  O   . HOH D .  ? 0.1762 0.4258 0.3675 0.0640  0.0404  0.1405  253 HOH A O   
762 O  O   . HOH D .  ? 0.1526 0.3108 0.4652 0.0139  0.1081  0.0312  254 HOH A O   
763 O  O   . HOH D .  ? 0.5883 0.2022 0.0977 -0.0382 -0.0021 0.0001  255 HOH A O   
764 O  O   . HOH D .  ? 0.4210 0.2843 0.3929 0.0638  0.2182  0.1552  256 HOH A O   
765 O  O   . HOH D .  ? 0.5476 0.3402 0.2515 -0.1591 -0.2466 0.1833  257 HOH A O   
766 O  O   . HOH D .  ? 0.2989 0.2908 0.2360 0.0425  -0.0668 -0.0769 258 HOH A O   
767 O  O   . HOH D .  ? 0.2233 0.4637 0.1675 -0.0333 0.0987  -0.1492 259 HOH A O   
768 O  O   . HOH D .  ? 0.4210 0.0775 0.4417 0.0096  0.0980  0.0483  260 HOH A O   
769 O  O   . HOH D .  ? 0.2200 0.3527 0.4988 0.0666  0.0548  0.0691  261 HOH A O   
770 O  O   . HOH D .  ? 0.2036 0.2077 0.3545 -0.0948 -0.0360 0.0875  262 HOH A O   
771 O  O   . HOH D .  ? 0.2072 0.3431 0.3474 -0.0117 0.0254  -0.0048 263 HOH A O   
772 O  O   . HOH D .  ? 0.5009 0.1725 0.3246 -0.0091 0.0613  -0.0195 264 HOH A O   
773 O  O   . HOH D .  ? 0.2087 0.4648 0.1393 -0.1447 -0.0644 0.0142  265 HOH A O   
774 O  O   . HOH D .  ? 0.2937 0.2796 0.3215 0.0443  0.0374  0.0011  266 HOH A O   
775 O  O   . HOH D .  ? 0.2839 0.1440 0.2259 -0.0888 0.0278  -0.0281 267 HOH A O   
776 O  O   . HOH D .  ? 0.2355 0.1975 0.3428 -0.0371 0.0605  0.0126  268 HOH A O   
777 O  O   A HOH D .  ? 0.2489 0.0982 0.3089 -0.0304 -0.0155 0.0338  269 HOH A O   
778 O  O   B HOH D .  ? 0.3567 0.2697 0.2619 0.1024  0.0034  0.1064  269 HOH A O   
779 O  O   . HOH D .  ? 0.2569 0.2474 0.3753 -0.0673 0.0478  -0.1034 270 HOH A O   
780 O  O   . HOH D .  ? 0.3493 0.2214 0.2602 -0.1026 0.0658  -0.0933 271 HOH A O   
781 O  O   . HOH D .  ? 0.4774 0.1582 0.2277 0.1391  -0.1636 -0.0250 272 HOH A O   
782 O  O   . HOH D .  ? 0.3857 0.3438 0.1936 0.1125  -0.1438 -0.1427 273 HOH A O   
783 O  O   . HOH D .  ? 0.3098 0.3231 0.4200 -0.0300 0.0647  -0.1536 274 HOH A O   
784 O  O   . HOH D .  ? 0.2663 0.1821 0.4982 0.0658  0.1629  0.0109  275 HOH A O   
785 O  O   . HOH D .  ? 0.3157 0.2515 0.3418 0.0387  0.0015  -0.0568 276 HOH A O   
786 O  O   . HOH D .  ? 0.2612 0.2355 0.2182 0.1437  0.0042  0.0322  277 HOH A O   
787 O  O   . HOH D .  ? 0.2464 0.1787 0.3298 0.0370  0.1053  0.0140  278 HOH A O   
788 O  O   . HOH D .  ? 0.2846 0.2766 0.4766 0.0932  0.0160  0.1639  279 HOH A O   
789 O  O   . HOH D .  ? 0.2880 0.2287 0.2541 0.0735  -0.0084 -0.0316 280 HOH A O   
790 O  O   . HOH D .  ? 0.2340 0.2122 0.2392 -0.0509 -0.0880 0.0282  281 HOH A O   
791 O  O   . HOH D .  ? 0.3251 0.3436 0.3343 -0.0274 -0.1139 0.0609  282 HOH A O   
792 O  O   . HOH D .  ? 0.3490 0.4796 0.5630 0.3143  -0.1821 -0.2099 283 HOH A O   
793 O  O   . HOH D .  ? 0.4123 0.3260 0.4650 0.0256  0.1251  0.1377  284 HOH A O   
794 O  O   . HOH D .  ? 0.2363 0.4030 0.3116 0.0879  -0.1568 -0.1030 285 HOH A O   
795 O  O   . HOH D .  ? 0.3627 0.4986 0.0933 0.1350  -0.0578 0.0086  286 HOH A O   
796 O  O   . HOH D .  ? 0.1504 0.4111 0.3202 0.1143  0.0561  0.1556  287 HOH A O   
797 O  O   . HOH D .  ? 0.1141 0.5159 0.2895 0.1153  0.1029  0.1490  288 HOH A O   
798 O  O   . HOH D .  ? 0.1343 0.1417 0.5286 0.0065  -0.0259 0.0553  289 HOH A O   
799 O  O   . HOH D .  ? 0.2991 0.2882 0.4175 0.0365  0.1497  0.0851  290 HOH A O   
800 O  O   . HOH D .  ? 0.2005 0.2901 0.5143 -0.0219 -0.0818 -0.1106 291 HOH A O   
801 O  O   . HOH D .  ? 0.2387 0.2336 0.4104 -0.0390 -0.0141 0.0037  292 HOH A O   
802 O  O   . HOH D .  ? 0.3970 0.5689 0.1940 -0.2122 -0.1261 0.2180  293 HOH A O   
803 O  O   . HOH D .  ? 0.2499 0.1803 0.3383 0.0532  -0.0276 0.0916  294 HOH A O   
804 O  O   . HOH D .  ? 0.1629 0.1715 0.4899 -0.0407 -0.0579 -0.0795 295 HOH A O   
# 
